data_6LXR
# 
_entry.id   6LXR 
# 
_audit_conform.dict_name       mmcif_pdbx.dic 
_audit_conform.dict_version    5.380 
_audit_conform.dict_location   http://mmcif.pdb.org/dictionaries/ascii/mmcif_pdbx.dic 
# 
loop_
_database_2.database_id 
_database_2.database_code 
_database_2.pdbx_database_accession 
_database_2.pdbx_DOI 
PDB   6LXR         pdb_00006lxr 10.2210/pdb6lxr/pdb 
WWPDB D_1300014877 ?            ?                   
# 
_pdbx_database_status.status_code                     REL 
_pdbx_database_status.status_code_sf                  REL 
_pdbx_database_status.status_code_mr                  ? 
_pdbx_database_status.entry_id                        6LXR 
_pdbx_database_status.recvd_initial_deposition_date   2020-02-11 
_pdbx_database_status.SG_entry                        N 
_pdbx_database_status.deposit_site                    PDBJ 
_pdbx_database_status.process_site                    PDBJ 
_pdbx_database_status.status_code_cs                  ? 
_pdbx_database_status.status_code_nmr_data            ? 
_pdbx_database_status.methods_development_category    ? 
_pdbx_database_status.pdb_format_compatible           Y 
# 
loop_
_audit_author.name 
_audit_author.pdbx_ordinal 
_audit_author.identifier_ORCID 
'Aryal, S.' 1 ?                   
'Chen, C.'  2 ?                   
'Hsu, C.H.' 3 0000-0002-0008-7383 
# 
_citation.abstract                  ? 
_citation.abstract_id_CAS           ? 
_citation.book_id_ISBN              ? 
_citation.book_publisher            ? 
_citation.book_publisher_city       ? 
_citation.book_title                ? 
_citation.coordinate_linkage        ? 
_citation.country                   CH 
_citation.database_id_Medline       ? 
_citation.details                   ? 
_citation.id                        primary 
_citation.journal_abbrev            Biomolecules 
_citation.journal_id_ASTM           ? 
_citation.journal_id_CSD            ? 
_citation.journal_id_ISSN           2218-273X 
_citation.journal_full              ? 
_citation.journal_issue             ? 
_citation.journal_volume            10 
_citation.language                  ? 
_citation.page_first                ? 
_citation.page_last                 ? 
_citation.title                     
;N-Terminal Segment of TvCyP2 Cyclophilin fromTrichomonas vaginalisIs Involved in Self-Association, Membrane Interaction, and Subcellular Localization.
;
_citation.year                      2020 
_citation.database_id_CSD           ? 
_citation.pdbx_database_id_DOI      10.3390/biom10091239 
_citation.pdbx_database_id_PubMed   32859063 
_citation.unpublished_flag          ? 
# 
loop_
_citation_author.citation_id 
_citation_author.name 
_citation_author.ordinal 
_citation_author.identifier_ORCID 
primary 'Aryal, S.' 1 ?                   
primary 'Hsu, H.M.' 2 ?                   
primary 'Lou, Y.C.' 3 ?                   
primary 'Chu, C.H.' 4 ?                   
primary 'Tai, J.H.' 5 ?                   
primary 'Hsu, C.H.' 6 0000-0002-0008-7383 
primary 'Chen, C.'  7 ?                   
# 
_cell.angle_alpha                  90.000 
_cell.angle_alpha_esd              ? 
_cell.angle_beta                   90.000 
_cell.angle_beta_esd               ? 
_cell.angle_gamma                  90.000 
_cell.angle_gamma_esd              ? 
_cell.entry_id                     6LXR 
_cell.details                      ? 
_cell.formula_units_Z              ? 
_cell.length_a                     52.079 
_cell.length_a_esd                 ? 
_cell.length_b                     54.539 
_cell.length_b_esd                 ? 
_cell.length_c                     59.671 
_cell.length_c_esd                 ? 
_cell.volume                       169485.724 
_cell.volume_esd                   ? 
_cell.Z_PDB                        4 
_cell.reciprocal_angle_alpha       ? 
_cell.reciprocal_angle_beta        ? 
_cell.reciprocal_angle_gamma       ? 
_cell.reciprocal_angle_alpha_esd   ? 
_cell.reciprocal_angle_beta_esd    ? 
_cell.reciprocal_angle_gamma_esd   ? 
_cell.reciprocal_length_a          ? 
_cell.reciprocal_length_b          ? 
_cell.reciprocal_length_c          ? 
_cell.reciprocal_length_a_esd      ? 
_cell.reciprocal_length_b_esd      ? 
_cell.reciprocal_length_c_esd      ? 
_cell.pdbx_unique_axis             ? 
# 
_symmetry.entry_id                         6LXR 
_symmetry.cell_setting                     ? 
_symmetry.Int_Tables_number                19 
_symmetry.space_group_name_Hall            'P 2ac 2ab' 
_symmetry.space_group_name_H-M             'P 21 21 21' 
_symmetry.pdbx_full_space_group_name_H-M   ? 
# 
loop_
_entity.id 
_entity.type 
_entity.src_method 
_entity.pdbx_description 
_entity.formula_weight 
_entity.pdbx_number_of_molecules 
_entity.pdbx_ec 
_entity.pdbx_mutation 
_entity.pdbx_fragment 
_entity.details 
1 polymer man 'Peptidyl-prolyl cis-trans isomerase' 20149.186 1  5.2.1.8 ? ? ? 
2 water   nat water                                 18.015    22 ?       ? ? ? 
# 
_entity_name_com.entity_id   1 
_entity_name_com.name        'Cyclophilin A protein, PPIase' 
# 
_entity_poly.entity_id                      1 
_entity_poly.type                           'polypeptide(L)' 
_entity_poly.nstd_linkage                   no 
_entity_poly.nstd_monomer                   no 
_entity_poly.pdbx_seq_one_letter_code       
;MLAFFATRVISAPKVTKKVFFKISINGEDAGTIKFGLFGDDVPKTAENFRALCTGEKGMGKLGKPLHYKGSPFHRVIPNF
MIQGGDITSGNGYGGESIYGSKFADESFKITHDGPGLLSMANSGPNTNGSQFFITTVPCPWLNGKHVVFGKVIEGMEIVK
KIESLGSQSGTPKAKIIIADCGEITELE
;
_entity_poly.pdbx_seq_one_letter_code_can   
;MLAFFATRVISAPKVTKKVFFKISINGEDAGTIKFGLFGDDVPKTAENFRALCTGEKGMGKLGKPLHYKGSPFHRVIPNF
MIQGGDITSGNGYGGESIYGSKFADESFKITHDGPGLLSMANSGPNTNGSQFFITTVPCPWLNGKHVVFGKVIEGMEIVK
KIESLGSQSGTPKAKIIIADCGEITELE
;
_entity_poly.pdbx_strand_id                 A 
_entity_poly.pdbx_target_identifier         ? 
# 
loop_
_entity_poly_seq.entity_id 
_entity_poly_seq.num 
_entity_poly_seq.mon_id 
_entity_poly_seq.hetero 
1 1   MET n 
1 2   LEU n 
1 3   ALA n 
1 4   PHE n 
1 5   PHE n 
1 6   ALA n 
1 7   THR n 
1 8   ARG n 
1 9   VAL n 
1 10  ILE n 
1 11  SER n 
1 12  ALA n 
1 13  PRO n 
1 14  LYS n 
1 15  VAL n 
1 16  THR n 
1 17  LYS n 
1 18  LYS n 
1 19  VAL n 
1 20  PHE n 
1 21  PHE n 
1 22  LYS n 
1 23  ILE n 
1 24  SER n 
1 25  ILE n 
1 26  ASN n 
1 27  GLY n 
1 28  GLU n 
1 29  ASP n 
1 30  ALA n 
1 31  GLY n 
1 32  THR n 
1 33  ILE n 
1 34  LYS n 
1 35  PHE n 
1 36  GLY n 
1 37  LEU n 
1 38  PHE n 
1 39  GLY n 
1 40  ASP n 
1 41  ASP n 
1 42  VAL n 
1 43  PRO n 
1 44  LYS n 
1 45  THR n 
1 46  ALA n 
1 47  GLU n 
1 48  ASN n 
1 49  PHE n 
1 50  ARG n 
1 51  ALA n 
1 52  LEU n 
1 53  CYS n 
1 54  THR n 
1 55  GLY n 
1 56  GLU n 
1 57  LYS n 
1 58  GLY n 
1 59  MET n 
1 60  GLY n 
1 61  LYS n 
1 62  LEU n 
1 63  GLY n 
1 64  LYS n 
1 65  PRO n 
1 66  LEU n 
1 67  HIS n 
1 68  TYR n 
1 69  LYS n 
1 70  GLY n 
1 71  SER n 
1 72  PRO n 
1 73  PHE n 
1 74  HIS n 
1 75  ARG n 
1 76  VAL n 
1 77  ILE n 
1 78  PRO n 
1 79  ASN n 
1 80  PHE n 
1 81  MET n 
1 82  ILE n 
1 83  GLN n 
1 84  GLY n 
1 85  GLY n 
1 86  ASP n 
1 87  ILE n 
1 88  THR n 
1 89  SER n 
1 90  GLY n 
1 91  ASN n 
1 92  GLY n 
1 93  TYR n 
1 94  GLY n 
1 95  GLY n 
1 96  GLU n 
1 97  SER n 
1 98  ILE n 
1 99  TYR n 
1 100 GLY n 
1 101 SER n 
1 102 LYS n 
1 103 PHE n 
1 104 ALA n 
1 105 ASP n 
1 106 GLU n 
1 107 SER n 
1 108 PHE n 
1 109 LYS n 
1 110 ILE n 
1 111 THR n 
1 112 HIS n 
1 113 ASP n 
1 114 GLY n 
1 115 PRO n 
1 116 GLY n 
1 117 LEU n 
1 118 LEU n 
1 119 SER n 
1 120 MET n 
1 121 ALA n 
1 122 ASN n 
1 123 SER n 
1 124 GLY n 
1 125 PRO n 
1 126 ASN n 
1 127 THR n 
1 128 ASN n 
1 129 GLY n 
1 130 SER n 
1 131 GLN n 
1 132 PHE n 
1 133 PHE n 
1 134 ILE n 
1 135 THR n 
1 136 THR n 
1 137 VAL n 
1 138 PRO n 
1 139 CYS n 
1 140 PRO n 
1 141 TRP n 
1 142 LEU n 
1 143 ASN n 
1 144 GLY n 
1 145 LYS n 
1 146 HIS n 
1 147 VAL n 
1 148 VAL n 
1 149 PHE n 
1 150 GLY n 
1 151 LYS n 
1 152 VAL n 
1 153 ILE n 
1 154 GLU n 
1 155 GLY n 
1 156 MET n 
1 157 GLU n 
1 158 ILE n 
1 159 VAL n 
1 160 LYS n 
1 161 LYS n 
1 162 ILE n 
1 163 GLU n 
1 164 SER n 
1 165 LEU n 
1 166 GLY n 
1 167 SER n 
1 168 GLN n 
1 169 SER n 
1 170 GLY n 
1 171 THR n 
1 172 PRO n 
1 173 LYS n 
1 174 ALA n 
1 175 LYS n 
1 176 ILE n 
1 177 ILE n 
1 178 ILE n 
1 179 ALA n 
1 180 ASP n 
1 181 CYS n 
1 182 GLY n 
1 183 GLU n 
1 184 ILE n 
1 185 THR n 
1 186 GLU n 
1 187 LEU n 
1 188 GLU n 
# 
_entity_src_gen.entity_id                          1 
_entity_src_gen.pdbx_src_id                        1 
_entity_src_gen.pdbx_alt_source_flag               sample 
_entity_src_gen.pdbx_seq_type                      'Biological sequence' 
_entity_src_gen.pdbx_beg_seq_num                   1 
_entity_src_gen.pdbx_end_seq_num                   188 
_entity_src_gen.gene_src_common_name               ? 
_entity_src_gen.gene_src_genus                     ? 
_entity_src_gen.pdbx_gene_src_gene                 TVAG_062520 
_entity_src_gen.gene_src_species                   ? 
_entity_src_gen.gene_src_strain                    ? 
_entity_src_gen.gene_src_tissue                    ? 
_entity_src_gen.gene_src_tissue_fraction           ? 
_entity_src_gen.gene_src_details                   ? 
_entity_src_gen.pdbx_gene_src_fragment             ? 
_entity_src_gen.pdbx_gene_src_scientific_name      'Trichomonas vaginalis' 
_entity_src_gen.pdbx_gene_src_ncbi_taxonomy_id     5722 
_entity_src_gen.pdbx_gene_src_variant              ? 
_entity_src_gen.pdbx_gene_src_cell_line            ? 
_entity_src_gen.pdbx_gene_src_atcc                 ? 
_entity_src_gen.pdbx_gene_src_organ                ? 
_entity_src_gen.pdbx_gene_src_organelle            ? 
_entity_src_gen.pdbx_gene_src_cell                 ? 
_entity_src_gen.pdbx_gene_src_cellular_location    ? 
_entity_src_gen.host_org_common_name               ? 
_entity_src_gen.pdbx_host_org_scientific_name      'Escherichia coli' 
_entity_src_gen.pdbx_host_org_ncbi_taxonomy_id     562 
_entity_src_gen.host_org_genus                     ? 
_entity_src_gen.pdbx_host_org_gene                 ? 
_entity_src_gen.pdbx_host_org_organ                ? 
_entity_src_gen.host_org_species                   ? 
_entity_src_gen.pdbx_host_org_tissue               ? 
_entity_src_gen.pdbx_host_org_tissue_fraction      ? 
_entity_src_gen.pdbx_host_org_strain               ? 
_entity_src_gen.pdbx_host_org_variant              ? 
_entity_src_gen.pdbx_host_org_cell_line            ? 
_entity_src_gen.pdbx_host_org_atcc                 ? 
_entity_src_gen.pdbx_host_org_culture_collection   ? 
_entity_src_gen.pdbx_host_org_cell                 ? 
_entity_src_gen.pdbx_host_org_organelle            ? 
_entity_src_gen.pdbx_host_org_cellular_location    ? 
_entity_src_gen.pdbx_host_org_vector_type          ? 
_entity_src_gen.pdbx_host_org_vector               ? 
_entity_src_gen.host_org_details                   ? 
_entity_src_gen.expression_system_id               ? 
_entity_src_gen.plasmid_name                       ? 
_entity_src_gen.plasmid_details                    ? 
_entity_src_gen.pdbx_description                   ? 
# 
_struct_ref.id                         1 
_struct_ref.db_name                    UNP 
_struct_ref.db_code                    A2DLL4_TRIVA 
_struct_ref.pdbx_db_accession          A2DLL4 
_struct_ref.pdbx_db_isoform            ? 
_struct_ref.entity_id                  1 
_struct_ref.pdbx_seq_one_letter_code   
;MLAFFATRVISAPKVTKKVFFKISINGEDAGTIKFGLFGDDVPKTAENFRALCTGEKGMGKLGKPLHYKGSPFHRVIPNF
MIQGGDITSGNGYGGESIYGSKFADESFKITHDGPGLLSMANSGPNTNGSQFFITTVPCPWLNGKHVVFGKVIEGMEIVK
KIESLGSQSGTPKAKIIIADCGEITE
;
_struct_ref.pdbx_align_begin           1 
# 
_struct_ref_seq.align_id                      1 
_struct_ref_seq.ref_id                        1 
_struct_ref_seq.pdbx_PDB_id_code              6LXR 
_struct_ref_seq.pdbx_strand_id                A 
_struct_ref_seq.seq_align_beg                 1 
_struct_ref_seq.pdbx_seq_align_beg_ins_code   ? 
_struct_ref_seq.seq_align_end                 186 
_struct_ref_seq.pdbx_seq_align_end_ins_code   ? 
_struct_ref_seq.pdbx_db_accession             A2DLL4 
_struct_ref_seq.db_align_beg                  1 
_struct_ref_seq.pdbx_db_align_beg_ins_code    ? 
_struct_ref_seq.db_align_end                  186 
_struct_ref_seq.pdbx_db_align_end_ins_code    ? 
_struct_ref_seq.pdbx_auth_seq_align_beg       1 
_struct_ref_seq.pdbx_auth_seq_align_end       186 
# 
loop_
_struct_ref_seq_dif.align_id 
_struct_ref_seq_dif.pdbx_pdb_id_code 
_struct_ref_seq_dif.mon_id 
_struct_ref_seq_dif.pdbx_pdb_strand_id 
_struct_ref_seq_dif.seq_num 
_struct_ref_seq_dif.pdbx_pdb_ins_code 
_struct_ref_seq_dif.pdbx_seq_db_name 
_struct_ref_seq_dif.pdbx_seq_db_accession_code 
_struct_ref_seq_dif.db_mon_id 
_struct_ref_seq_dif.pdbx_seq_db_seq_num 
_struct_ref_seq_dif.details 
_struct_ref_seq_dif.pdbx_auth_seq_num 
_struct_ref_seq_dif.pdbx_ordinal 
1 6LXR LEU A 187 ? UNP A2DLL4 ? ? 'expression tag' 187 1 
1 6LXR GLU A 188 ? UNP A2DLL4 ? ? 'expression tag' 188 2 
# 
loop_
_chem_comp.id 
_chem_comp.type 
_chem_comp.mon_nstd_flag 
_chem_comp.name 
_chem_comp.pdbx_synonyms 
_chem_comp.formula 
_chem_comp.formula_weight 
ALA 'L-peptide linking' y ALANINE         ? 'C3 H7 N O2'     89.093  
ARG 'L-peptide linking' y ARGININE        ? 'C6 H15 N4 O2 1' 175.209 
ASN 'L-peptide linking' y ASPARAGINE      ? 'C4 H8 N2 O3'    132.118 
ASP 'L-peptide linking' y 'ASPARTIC ACID' ? 'C4 H7 N O4'     133.103 
CYS 'L-peptide linking' y CYSTEINE        ? 'C3 H7 N O2 S'   121.158 
GLN 'L-peptide linking' y GLUTAMINE       ? 'C5 H10 N2 O3'   146.144 
GLU 'L-peptide linking' y 'GLUTAMIC ACID' ? 'C5 H9 N O4'     147.129 
GLY 'peptide linking'   y GLYCINE         ? 'C2 H5 N O2'     75.067  
HIS 'L-peptide linking' y HISTIDINE       ? 'C6 H10 N3 O2 1' 156.162 
HOH non-polymer         . WATER           ? 'H2 O'           18.015  
ILE 'L-peptide linking' y ISOLEUCINE      ? 'C6 H13 N O2'    131.173 
LEU 'L-peptide linking' y LEUCINE         ? 'C6 H13 N O2'    131.173 
LYS 'L-peptide linking' y LYSINE          ? 'C6 H15 N2 O2 1' 147.195 
MET 'L-peptide linking' y METHIONINE      ? 'C5 H11 N O2 S'  149.211 
PHE 'L-peptide linking' y PHENYLALANINE   ? 'C9 H11 N O2'    165.189 
PRO 'L-peptide linking' y PROLINE         ? 'C5 H9 N O2'     115.130 
SER 'L-peptide linking' y SERINE          ? 'C3 H7 N O3'     105.093 
THR 'L-peptide linking' y THREONINE       ? 'C4 H9 N O3'     119.119 
TRP 'L-peptide linking' y TRYPTOPHAN      ? 'C11 H12 N2 O2'  204.225 
TYR 'L-peptide linking' y TYROSINE        ? 'C9 H11 N O3'    181.189 
VAL 'L-peptide linking' y VALINE          ? 'C5 H11 N O2'    117.146 
# 
_exptl.absorpt_coefficient_mu     ? 
_exptl.absorpt_correction_T_max   ? 
_exptl.absorpt_correction_T_min   ? 
_exptl.absorpt_correction_type    ? 
_exptl.absorpt_process_details    ? 
_exptl.entry_id                   6LXR 
_exptl.crystals_number            1 
_exptl.details                    ? 
_exptl.method                     'X-RAY DIFFRACTION' 
_exptl.method_details             ? 
# 
_exptl_crystal.colour                      ? 
_exptl_crystal.density_diffrn              ? 
_exptl_crystal.density_Matthews            2.10 
_exptl_crystal.density_method              ? 
_exptl_crystal.density_percent_sol         41.51 
_exptl_crystal.description                 ? 
_exptl_crystal.F_000                       ? 
_exptl_crystal.id                          1 
_exptl_crystal.preparation                 ? 
_exptl_crystal.size_max                    ? 
_exptl_crystal.size_mid                    ? 
_exptl_crystal.size_min                    ? 
_exptl_crystal.size_rad                    ? 
_exptl_crystal.colour_lustre               ? 
_exptl_crystal.colour_modifier             ? 
_exptl_crystal.colour_primary              ? 
_exptl_crystal.density_meas                ? 
_exptl_crystal.density_meas_esd            ? 
_exptl_crystal.density_meas_gt             ? 
_exptl_crystal.density_meas_lt             ? 
_exptl_crystal.density_meas_temp           ? 
_exptl_crystal.density_meas_temp_esd       ? 
_exptl_crystal.density_meas_temp_gt        ? 
_exptl_crystal.density_meas_temp_lt        ? 
_exptl_crystal.pdbx_crystal_image_url      ? 
_exptl_crystal.pdbx_crystal_image_format   ? 
_exptl_crystal.pdbx_mosaicity              ? 
_exptl_crystal.pdbx_mosaicity_esd          ? 
# 
_exptl_crystal_grow.apparatus       ? 
_exptl_crystal_grow.atmosphere      ? 
_exptl_crystal_grow.crystal_id      1 
_exptl_crystal_grow.details         ? 
_exptl_crystal_grow.method          'VAPOR DIFFUSION, SITTING DROP' 
_exptl_crystal_grow.method_ref      ? 
_exptl_crystal_grow.pH              7.0 
_exptl_crystal_grow.pressure        ? 
_exptl_crystal_grow.pressure_esd    ? 
_exptl_crystal_grow.seeding         ? 
_exptl_crystal_grow.seeding_ref     ? 
_exptl_crystal_grow.temp            283 
_exptl_crystal_grow.temp_details    ? 
_exptl_crystal_grow.temp_esd        ? 
_exptl_crystal_grow.time            ? 
_exptl_crystal_grow.pdbx_details    '1.0 M Sodium citrate, 0.2 M Sodium chloride, 0.1 M Tris pH 7.0' 
_exptl_crystal_grow.pdbx_pH_range   ? 
# 
_diffrn.ambient_environment              ? 
_diffrn.ambient_temp                     100 
_diffrn.ambient_temp_details             ? 
_diffrn.ambient_temp_esd                 ? 
_diffrn.crystal_id                       1 
_diffrn.crystal_support                  ? 
_diffrn.crystal_treatment                ? 
_diffrn.details                          ? 
_diffrn.id                               1 
_diffrn.ambient_pressure                 ? 
_diffrn.ambient_pressure_esd             ? 
_diffrn.ambient_pressure_gt              ? 
_diffrn.ambient_pressure_lt              ? 
_diffrn.ambient_temp_gt                  ? 
_diffrn.ambient_temp_lt                  ? 
_diffrn.pdbx_serial_crystal_experiment   N 
# 
_diffrn_detector.details                      ? 
_diffrn_detector.detector                     CCD 
_diffrn_detector.diffrn_id                    1 
_diffrn_detector.type                         'ADSC QUANTUM 315r' 
_diffrn_detector.area_resol_mean              ? 
_diffrn_detector.dtime                        ? 
_diffrn_detector.pdbx_frames_total            ? 
_diffrn_detector.pdbx_collection_time_total   ? 
_diffrn_detector.pdbx_collection_date         2018-05-28 
_diffrn_detector.pdbx_frequency               ? 
# 
_diffrn_radiation.collimation                      ? 
_diffrn_radiation.diffrn_id                        1 
_diffrn_radiation.filter_edge                      ? 
_diffrn_radiation.inhomogeneity                    ? 
_diffrn_radiation.monochromator                    ? 
_diffrn_radiation.polarisn_norm                    ? 
_diffrn_radiation.polarisn_ratio                   ? 
_diffrn_radiation.probe                            ? 
_diffrn_radiation.type                             ? 
_diffrn_radiation.xray_symbol                      ? 
_diffrn_radiation.wavelength_id                    1 
_diffrn_radiation.pdbx_monochromatic_or_laue_m_l   M 
_diffrn_radiation.pdbx_wavelength_list             ? 
_diffrn_radiation.pdbx_wavelength                  ? 
_diffrn_radiation.pdbx_diffrn_protocol             'SINGLE WAVELENGTH' 
_diffrn_radiation.pdbx_analyzer                    ? 
_diffrn_radiation.pdbx_scattering_type             x-ray 
# 
_diffrn_radiation_wavelength.id           1 
_diffrn_radiation_wavelength.wavelength   0.97622 
_diffrn_radiation_wavelength.wt           1.0 
# 
_diffrn_source.current                     ? 
_diffrn_source.details                     ? 
_diffrn_source.diffrn_id                   1 
_diffrn_source.power                       ? 
_diffrn_source.size                        ? 
_diffrn_source.source                      SYNCHROTRON 
_diffrn_source.target                      ? 
_diffrn_source.type                        'NSRRC BEAMLINE BL13C1' 
_diffrn_source.voltage                     ? 
_diffrn_source.take-off_angle              ? 
_diffrn_source.pdbx_wavelength_list        0.97622 
_diffrn_source.pdbx_wavelength             ? 
_diffrn_source.pdbx_synchrotron_beamline   BL13C1 
_diffrn_source.pdbx_synchrotron_site       NSRRC 
# 
_reflns.B_iso_Wilson_estimate            36.61 
_reflns.entry_id                         6LXR 
_reflns.data_reduction_details           ? 
_reflns.data_reduction_method            ? 
_reflns.d_resolution_high                2.56 
_reflns.d_resolution_low                 26.17 
_reflns.details                          ? 
_reflns.limit_h_max                      ? 
_reflns.limit_h_min                      ? 
_reflns.limit_k_max                      ? 
_reflns.limit_k_min                      ? 
_reflns.limit_l_max                      ? 
_reflns.limit_l_min                      ? 
_reflns.number_all                       ? 
_reflns.number_obs                       5340 
_reflns.observed_criterion               ? 
_reflns.observed_criterion_F_max         ? 
_reflns.observed_criterion_F_min         ? 
_reflns.observed_criterion_I_max         ? 
_reflns.observed_criterion_I_min         ? 
_reflns.observed_criterion_sigma_F       ? 
_reflns.observed_criterion_sigma_I       ? 
_reflns.percent_possible_obs             99.9 
_reflns.R_free_details                   ? 
_reflns.Rmerge_F_all                     ? 
_reflns.Rmerge_F_obs                     ? 
_reflns.Friedel_coverage                 ? 
_reflns.number_gt                        ? 
_reflns.threshold_expression             ? 
_reflns.pdbx_redundancy                  6.6 
_reflns.pdbx_Rmerge_I_obs                ? 
_reflns.pdbx_Rmerge_I_all                ? 
_reflns.pdbx_Rsym_value                  ? 
_reflns.pdbx_netI_over_av_sigmaI         ? 
_reflns.pdbx_netI_over_sigmaI            18.5 
_reflns.pdbx_res_netI_over_av_sigmaI_2   ? 
_reflns.pdbx_res_netI_over_sigmaI_2      ? 
_reflns.pdbx_chi_squared                 ? 
_reflns.pdbx_scaling_rejects             ? 
_reflns.pdbx_d_res_high_opt              ? 
_reflns.pdbx_d_res_low_opt               ? 
_reflns.pdbx_d_res_opt_method            ? 
_reflns.phase_calculation_details        ? 
_reflns.pdbx_Rrim_I_all                  ? 
_reflns.pdbx_Rpim_I_all                  ? 
_reflns.pdbx_d_opt                       ? 
_reflns.pdbx_number_measured_all         ? 
_reflns.pdbx_diffrn_id                   1 
_reflns.pdbx_ordinal                     1 
_reflns.pdbx_CC_half                     0.978 
_reflns.pdbx_CC_star                     ? 
_reflns.pdbx_R_split                     ? 
# 
_reflns_shell.d_res_high                  2.561 
_reflns_shell.d_res_low                   2.653 
_reflns_shell.meanI_over_sigI_all         ? 
_reflns_shell.meanI_over_sigI_obs         3.2 
_reflns_shell.number_measured_all         ? 
_reflns_shell.number_measured_obs         ? 
_reflns_shell.number_possible             ? 
_reflns_shell.number_unique_all           ? 
_reflns_shell.number_unique_obs           293 
_reflns_shell.percent_possible_all        100.0 
_reflns_shell.percent_possible_obs        ? 
_reflns_shell.Rmerge_F_all                ? 
_reflns_shell.Rmerge_F_obs                ? 
_reflns_shell.Rmerge_I_all                ? 
_reflns_shell.Rmerge_I_obs                ? 
_reflns_shell.meanI_over_sigI_gt          ? 
_reflns_shell.meanI_over_uI_all           ? 
_reflns_shell.meanI_over_uI_gt            ? 
_reflns_shell.number_measured_gt          ? 
_reflns_shell.number_unique_gt            ? 
_reflns_shell.percent_possible_gt         ? 
_reflns_shell.Rmerge_F_gt                 ? 
_reflns_shell.Rmerge_I_gt                 ? 
_reflns_shell.pdbx_redundancy             ? 
_reflns_shell.pdbx_Rsym_value             ? 
_reflns_shell.pdbx_chi_squared            ? 
_reflns_shell.pdbx_netI_over_sigmaI_all   ? 
_reflns_shell.pdbx_netI_over_sigmaI_obs   ? 
_reflns_shell.pdbx_Rrim_I_all             ? 
_reflns_shell.pdbx_Rpim_I_all             ? 
_reflns_shell.pdbx_rejects                ? 
_reflns_shell.pdbx_ordinal                1 
_reflns_shell.pdbx_diffrn_id              1 
_reflns_shell.pdbx_CC_half                0.918 
_reflns_shell.pdbx_CC_star                ? 
_reflns_shell.pdbx_R_split                ? 
# 
_refine.aniso_B[1][1]                            ? 
_refine.aniso_B[1][2]                            ? 
_refine.aniso_B[1][3]                            ? 
_refine.aniso_B[2][2]                            ? 
_refine.aniso_B[2][3]                            ? 
_refine.aniso_B[3][3]                            ? 
_refine.B_iso_max                                ? 
_refine.B_iso_mean                               32.84 
_refine.B_iso_min                                ? 
_refine.correlation_coeff_Fo_to_Fc               ? 
_refine.correlation_coeff_Fo_to_Fc_free          ? 
_refine.details                                  ? 
_refine.diff_density_max                         ? 
_refine.diff_density_max_esd                     ? 
_refine.diff_density_min                         ? 
_refine.diff_density_min_esd                     ? 
_refine.diff_density_rms                         ? 
_refine.diff_density_rms_esd                     ? 
_refine.entry_id                                 6LXR 
_refine.pdbx_refine_id                           'X-RAY DIFFRACTION' 
_refine.ls_abs_structure_details                 ? 
_refine.ls_abs_structure_Flack                   ? 
_refine.ls_abs_structure_Flack_esd               ? 
_refine.ls_abs_structure_Rogers                  ? 
_refine.ls_abs_structure_Rogers_esd              ? 
_refine.ls_d_res_high                            2.56 
_refine.ls_d_res_low                             26.17 
_refine.ls_extinction_coef                       ? 
_refine.ls_extinction_coef_esd                   ? 
_refine.ls_extinction_expression                 ? 
_refine.ls_extinction_method                     ? 
_refine.ls_goodness_of_fit_all                   ? 
_refine.ls_goodness_of_fit_all_esd               ? 
_refine.ls_goodness_of_fit_obs                   ? 
_refine.ls_goodness_of_fit_obs_esd               ? 
_refine.ls_hydrogen_treatment                    ? 
_refine.ls_matrix_type                           ? 
_refine.ls_number_constraints                    ? 
_refine.ls_number_parameters                     ? 
_refine.ls_number_reflns_all                     ? 
_refine.ls_number_reflns_obs                     5340 
_refine.ls_number_reflns_R_free                  533 
_refine.ls_number_reflns_R_work                  ? 
_refine.ls_number_restraints                     ? 
_refine.ls_percent_reflns_obs                    91.78 
_refine.ls_percent_reflns_R_free                 9.98 
_refine.ls_R_factor_all                          ? 
_refine.ls_R_factor_obs                          0.1741 
_refine.ls_R_factor_R_free                       0.2308 
_refine.ls_R_factor_R_free_error                 ? 
_refine.ls_R_factor_R_free_error_details         ? 
_refine.ls_R_factor_R_work                       0.1677 
_refine.ls_R_Fsqd_factor_obs                     ? 
_refine.ls_R_I_factor_obs                        ? 
_refine.ls_redundancy_reflns_all                 ? 
_refine.ls_redundancy_reflns_obs                 ? 
_refine.ls_restrained_S_all                      ? 
_refine.ls_restrained_S_obs                      ? 
_refine.ls_shift_over_esd_max                    ? 
_refine.ls_shift_over_esd_mean                   ? 
_refine.ls_structure_factor_coef                 ? 
_refine.ls_weighting_details                     ? 
_refine.ls_weighting_scheme                      ? 
_refine.ls_wR_factor_all                         ? 
_refine.ls_wR_factor_obs                         ? 
_refine.ls_wR_factor_R_free                      ? 
_refine.ls_wR_factor_R_work                      ? 
_refine.occupancy_max                            ? 
_refine.occupancy_min                            ? 
_refine.solvent_model_details                    ? 
_refine.solvent_model_param_bsol                 ? 
_refine.solvent_model_param_ksol                 ? 
_refine.pdbx_R_complete                          ? 
_refine.ls_R_factor_gt                           ? 
_refine.ls_goodness_of_fit_gt                    ? 
_refine.ls_goodness_of_fit_ref                   ? 
_refine.ls_shift_over_su_max                     ? 
_refine.ls_shift_over_su_max_lt                  ? 
_refine.ls_shift_over_su_mean                    ? 
_refine.ls_shift_over_su_mean_lt                 ? 
_refine.pdbx_ls_sigma_I                          ? 
_refine.pdbx_ls_sigma_F                          1.34 
_refine.pdbx_ls_sigma_Fsqd                       ? 
_refine.pdbx_data_cutoff_high_absF               ? 
_refine.pdbx_data_cutoff_high_rms_absF           ? 
_refine.pdbx_data_cutoff_low_absF                ? 
_refine.pdbx_isotropic_thermal_model             ? 
_refine.pdbx_ls_cross_valid_method               THROUGHOUT 
_refine.pdbx_method_to_determine_struct          'MOLECULAR REPLACEMENT' 
_refine.pdbx_starting_model                      5YBA 
_refine.pdbx_stereochemistry_target_values       ? 
_refine.pdbx_R_Free_selection_details            ? 
_refine.pdbx_stereochem_target_val_spec_case     ? 
_refine.pdbx_overall_ESU_R                       ? 
_refine.pdbx_overall_ESU_R_Free                  ? 
_refine.pdbx_solvent_vdw_probe_radii             1.1100 
_refine.pdbx_solvent_ion_probe_radii             ? 
_refine.pdbx_solvent_shrinkage_radii             0.9000 
_refine.pdbx_real_space_R                        ? 
_refine.pdbx_density_correlation                 ? 
_refine.pdbx_pd_number_of_powder_patterns        ? 
_refine.pdbx_pd_number_of_points                 ? 
_refine.pdbx_pd_meas_number_of_points            ? 
_refine.pdbx_pd_proc_ls_prof_R_factor            ? 
_refine.pdbx_pd_proc_ls_prof_wR_factor           ? 
_refine.pdbx_pd_Marquardt_correlation_coeff      ? 
_refine.pdbx_pd_Fsqrd_R_factor                   ? 
_refine.pdbx_pd_ls_matrix_band_width             ? 
_refine.pdbx_overall_phase_error                 22.7872 
_refine.pdbx_overall_SU_R_free_Cruickshank_DPI   ? 
_refine.pdbx_overall_SU_R_free_Blow_DPI          ? 
_refine.pdbx_overall_SU_R_Blow_DPI               ? 
_refine.pdbx_TLS_residual_ADP_flag               ? 
_refine.pdbx_diffrn_id                           1 
_refine.overall_SU_B                             ? 
_refine.overall_SU_ML                            0.2999 
_refine.overall_SU_R_Cruickshank_DPI             ? 
_refine.overall_SU_R_free                        ? 
_refine.overall_FOM_free_R_set                   ? 
_refine.overall_FOM_work_R_set                   ? 
_refine.pdbx_average_fsc_overall                 ? 
_refine.pdbx_average_fsc_work                    ? 
_refine.pdbx_average_fsc_free                    ? 
# 
_refine_hist.pdbx_refine_id                   'X-RAY DIFFRACTION' 
_refine_hist.cycle_id                         LAST 
_refine_hist.details                          ? 
_refine_hist.d_res_high                       2.56 
_refine_hist.d_res_low                        26.17 
_refine_hist.number_atoms_solvent             22 
_refine_hist.number_atoms_total               1388 
_refine_hist.number_reflns_all                ? 
_refine_hist.number_reflns_obs                ? 
_refine_hist.number_reflns_R_free             ? 
_refine_hist.number_reflns_R_work             ? 
_refine_hist.R_factor_all                     ? 
_refine_hist.R_factor_obs                     ? 
_refine_hist.R_factor_R_free                  ? 
_refine_hist.R_factor_R_work                  ? 
_refine_hist.pdbx_number_residues_total       ? 
_refine_hist.pdbx_B_iso_mean_ligand           ? 
_refine_hist.pdbx_B_iso_mean_solvent          ? 
_refine_hist.pdbx_number_atoms_protein        1366 
_refine_hist.pdbx_number_atoms_nucleic_acid   0 
_refine_hist.pdbx_number_atoms_ligand         0 
_refine_hist.pdbx_number_atoms_lipid          ? 
_refine_hist.pdbx_number_atoms_carb           ? 
_refine_hist.pdbx_pseudo_atom_details         ? 
# 
loop_
_refine_ls_restr.pdbx_refine_id 
_refine_ls_restr.criterion 
_refine_ls_restr.dev_ideal 
_refine_ls_restr.dev_ideal_target 
_refine_ls_restr.number 
_refine_ls_restr.rejects 
_refine_ls_restr.type 
_refine_ls_restr.weight 
_refine_ls_restr.pdbx_restraint_function 
'X-RAY DIFFRACTION' ? 0.0077 ? 1397 ? f_bond_d           ? ? 
'X-RAY DIFFRACTION' ? 0.8743 ? 1879 ? f_angle_d          ? ? 
'X-RAY DIFFRACTION' ? 0.0591 ? 203  ? f_chiral_restr     ? ? 
'X-RAY DIFFRACTION' ? 0.0065 ? 243  ? f_plane_restr      ? ? 
'X-RAY DIFFRACTION' ? 3.5341 ? 824  ? f_dihedral_angle_d ? ? 
# 
loop_
_refine_ls_shell.pdbx_refine_id 
_refine_ls_shell.d_res_high 
_refine_ls_shell.d_res_low 
_refine_ls_shell.number_reflns_all 
_refine_ls_shell.number_reflns_obs 
_refine_ls_shell.number_reflns_R_free 
_refine_ls_shell.number_reflns_R_work 
_refine_ls_shell.percent_reflns_obs 
_refine_ls_shell.percent_reflns_R_free 
_refine_ls_shell.R_factor_all 
_refine_ls_shell.R_factor_obs 
_refine_ls_shell.R_factor_R_free 
_refine_ls_shell.R_factor_R_free_error 
_refine_ls_shell.R_factor_R_work 
_refine_ls_shell.redundancy_reflns_all 
_refine_ls_shell.redundancy_reflns_obs 
_refine_ls_shell.wR_factor_all 
_refine_ls_shell.wR_factor_obs 
_refine_ls_shell.wR_factor_R_free 
_refine_ls_shell.wR_factor_R_work 
_refine_ls_shell.pdbx_R_complete 
_refine_ls_shell.pdbx_total_number_of_bins_used 
_refine_ls_shell.pdbx_phase_error 
_refine_ls_shell.pdbx_fsc_work 
_refine_ls_shell.pdbx_fsc_free 
'X-RAY DIFFRACTION' 2.56  2.82  . . 96  864  67.80 . . . 0.2766 . 0.2040 . . . . . . . . . . . 
'X-RAY DIFFRACTION' 2.561 26.17 . . 150 1375 99.80 . . . 0.1979 . 0.1437 . . . . . . . . . . . 
'X-RAY DIFFRACTION' 2.82  3.23  . . 145 1268 98.81 . . . 0.2757 . 0.1997 . . . . . . . . . . . 
'X-RAY DIFFRACTION' 3.23  4.06  . . 142 1300 99.86 . . . 0.2372 . 0.1711 . . . . . . . . . . . 
# 
_struct.entry_id                     6LXR 
_struct.title                        'TvCyP2 in apo form 4' 
_struct.pdbx_model_details           ? 
_struct.pdbx_formula_weight          ? 
_struct.pdbx_formula_weight_method   ? 
_struct.pdbx_model_type_details      ? 
_struct.pdbx_CASP_flag               N 
# 
_struct_keywords.entry_id        6LXR 
_struct_keywords.text            Isomerase 
_struct_keywords.pdbx_keywords   ISOMERASE 
# 
loop_
_struct_asym.id 
_struct_asym.pdbx_blank_PDB_chainid_flag 
_struct_asym.pdbx_modified 
_struct_asym.entity_id 
_struct_asym.details 
A N N 1 ? 
B N N 2 ? 
# 
loop_
_struct_conf.conf_type_id 
_struct_conf.id 
_struct_conf.pdbx_PDB_helix_id 
_struct_conf.beg_label_comp_id 
_struct_conf.beg_label_asym_id 
_struct_conf.beg_label_seq_id 
_struct_conf.pdbx_beg_PDB_ins_code 
_struct_conf.end_label_comp_id 
_struct_conf.end_label_asym_id 
_struct_conf.end_label_seq_id 
_struct_conf.pdbx_end_PDB_ins_code 
_struct_conf.beg_auth_comp_id 
_struct_conf.beg_auth_asym_id 
_struct_conf.beg_auth_seq_id 
_struct_conf.end_auth_comp_id 
_struct_conf.end_auth_asym_id 
_struct_conf.end_auth_seq_id 
_struct_conf.pdbx_PDB_helix_class 
_struct_conf.details 
_struct_conf.pdbx_PDB_helix_length 
HELX_P HELX_P1 AA1 VAL A 42  ? GLY A 55  ? VAL A 42  GLY A 55  1 ? 14 
HELX_P HELX_P2 AA2 CYS A 139 ? ASN A 143 ? CYS A 139 ASN A 143 5 ? 5  
HELX_P HELX_P3 AA3 GLY A 155 ? LEU A 165 ? GLY A 155 LEU A 165 1 ? 11 
# 
_struct_conf_type.id          HELX_P 
_struct_conf_type.criteria    ? 
_struct_conf_type.reference   ? 
# 
_struct_sheet.id               AA1 
_struct_sheet.type             ? 
_struct_sheet.number_strands   8 
_struct_sheet.details          ? 
# 
loop_
_struct_sheet_order.sheet_id 
_struct_sheet_order.range_id_1 
_struct_sheet_order.range_id_2 
_struct_sheet_order.offset 
_struct_sheet_order.sense 
AA1 1 2 ? anti-parallel 
AA1 2 3 ? anti-parallel 
AA1 3 4 ? anti-parallel 
AA1 4 5 ? anti-parallel 
AA1 5 6 ? anti-parallel 
AA1 6 7 ? anti-parallel 
AA1 7 8 ? anti-parallel 
# 
loop_
_struct_sheet_range.sheet_id 
_struct_sheet_range.id 
_struct_sheet_range.beg_label_comp_id 
_struct_sheet_range.beg_label_asym_id 
_struct_sheet_range.beg_label_seq_id 
_struct_sheet_range.pdbx_beg_PDB_ins_code 
_struct_sheet_range.end_label_comp_id 
_struct_sheet_range.end_label_asym_id 
_struct_sheet_range.end_label_seq_id 
_struct_sheet_range.pdbx_end_PDB_ins_code 
_struct_sheet_range.beg_auth_comp_id 
_struct_sheet_range.beg_auth_asym_id 
_struct_sheet_range.beg_auth_seq_id 
_struct_sheet_range.end_auth_comp_id 
_struct_sheet_range.end_auth_asym_id 
_struct_sheet_range.end_auth_seq_id 
AA1 1 ARG A 75  ? ILE A 77  ? ARG A 75  ILE A 77  
AA1 2 MET A 81  ? GLY A 84  ? MET A 81  GLY A 84  
AA1 3 PHE A 132 ? THR A 135 ? PHE A 132 THR A 135 
AA1 4 LEU A 117 ? MET A 120 ? LEU A 117 MET A 120 
AA1 5 VAL A 148 ? GLU A 154 ? VAL A 148 GLU A 154 
AA1 6 GLU A 28  ? LEU A 37  ? GLU A 28  LEU A 37  
AA1 7 VAL A 19  ? ILE A 25  ? VAL A 19  ILE A 25  
AA1 8 ILE A 176 ? GLU A 183 ? ILE A 176 GLU A 183 
# 
loop_
_pdbx_struct_sheet_hbond.sheet_id 
_pdbx_struct_sheet_hbond.range_id_1 
_pdbx_struct_sheet_hbond.range_id_2 
_pdbx_struct_sheet_hbond.range_1_label_atom_id 
_pdbx_struct_sheet_hbond.range_1_label_comp_id 
_pdbx_struct_sheet_hbond.range_1_label_asym_id 
_pdbx_struct_sheet_hbond.range_1_label_seq_id 
_pdbx_struct_sheet_hbond.range_1_PDB_ins_code 
_pdbx_struct_sheet_hbond.range_1_auth_atom_id 
_pdbx_struct_sheet_hbond.range_1_auth_comp_id 
_pdbx_struct_sheet_hbond.range_1_auth_asym_id 
_pdbx_struct_sheet_hbond.range_1_auth_seq_id 
_pdbx_struct_sheet_hbond.range_2_label_atom_id 
_pdbx_struct_sheet_hbond.range_2_label_comp_id 
_pdbx_struct_sheet_hbond.range_2_label_asym_id 
_pdbx_struct_sheet_hbond.range_2_label_seq_id 
_pdbx_struct_sheet_hbond.range_2_PDB_ins_code 
_pdbx_struct_sheet_hbond.range_2_auth_atom_id 
_pdbx_struct_sheet_hbond.range_2_auth_comp_id 
_pdbx_struct_sheet_hbond.range_2_auth_asym_id 
_pdbx_struct_sheet_hbond.range_2_auth_seq_id 
AA1 1 2 N ILE A 77  ? N ILE A 77  O MET A 81  ? O MET A 81  
AA1 2 3 N ILE A 82  ? N ILE A 82  O ILE A 134 ? O ILE A 134 
AA1 3 4 O PHE A 133 ? O PHE A 133 N SER A 119 ? N SER A 119 
AA1 4 5 N LEU A 118 ? N LEU A 118 O GLY A 150 ? O GLY A 150 
AA1 5 6 O ILE A 153 ? O ILE A 153 N LYS A 34  ? N LYS A 34  
AA1 6 7 O ALA A 30  ? O ALA A 30  N ILE A 23  ? N ILE A 23  
AA1 7 8 N LYS A 22  ? N LYS A 22  O ASP A 180 ? O ASP A 180 
# 
_atom_sites.entry_id                    6LXR 
_atom_sites.Cartn_transf_matrix[1][1]   ? 
_atom_sites.Cartn_transf_matrix[1][2]   ? 
_atom_sites.Cartn_transf_matrix[1][3]   ? 
_atom_sites.Cartn_transf_matrix[2][1]   ? 
_atom_sites.Cartn_transf_matrix[2][2]   ? 
_atom_sites.Cartn_transf_matrix[2][3]   ? 
_atom_sites.Cartn_transf_matrix[3][1]   ? 
_atom_sites.Cartn_transf_matrix[3][2]   ? 
_atom_sites.Cartn_transf_matrix[3][3]   ? 
_atom_sites.Cartn_transf_vector[1]      ? 
_atom_sites.Cartn_transf_vector[2]      ? 
_atom_sites.Cartn_transf_vector[3]      ? 
_atom_sites.fract_transf_matrix[1][1]   -0.01270576 
_atom_sites.fract_transf_matrix[1][2]   -0.01425891 
_atom_sites.fract_transf_matrix[1][3]   -0.00199097 
_atom_sites.fract_transf_matrix[2][1]   0.01088994 
_atom_sites.fract_transf_matrix[2][2]   -0.01106587 
_atom_sites.fract_transf_matrix[2][3]   0.00975523 
_atom_sites.fract_transf_matrix[3][1]   -0.00766965 
_atom_sites.fract_transf_matrix[3][2]   0.00486776 
_atom_sites.fract_transf_matrix[3][3]   0.01408352 
_atom_sites.fract_transf_vector[1]      0.609991 
_atom_sites.fract_transf_vector[2]      0.532150 
_atom_sites.fract_transf_vector[3]      0.508255 
_atom_sites.solution_primary            ? 
_atom_sites.solution_secondary          ? 
_atom_sites.solution_hydrogens          ? 
_atom_sites.special_details             ? 
# 
loop_
_atom_type.symbol 
_atom_type.scat_dispersion_real 
_atom_type.scat_dispersion_imag 
_atom_type.scat_Cromer_Mann_a1 
_atom_type.scat_Cromer_Mann_a2 
_atom_type.scat_Cromer_Mann_b1 
_atom_type.scat_Cromer_Mann_b2 
_atom_type.scat_Cromer_Mann_c 
_atom_type.scat_source 
_atom_type.scat_dispersion_source 
C ? ? 3.54356 2.42580 25.62398 1.50364  0.0 
;2-Gaussian fit: Grosse-Kunstleve RW, Sauter NK, Adams PD: Newsletter of the IUCr Commission on Crystallographic Computing 2004, 3, 22-31.
;
? 
N ? ? 4.01032 2.96436 19.97189 1.75589  0.0 
;2-Gaussian fit: Grosse-Kunstleve RW, Sauter NK, Adams PD: Newsletter of the IUCr Commission on Crystallographic Computing 2004, 3, 22-31.
;
? 
O ? ? 4.49882 3.47563 15.80542 1.70748  0.0 
;2-Gaussian fit: Grosse-Kunstleve RW, Sauter NK, Adams PD: Newsletter of the IUCr Commission on Crystallographic Computing 2004, 3, 22-31.
;
? 
S ? ? 9.55732 6.39887 1.23737  29.19336 0.0 
;2-Gaussian fit: Grosse-Kunstleve RW, Sauter NK, Adams PD: Newsletter of the IUCr Commission on Crystallographic Computing 2004, 3, 22-31.
;
? 
# 
loop_
_atom_site.group_PDB 
_atom_site.id 
_atom_site.type_symbol 
_atom_site.label_atom_id 
_atom_site.label_alt_id 
_atom_site.label_comp_id 
_atom_site.label_asym_id 
_atom_site.label_entity_id 
_atom_site.label_seq_id 
_atom_site.pdbx_PDB_ins_code 
_atom_site.Cartn_x 
_atom_site.Cartn_y 
_atom_site.Cartn_z 
_atom_site.occupancy 
_atom_site.B_iso_or_equiv 
_atom_site.pdbx_formal_charge 
_atom_site.auth_seq_id 
_atom_site.auth_comp_id 
_atom_site.auth_asym_id 
_atom_site.auth_atom_id 
_atom_site.pdbx_PDB_model_num 
ATOM   1    N N   . PHE A 1 5   ? -7.52994  -6.19996  32.04161  1.000 52.72698 ? 5   PHE A N   1 
ATOM   2    C CA  . PHE A 1 5   ? -6.52172  -6.24416  30.97407  1.000 57.77673 ? 5   PHE A CA  1 
ATOM   3    C C   . PHE A 1 5   ? -7.06850  -5.78758  29.61327  1.000 57.13699 ? 5   PHE A C   1 
ATOM   4    O O   . PHE A 1 5   ? -6.30080  -5.35615  28.75067  1.000 61.99054 ? 5   PHE A O   1 
ATOM   5    C CB  . PHE A 1 5   ? -5.92948  -7.65842  30.83284  1.000 59.68245 ? 5   PHE A CB  1 
ATOM   6    C CG  . PHE A 1 5   ? -4.67521  -7.72524  29.95734  1.000 67.40750 ? 5   PHE A CG  1 
ATOM   7    C CD1 . PHE A 1 5   ? -3.72977  -6.69618  29.98241  1.000 60.18036 ? 5   PHE A CD1 1 
ATOM   8    C CD2 . PHE A 1 5   ? -4.43427  -8.82694  29.12723  1.000 70.22681 ? 5   PHE A CD2 1 
ATOM   9    C CE1 . PHE A 1 5   ? -2.57908  -6.74959  29.19078  1.000 58.97326 ? 5   PHE A CE1 1 
ATOM   10   C CE2 . PHE A 1 5   ? -3.28408  -8.89049  28.33365  1.000 68.52157 ? 5   PHE A CE2 1 
ATOM   11   C CZ  . PHE A 1 5   ? -2.35417  -7.84764  28.36869  1.000 70.15974 ? 5   PHE A CZ  1 
ATOM   12   N N   . ALA A 1 6   ? -8.37848  -5.90884  29.40088  1.000 58.48146 ? 6   ALA A N   1 
ATOM   13   C CA  . ALA A 1 6   ? -9.00493  -5.36540  28.20103  1.000 50.73171 ? 6   ALA A CA  1 
ATOM   14   C C   . ALA A 1 6   ? -9.29580  -3.89259  28.43815  1.000 46.68417 ? 6   ALA A C   1 
ATOM   15   O O   . ALA A 1 6   ? -9.90188  -3.53201  29.44858  1.000 51.75424 ? 6   ALA A O   1 
ATOM   16   C CB  . ALA A 1 6   ? -10.29335 -6.11564  27.86937  1.000 46.50567 ? 6   ALA A CB  1 
ATOM   17   N N   . THR A 1 7   ? -8.85389  -3.03662  27.52207  1.000 43.50890 ? 7   THR A N   1 
ATOM   18   C CA  . THR A 1 7   ? -8.77511  -1.60281  27.80495  1.000 43.94156 ? 7   THR A CA  1 
ATOM   19   C C   . THR A 1 7   ? -9.56469  -0.68749  26.87255  1.000 45.55348 ? 7   THR A C   1 
ATOM   20   O O   . THR A 1 7   ? -10.00781 0.36345   27.34196  1.000 48.90160 ? 7   THR A O   1 
ATOM   21   C CB  . THR A 1 7   ? -7.30172  -1.12888  27.84062  1.000 45.45501 ? 7   THR A CB  1 
ATOM   22   O OG1 . THR A 1 7   ? -6.84671  -0.78706  26.52825  1.000 57.36942 ? 7   THR A OG1 1 
ATOM   23   C CG2 . THR A 1 7   ? -6.42560  -2.19907  28.41404  1.000 48.95173 ? 7   THR A CG2 1 
ATOM   24   N N   . ARG A 1 8   ? -9.77630  -1.02525  25.60096  1.000 42.07484 ? 8   ARG A N   1 
ATOM   25   C CA  . ARG A 1 8   ? -10.55110 -0.13898  24.73631  1.000 48.69915 ? 8   ARG A CA  1 
ATOM   26   C C   . ARG A 1 8   ? -11.47597 -0.95920  23.83988  1.000 41.95059 ? 8   ARG A C   1 
ATOM   27   O O   . ARG A 1 8   ? -11.43478 -2.19387  23.82343  1.000 41.54106 ? 8   ARG A O   1 
ATOM   28   C CB  . ARG A 1 8   ? -9.64784  0.78536   23.90108  1.000 48.74578 ? 8   ARG A CB  1 
ATOM   29   C CG  . ARG A 1 8   ? -10.33628 2.06255   23.43717  1.000 48.78936 ? 8   ARG A CG  1 
ATOM   30   C CD  . ARG A 1 8   ? -9.68486  2.61646   22.18375  1.000 58.62829 ? 8   ARG A CD  1 
ATOM   31   N NE  . ARG A 1 8   ? -10.40037 3.77346   21.64868  1.000 62.26936 ? 8   ARG A NE  1 
ATOM   32   C CZ  . ARG A 1 8   ? -9.92861  5.01925   21.67212  1.000 58.12936 ? 8   ARG A CZ  1 
ATOM   33   N NH1 . ARG A 1 8   ? -8.74641  5.26705   22.21793  1.000 58.62395 ? 8   ARG A NH1 1 
ATOM   34   N NH2 . ARG A 1 8   ? -10.63847 6.02131   21.15705  1.000 56.90936 ? 8   ARG A NH2 1 
ATOM   35   N N   . VAL A 1 9   ? -12.34491 -0.25456  23.11542  1.000 36.68122 ? 9   VAL A N   1 
ATOM   36   C CA  . VAL A 1 9   ? -13.39693 -0.87242  22.32616  1.000 33.59203 ? 9   VAL A CA  1 
ATOM   37   C C   . VAL A 1 9   ? -13.22564 -0.35724  20.91096  1.000 34.28532 ? 9   VAL A C   1 
ATOM   38   O O   . VAL A 1 9   ? -13.68376 0.74390   20.58347  1.000 37.53181 ? 9   VAL A O   1 
ATOM   39   C CB  . VAL A 1 9   ? -14.79566 -0.55418  22.85874  1.000 29.17125 ? 9   VAL A CB  1 
ATOM   40   C CG1 . VAL A 1 9   ? -15.77647 -1.60308  22.35784  1.000 28.04977 ? 9   VAL A CG1 1 
ATOM   41   C CG2 . VAL A 1 9   ? -14.80700 -0.48370  24.37475  1.000 25.84398 ? 9   VAL A CG2 1 
ATOM   42   N N   . ILE A 1 10  ? -12.59380 -1.15625  20.06188  1.000 32.82770 ? 10  ILE A N   1 
ATOM   43   C CA  . ILE A 1 10  ? -12.29542 -0.76530  18.69120  1.000 30.60720 ? 10  ILE A CA  1 
ATOM   44   C C   . ILE A 1 10  ? -13.36418 -1.32898  17.76869  1.000 27.49122 ? 10  ILE A C   1 
ATOM   45   O O   . ILE A 1 10  ? -13.70474 -2.51537  17.84974  1.000 30.46940 ? 10  ILE A O   1 
ATOM   46   C CB  . ILE A 1 10  ? -10.89528 -1.24459  18.27014  1.000 32.96946 ? 10  ILE A CB  1 
ATOM   47   C CG1 . ILE A 1 10  ? -9.91884  -0.98396  19.39147  1.000 33.15978 ? 10  ILE A CG1 1 
ATOM   48   C CG2 . ILE A 1 10  ? -10.42649 -0.52934  17.00676  1.000 33.08802 ? 10  ILE A CG2 1 
ATOM   49   C CD1 . ILE A 1 10  ? -9.50450  -2.22742  20.09700  1.000 48.43296 ? 10  ILE A CD1 1 
ATOM   50   N N   . SER A 1 11  ? -13.86929 -0.48444  16.87070  1.000 26.57702 ? 11  SER A N   1 
ATOM   51   C CA  . SER A 1 11  ? -14.71446 -0.90179  15.76180  1.000 21.86409 ? 11  SER A CA  1 
ATOM   52   C C   . SER A 1 11  ? -13.91312 -1.29984  14.51664  1.000 27.78095 ? 11  SER A C   1 
ATOM   53   O O   . SER A 1 11  ? -14.45168 -1.23222  13.40071  1.000 30.92259 ? 11  SER A O   1 
ATOM   54   C CB  . SER A 1 11  ? -15.69431 0.21650   15.42483  1.000 23.24932 ? 11  SER A CB  1 
ATOM   55   O OG  . SER A 1 11  ? -15.01909 1.45134   15.28485  1.000 25.43937 ? 11  SER A OG  1 
ATOM   56   N N   . ALA A 1 12  ? -12.66481 -1.74226  14.67704  1.000 26.63583 ? 12  ALA A N   1 
ATOM   57   C CA  . ALA A 1 12  ? -11.74398 -1.95878  13.56692  1.000 26.34913 ? 12  ALA A CA  1 
ATOM   58   C C   . ALA A 1 12  ? -10.75346 -3.04142  13.96501  1.000 29.13625 ? 12  ALA A C   1 
ATOM   59   O O   . ALA A 1 12  ? -10.71861 -3.47273  15.12146  1.000 27.87819 ? 12  ALA A O   1 
ATOM   60   C CB  . ALA A 1 12  ? -11.00482 -0.67019  13.20115  1.000 25.08597 ? 12  ALA A CB  1 
ATOM   61   N N   . PRO A 1 13  ? -9.94246  -3.51784  13.02334  1.000 30.18826 ? 13  PRO A N   1 
ATOM   62   C CA  . PRO A 1 13  ? -8.87495  -4.45139  13.39781  1.000 28.75161 ? 13  PRO A CA  1 
ATOM   63   C C   . PRO A 1 13  ? -7.74165  -3.73322  14.11036  1.000 25.71025 ? 13  PRO A C   1 
ATOM   64   O O   . PRO A 1 13  ? -7.53346  -2.52742  13.96899  1.000 27.86746 ? 13  PRO A O   1 
ATOM   65   C CB  . PRO A 1 13  ? -8.41153  -5.02712  12.05320  1.000 31.81626 ? 13  PRO A CB  1 
ATOM   66   C CG  . PRO A 1 13  ? -9.52942  -4.74728  11.10331  1.000 29.60960 ? 13  PRO A CG  1 
ATOM   67   C CD  . PRO A 1 13  ? -10.09729 -3.43890  11.55993  1.000 26.63271 ? 13  PRO A CD  1 
ATOM   68   N N   . LYS A 1 14  ? -7.00035  -4.49761  14.89708  1.000 28.42851 ? 14  LYS A N   1 
ATOM   69   C CA  . LYS A 1 14  ? -5.91508  -3.90625  15.65749  1.000 29.01105 ? 14  LYS A CA  1 
ATOM   70   C C   . LYS A 1 14  ? -4.71911  -3.62940  14.76517  1.000 29.63184 ? 14  LYS A C   1 
ATOM   71   O O   . LYS A 1 14  ? -4.37375  -4.42056  13.88504  1.000 26.30593 ? 14  LYS A O   1 
ATOM   72   C CB  . LYS A 1 14  ? -5.48708  -4.81263  16.80719  1.000 34.95720 ? 14  LYS A CB  1 
ATOM   73   C CG  . LYS A 1 14  ? -4.27700  -4.24672  17.57066  1.000 41.79711 ? 14  LYS A CG  1 
ATOM   74   C CD  . LYS A 1 14  ? -3.90947  -5.04316  18.82043  1.000 48.35577 ? 14  LYS A CD  1 
ATOM   75   C CE  . LYS A 1 14  ? -3.05082  -6.25486  18.47708  1.000 54.23113 ? 14  LYS A CE  1 
ATOM   76   N NZ  . LYS A 1 14  ? -3.87143  -7.36328  17.90488  1.000 51.15183 ? 14  LYS A NZ  1 
ATOM   77   N N   . VAL A 1 15  ? -4.08141  -2.49159  15.00346  1.000 32.70231 ? 15  VAL A N   1 
ATOM   78   C CA  . VAL A 1 15  ? -2.84593  -2.15604  14.31634  1.000 30.33719 ? 15  VAL A CA  1 
ATOM   79   C C   . VAL A 1 15  ? -1.71116  -2.91045  15.00636  1.000 33.41920 ? 15  VAL A C   1 
ATOM   80   O O   . VAL A 1 15  ? -1.40504  -2.67007  16.17424  1.000 40.06242 ? 15  VAL A O   1 
ATOM   81   C CB  . VAL A 1 15  ? -2.62190  -0.64083  14.30398  1.000 25.55553 ? 15  VAL A CB  1 
ATOM   82   C CG1 . VAL A 1 15  ? -1.22993  -0.30202  13.89079  1.000 28.22262 ? 15  VAL A CG1 1 
ATOM   83   C CG2 . VAL A 1 15  ? -3.59336  -0.01309  13.33878  1.000 23.33611 ? 15  VAL A CG2 1 
ATOM   84   N N   . THR A 1 16  ? -1.11878  -3.86370  14.29232  1.000 34.98680 ? 16  THR A N   1 
ATOM   85   C CA  . THR A 1 16  ? -0.03810  -4.71936  14.77199  1.000 34.03027 ? 16  THR A CA  1 
ATOM   86   C C   . THR A 1 16  ? 1.32676   -4.07319  14.58509  1.000 40.48726 ? 16  THR A C   1 
ATOM   87   O O   . THR A 1 16  ? 2.14326   -4.05313  15.50949  1.000 49.18956 ? 16  THR A O   1 
ATOM   88   C CB  . THR A 1 16  ? -0.04238  -6.04861  14.01298  1.000 34.31853 ? 16  THR A CB  1 
ATOM   89   O OG1 . THR A 1 16  ? -1.20756  -6.80065  14.33829  1.000 37.87992 ? 16  THR A OG1 1 
ATOM   90   C CG2 . THR A 1 16  ? 1.19452   -6.86861  14.34151  1.000 46.88239 ? 16  THR A CG2 1 
ATOM   91   N N   . LYS A 1 17  ? 1.61035   -3.61157  13.37176  1.000 37.78732 ? 17  LYS A N   1 
ATOM   92   C CA  . LYS A 1 17  ? 2.87146   -2.97571  13.04699  1.000 37.71512 ? 17  LYS A CA  1 
ATOM   93   C C   . LYS A 1 17  ? 2.55459   -1.63565  12.41709  1.000 34.15838 ? 17  LYS A C   1 
ATOM   94   O O   . LYS A 1 17  ? 1.43530   -1.39446  11.96513  1.000 32.54529 ? 17  LYS A O   1 
ATOM   95   C CB  . LYS A 1 17  ? 3.72540   -3.81775  12.08001  1.000 35.40763 ? 17  LYS A CB  1 
ATOM   96   C CG  . LYS A 1 17  ? 3.88478   -5.29033  12.44060  1.000 34.66387 ? 17  LYS A CG  1 
ATOM   97   C CD  . LYS A 1 17  ? 4.46441   -5.46876  13.83684  1.000 42.81804 ? 17  LYS A CD  1 
ATOM   98   C CE  . LYS A 1 17  ? 5.29875   -6.74829  13.93735  1.000 38.66956 ? 17  LYS A CE  1 
ATOM   99   N NZ  . LYS A 1 17  ? 4.42113   -7.93082  14.19019  1.000 47.91485 ? 17  LYS A NZ  1 
ATOM   100  N N   . LYS A 1 18  ? 3.55595   -0.76686  12.39033  1.000 35.00641 ? 18  LYS A N   1 
ATOM   101  C CA  . LYS A 1 18  ? 3.44412   0.53014   11.74436  1.000 35.87014 ? 18  LYS A CA  1 
ATOM   102  C C   . LYS A 1 18  ? 4.62256   0.73374   10.80582  1.000 37.04613 ? 18  LYS A C   1 
ATOM   103  O O   . LYS A 1 18  ? 5.75712   0.36369   11.12754  1.000 36.06749 ? 18  LYS A O   1 
ATOM   104  C CB  . LYS A 1 18  ? 3.38563   1.66478   12.76667  1.000 33.10886 ? 18  LYS A CB  1 
ATOM   105  C CG  . LYS A 1 18  ? 2.14665   1.62285   13.64862  1.000 30.38321 ? 18  LYS A CG  1 
ATOM   106  C CD  . LYS A 1 18  ? 2.17772   2.74013   14.66809  1.000 28.08626 ? 18  LYS A CD  1 
ATOM   107  C CE  . LYS A 1 18  ? 1.09507   2.56775   15.71880  1.000 36.36142 ? 18  LYS A CE  1 
ATOM   108  N NZ  . LYS A 1 18  ? 0.96200   3.80116   16.57886  1.000 39.25271 ? 18  LYS A NZ  1 
ATOM   109  N N   . VAL A 1 19  ? 4.33466   1.30380   9.63212   1.000 33.85302 ? 19  VAL A N   1 
ATOM   110  C CA  . VAL A 1 19  ? 5.33493   1.64064   8.62806   1.000 29.96573 ? 19  VAL A CA  1 
ATOM   111  C C   . VAL A 1 19  ? 5.00098   3.02804   8.10310   1.000 31.09241 ? 19  VAL A C   1 
ATOM   112  O O   . VAL A 1 19  ? 3.95213   3.59553   8.41308   1.000 32.64881 ? 19  VAL A O   1 
ATOM   113  C CB  . VAL A 1 19  ? 5.38586   0.62194   7.46905   1.000 32.94422 ? 19  VAL A CB  1 
ATOM   114  C CG1 . VAL A 1 19  ? 5.92872   -0.71641  7.95149   1.000 29.96381 ? 19  VAL A CG1 1 
ATOM   115  C CG2 . VAL A 1 19  ? 4.00582   0.46087   6.82770   1.000 27.38685 ? 19  VAL A CG2 1 
ATOM   116  N N   . PHE A 1 20  ? 5.90842   3.58114   7.30279   1.000 31.52700 ? 20  PHE A N   1 
ATOM   117  C CA  . PHE A 1 20  ? 5.68764   4.89796   6.72427   1.000 32.59408 ? 20  PHE A CA  1 
ATOM   118  C C   . PHE A 1 20  ? 6.26080   4.95150   5.31776   1.000 32.59634 ? 20  PHE A C   1 
ATOM   119  O O   . PHE A 1 20  ? 7.16478   4.18431   4.96001   1.000 29.82659 ? 20  PHE A O   1 
ATOM   120  C CB  . PHE A 1 20  ? 6.33097   6.00839   7.56244   1.000 33.70570 ? 20  PHE A CB  1 
ATOM   121  C CG  . PHE A 1 20  ? 7.82046   5.91052   7.61044   1.000 35.05897 ? 20  PHE A CG  1 
ATOM   122  C CD1 . PHE A 1 20  ? 8.43022   5.00620   8.45386   1.000 29.72684 ? 20  PHE A CD1 1 
ATOM   123  C CD2 . PHE A 1 20  ? 8.61264   6.69419   6.77469   1.000 35.11802 ? 20  PHE A CD2 1 
ATOM   124  C CE1 . PHE A 1 20  ? 9.78755   4.90267   8.49653   1.000 34.97392 ? 20  PHE A CE1 1 
ATOM   125  C CE2 . PHE A 1 20  ? 9.98747   6.58369   6.80113   1.000 36.27508 ? 20  PHE A CE2 1 
ATOM   126  C CZ  . PHE A 1 20  ? 10.57642  5.68470   7.66615   1.000 38.51694 ? 20  PHE A CZ  1 
ATOM   127  N N   . PHE A 1 21  ? 5.71490   5.88474   4.53138   1.000 30.62995 ? 21  PHE A N   1 
ATOM   128  C CA  . PHE A 1 21  ? 6.30093   6.34667   3.28258   1.000 29.77245 ? 21  PHE A CA  1 
ATOM   129  C C   . PHE A 1 21  ? 6.68484   7.80922   3.43351   1.000 29.83854 ? 21  PHE A C   1 
ATOM   130  O O   . PHE A 1 21  ? 6.03551   8.56061   4.16397   1.000 36.79967 ? 21  PHE A O   1 
ATOM   131  C CB  . PHE A 1 21  ? 5.32588   6.23345   2.10333   1.000 28.28194 ? 21  PHE A CB  1 
ATOM   132  C CG  . PHE A 1 21  ? 4.95379   4.84156   1.74132   1.000 25.37047 ? 21  PHE A CG  1 
ATOM   133  C CD1 . PHE A 1 21  ? 5.74789   3.77484   2.11511   1.000 28.21158 ? 21  PHE A CD1 1 
ATOM   134  C CD2 . PHE A 1 21  ? 3.79565   4.59943   1.00710   1.000 27.90670 ? 21  PHE A CD2 1 
ATOM   135  C CE1 . PHE A 1 21  ? 5.39560   2.48122   1.77927   1.000 26.77612 ? 21  PHE A CE1 1 
ATOM   136  C CE2 . PHE A 1 21  ? 3.42834   3.32235   0.66164   1.000 23.31054 ? 21  PHE A CE2 1 
ATOM   137  C CZ  . PHE A 1 21  ? 4.23854   2.25274   1.04522   1.000 24.16046 ? 21  PHE A CZ  1 
ATOM   138  N N   . LYS A 1 22  ? 7.71656   8.22699   2.71576   1.000 30.58478 ? 22  LYS A N   1 
ATOM   139  C CA  . LYS A 1 22  ? 8.00898   9.64373   2.54405   1.000 32.95799 ? 22  LYS A CA  1 
ATOM   140  C C   . LYS A 1 22  ? 7.87572   9.97241   1.06694   1.000 33.60836 ? 22  LYS A C   1 
ATOM   141  O O   . LYS A 1 22  ? 8.53401   9.34835   0.21987   1.000 30.06673 ? 22  LYS A O   1 
ATOM   142  C CB  . LYS A 1 22  ? 9.40299   9.99778   3.07319   1.000 38.52874 ? 22  LYS A CB  1 
ATOM   143  C CG  . LYS A 1 22  ? 9.46712   10.03453  4.59818   1.000 39.84115 ? 22  LYS A CG  1 
ATOM   144  C CD  . LYS A 1 22  ? 10.17865  11.28804  5.13315   1.000 51.39693 ? 22  LYS A CD  1 
ATOM   145  C CE  . LYS A 1 22  ? 10.87399  11.02353  6.49725   1.000 48.02883 ? 22  LYS A CE  1 
ATOM   146  N NZ  . LYS A 1 22  ? 11.91653  12.04449  6.84411   1.000 45.24461 ? 22  LYS A NZ  1 
ATOM   147  N N   . ILE A 1 23  ? 7.01469   10.93673  0.76017   1.000 33.25044 ? 23  ILE A N   1 
ATOM   148  C CA  . ILE A 1 23  ? 6.56714   11.17590  -0.60522  1.000 32.25266 ? 23  ILE A CA  1 
ATOM   149  C C   . ILE A 1 23  ? 7.36957   12.31262  -1.21470  1.000 33.87334 ? 23  ILE A C   1 
ATOM   150  O O   . ILE A 1 23  ? 7.53892   13.36951  -0.59424  1.000 39.70433 ? 23  ILE A O   1 
ATOM   151  C CB  . ILE A 1 23  ? 5.06134   11.48413  -0.64756  1.000 30.04637 ? 23  ILE A CB  1 
ATOM   152  C CG1 . ILE A 1 23  ? 4.26934   10.29524  -0.08645  1.000 29.45765 ? 23  ILE A CG1 1 
ATOM   153  C CG2 . ILE A 1 23  ? 4.63973   11.81165  -2.06154  1.000 23.36023 ? 23  ILE A CG2 1 
ATOM   154  C CD1 . ILE A 1 23  ? 4.65531   8.92047   -0.69038  1.000 27.59201 ? 23  ILE A CD1 1 
ATOM   155  N N   . SER A 1 24  ? 7.85833   12.09843  -2.42994  1.000 28.23680 ? 24  SER A N   1 
ATOM   156  C CA  . SER A 1 24  ? 8.40078   13.15953  -3.25813  1.000 32.65190 ? 24  SER A CA  1 
ATOM   157  C C   . SER A 1 24  ? 7.48420   13.37680  -4.45894  1.000 39.64422 ? 24  SER A C   1 
ATOM   158  O O   . SER A 1 24  ? 6.99261   12.42214  -5.07411  1.000 35.44014 ? 24  SER A O   1 
ATOM   159  C CB  . SER A 1 24  ? 9.82816   12.83774  -3.72298  1.000 35.43058 ? 24  SER A CB  1 
ATOM   160  O OG  . SER A 1 24  ? 9.86733   12.21970  -5.00153  1.000 40.40478 ? 24  SER A OG  1 
ATOM   161  N N   . ILE A 1 25  ? 7.24532   14.63675  -4.78476  1.000 40.80722 ? 25  ILE A N   1 
ATOM   162  C CA  . ILE A 1 25  ? 6.39341   15.00354  -5.89842  1.000 31.94206 ? 25  ILE A CA  1 
ATOM   163  C C   . ILE A 1 25  ? 7.23104   15.87823  -6.80130  1.000 30.37504 ? 25  ILE A C   1 
ATOM   164  O O   . ILE A 1 25  ? 7.54438   17.02234  -6.45501  1.000 33.81714 ? 25  ILE A O   1 
ATOM   165  C CB  . ILE A 1 25  ? 5.11539   15.71153  -5.43605  1.000 30.83349 ? 25  ILE A CB  1 
ATOM   166  C CG1 . ILE A 1 25  ? 4.24940   14.70230  -4.67436  1.000 26.74327 ? 25  ILE A CG1 1 
ATOM   167  C CG2 . ILE A 1 25  ? 4.36708   16.26542  -6.61263  1.000 21.17005 ? 25  ILE A CG2 1 
ATOM   168  C CD1 . ILE A 1 25  ? 3.05417   15.28157  -4.01553  1.000 19.67990 ? 25  ILE A CD1 1 
ATOM   169  N N   . ASN A 1 26  ? 7.61997   15.32885  -7.94427  1.000 32.86358 ? 26  ASN A N   1 
ATOM   170  C CA  . ASN A 1 26  ? 8.44154   16.04385  -8.91294  1.000 34.11326 ? 26  ASN A CA  1 
ATOM   171  C C   . ASN A 1 26  ? 9.78494   16.42788  -8.30178  1.000 36.61938 ? 26  ASN A C   1 
ATOM   172  O O   . ASN A 1 26  ? 10.31108  17.51749  -8.52871  1.000 36.67850 ? 26  ASN A O   1 
ATOM   173  C CB  . ASN A 1 26  ? 7.70971   17.26844  -9.46147  1.000 28.79900 ? 26  ASN A CB  1 
ATOM   174  C CG  . ASN A 1 26  ? 6.73026   16.91175  -10.55825 1.000 29.00020 ? 26  ASN A CG  1 
ATOM   175  O OD1 . ASN A 1 26  ? 6.76192   15.80882  -11.11109 1.000 35.83505 ? 26  ASN A OD1 1 
ATOM   176  N ND2 . ASN A 1 26  ? 5.84329   17.83475  -10.86966 1.000 28.14227 ? 26  ASN A ND2 1 
ATOM   177  N N   . GLY A 1 27  ? 10.34878  15.51259  -7.52718  1.000 38.05559 ? 27  GLY A N   1 
ATOM   178  C CA  . GLY A 1 27  ? 11.61981  15.75231  -6.89555  1.000 35.95122 ? 27  GLY A CA  1 
ATOM   179  C C   . GLY A 1 27  ? 11.56156  16.57774  -5.63567  1.000 40.78957 ? 27  GLY A C   1 
ATOM   180  O O   . GLY A 1 27  ? 12.61772  16.89739  -5.08521  1.000 50.13983 ? 27  GLY A O   1 
ATOM   181  N N   . GLU A 1 28  ? 10.37717  16.93861  -5.15245  1.000 36.68191 ? 28  GLU A N   1 
ATOM   182  C CA  . GLU A 1 28  ? 10.27512  17.74686  -3.94862  1.000 40.15557 ? 28  GLU A CA  1 
ATOM   183  C C   . GLU A 1 28  ? 9.57441   16.98986  -2.83791  1.000 44.89884 ? 28  GLU A C   1 
ATOM   184  O O   . GLU A 1 28  ? 8.60365   16.26510  -3.07191  1.000 46.63590 ? 28  GLU A O   1 
ATOM   185  C CB  . GLU A 1 28  ? 9.56619   19.06752  -4.21052  1.000 42.61264 ? 28  GLU A CB  1 
ATOM   186  C CG  . GLU A 1 28  ? 10.57886  20.19919  -4.30930  1.000 50.57786 ? 28  GLU A CG  1 
ATOM   187  C CD  . GLU A 1 28  ? 9.97648   21.49233  -4.80573  1.000 59.33694 ? 28  GLU A CD  1 
ATOM   188  O OE1 . GLU A 1 28  ? 9.84301   21.65785  -6.04147  1.000 54.21925 ? 28  GLU A OE1 1 
ATOM   189  O OE2 . GLU A 1 28  ? 9.63842   22.34288  -3.95597  1.000 54.87182 ? 28  GLU A OE2 1 
ATOM   190  N N   . ASP A 1 29  ? 10.08905  17.17353  -1.62803  1.000 51.13616 ? 29  ASP A N   1 
ATOM   191  C CA  . ASP A 1 29  ? 9.55139   16.50137  -0.46022  1.000 47.75974 ? 29  ASP A CA  1 
ATOM   192  C C   . ASP A 1 29  ? 8.12389   16.93868  -0.22897  1.000 45.96337 ? 29  ASP A C   1 
ATOM   193  O O   . ASP A 1 29  ? 7.82817   18.13624  -0.22396  1.000 54.75076 ? 29  ASP A O   1 
ATOM   194  C CB  . ASP A 1 29  ? 10.40947  16.82220  0.74887   1.000 50.80565 ? 29  ASP A CB  1 
ATOM   195  C CG  . ASP A 1 29  ? 11.64670  15.98272  0.78595   1.000 65.54204 ? 29  ASP A CG  1 
ATOM   196  O OD1 . ASP A 1 29  ? 11.53010  14.81337  1.20528   1.000 80.59817 ? 29  ASP A OD1 1 
ATOM   197  O OD2 . ASP A 1 29  ? 12.71699  16.46450  0.35241   1.000 66.47017 ? 29  ASP A OD2 1 
ATOM   198  N N   . ALA A 1 30  ? 7.23273   15.96514  -0.06514  1.000 39.11850 ? 30  ALA A N   1 
ATOM   199  C CA  . ALA A 1 30  ? 5.81396   16.25087  0.07141   1.000 45.02065 ? 30  ALA A CA  1 
ATOM   200  C C   . ALA A 1 30  ? 5.23994   15.76958  1.38564   1.000 41.21594 ? 30  ALA A C   1 
ATOM   201  O O   . ALA A 1 30  ? 4.05979   16.00927  1.65181   1.000 41.70390 ? 30  ALA A O   1 
ATOM   202  C CB  . ALA A 1 30  ? 5.01504   15.63104  -1.08297  1.000 41.70072 ? 30  ALA A CB  1 
ATOM   203  N N   . GLY A 1 31  ? 6.02394   15.10020  2.20718   1.000 35.17458 ? 31  GLY A N   1 
ATOM   204  C CA  . GLY A 1 31  ? 5.57483   14.70061  3.51796   1.000 32.61055 ? 31  GLY A CA  1 
ATOM   205  C C   . GLY A 1 31  ? 5.57208   13.19607  3.68303   1.000 35.91694 ? 31  GLY A C   1 
ATOM   206  O O   . GLY A 1 31  ? 5.93618   12.43356  2.78731   1.000 36.16807 ? 31  GLY A O   1 
ATOM   207  N N   . THR A 1 32  ? 5.13723   12.78187  4.86270   1.000 33.45753 ? 32  THR A N   1 
ATOM   208  C CA  . THR A 1 32  ? 5.18550   11.39220  5.27168   1.000 35.62260 ? 32  THR A CA  1 
ATOM   209  C C   . THR A 1 32  ? 3.76994   10.85119  5.41530   1.000 36.62276 ? 32  THR A C   1 
ATOM   210  O O   . THR A 1 32  ? 2.81818   11.59265  5.67186   1.000 37.09346 ? 32  THR A O   1 
ATOM   211  C CB  . THR A 1 32  ? 5.97752   11.26948  6.57085   1.000 36.95102 ? 32  THR A CB  1 
ATOM   212  O OG1 . THR A 1 32  ? 7.24350   11.91622  6.37114   1.000 36.68291 ? 32  THR A OG1 1 
ATOM   213  C CG2 . THR A 1 32  ? 6.20131   9.80497   6.97072   1.000 35.19192 ? 32  THR A CG2 1 
ATOM   214  N N   . ILE A 1 33  ? 3.62437   9.55873   5.17821   1.000 33.45623 ? 33  ILE A N   1 
ATOM   215  C CA  . ILE A 1 33  ? 2.35051   8.88072   5.35087   1.000 34.25030 ? 33  ILE A CA  1 
ATOM   216  C C   . ILE A 1 33  ? 2.62217   7.67341   6.22363   1.000 29.26612 ? 33  ILE A C   1 
ATOM   217  O O   . ILE A 1 33  ? 3.49445   6.86244   5.90029   1.000 30.96755 ? 33  ILE A O   1 
ATOM   218  C CB  . ILE A 1 33  ? 1.71952   8.45490   4.01355   1.000 36.13338 ? 33  ILE A CB  1 
ATOM   219  C CG1 . ILE A 1 33  ? 1.47767   9.67080   3.09944   1.000 34.10150 ? 33  ILE A CG1 1 
ATOM   220  C CG2 . ILE A 1 33  ? 0.42243   7.67737   4.27324   1.000 30.31339 ? 33  ILE A CG2 1 
ATOM   221  C CD1 . ILE A 1 33  ? 1.04029   9.27038   1.68128   1.000 31.30798 ? 33  ILE A CD1 1 
ATOM   222  N N   . LYS A 1 34  ? 1.91294   7.57184   7.33777   1.000 30.72245 ? 34  LYS A N   1 
ATOM   223  C CA  . LYS A 1 34  ? 2.10844   6.48458   8.27816   1.000 29.69407 ? 34  LYS A CA  1 
ATOM   224  C C   . LYS A 1 34  ? 0.95698   5.50230   8.16485   1.000 29.60602 ? 34  LYS A C   1 
ATOM   225  O O   . LYS A 1 34  ? -0.20947  5.89723   8.02651   1.000 27.39060 ? 34  LYS A O   1 
ATOM   226  C CB  . LYS A 1 34  ? 2.23468   7.01208   9.70912   1.000 36.16221 ? 34  LYS A CB  1 
ATOM   227  C CG  . LYS A 1 34  ? 3.61464   7.61905   10.02322  1.000 41.13340 ? 34  LYS A CG  1 
ATOM   228  C CD  . LYS A 1 34  ? 3.67306   8.24598   11.42670  1.000 55.69977 ? 34  LYS A CD  1 
ATOM   229  C CE  . LYS A 1 34  ? 4.67946   9.41408   11.51390  1.000 56.51565 ? 34  LYS A CE  1 
ATOM   230  N NZ  . LYS A 1 34  ? 4.75161   10.04743  12.87736  1.000 49.09529 ? 34  LYS A NZ  1 
ATOM   231  N N   . PHE A 1 35  ? 1.29650   4.21971   8.20789   1.000 28.28306 ? 35  PHE A N   1 
ATOM   232  C CA  . PHE A 1 35  ? 0.32930   3.15478   8.02716   1.000 26.46133 ? 35  PHE A CA  1 
ATOM   233  C C   . PHE A 1 35  ? 0.34736   2.26049   9.24913   1.000 28.37559 ? 35  PHE A C   1 
ATOM   234  O O   . PHE A 1 35  ? 1.40771   2.02703   9.83841   1.000 29.25613 ? 35  PHE A O   1 
ATOM   235  C CB  . PHE A 1 35  ? 0.64345   2.31429   6.78362   1.000 22.49321 ? 35  PHE A CB  1 
ATOM   236  C CG  . PHE A 1 35  ? 0.74442   3.11258   5.51562   1.000 27.10925 ? 35  PHE A CG  1 
ATOM   237  C CD1 . PHE A 1 35  ? -0.39485  3.49381   4.82210   1.000 26.35517 ? 35  PHE A CD1 1 
ATOM   238  C CD2 . PHE A 1 35  ? 1.97747   3.46305   5.00082   1.000 25.48436 ? 35  PHE A CD2 1 
ATOM   239  C CE1 . PHE A 1 35  ? -0.29610  4.21060   3.64823   1.000 24.09272 ? 35  PHE A CE1 1 
ATOM   240  C CE2 . PHE A 1 35  ? 2.07080   4.16598   3.82566   1.000 24.27342 ? 35  PHE A CE2 1 
ATOM   241  C CZ  . PHE A 1 35  ? 0.93572   4.54249   3.15353   1.000 21.80168 ? 35  PHE A CZ  1 
ATOM   242  N N   . GLY A 1 36  ? -0.81864  1.74173   9.61588   1.000 25.52453 ? 36  GLY A N   1 
ATOM   243  C CA  . GLY A 1 36  ? -0.91084  0.66102   10.57153  1.000 27.89734 ? 36  GLY A CA  1 
ATOM   244  C C   . GLY A 1 36  ? -1.41535  -0.59407  9.87683   1.000 28.72530 ? 36  GLY A C   1 
ATOM   245  O O   . GLY A 1 36  ? -2.41386  -0.54998  9.16122   1.000 25.04385 ? 36  GLY A O   1 
ATOM   246  N N   . LEU A 1 37  ? -0.69374  -1.69321  10.08106  1.000 29.73472 ? 37  LEU A N   1 
ATOM   247  C CA  . LEU A 1 37  ? -1.00602  -2.97309  9.46181   1.000 27.86311 ? 37  LEU A CA  1 
ATOM   248  C C   . LEU A 1 37  ? -1.78565  -3.85873  10.42229  1.000 31.32320 ? 37  LEU A C   1 
ATOM   249  O O   . LEU A 1 37  ? -1.56921  -3.82453  11.63535  1.000 32.44779 ? 37  LEU A O   1 
ATOM   250  C CB  . LEU A 1 37  ? 0.27022   -3.69582  9.03347   1.000 29.48121 ? 37  LEU A CB  1 
ATOM   251  C CG  . LEU A 1 37  ? 1.35070   -2.81035  8.40365   1.000 34.22807 ? 37  LEU A CG  1 
ATOM   252  C CD1 . LEU A 1 37  ? 2.49258   -3.70033  7.87537   1.000 30.70955 ? 37  LEU A CD1 1 
ATOM   253  C CD2 . LEU A 1 37  ? 0.76984   -1.88010  7.31083   1.000 24.22568 ? 37  LEU A CD2 1 
ATOM   254  N N   . PHE A 1 38  ? -2.68815  -4.66513  9.86688   1.000 26.80930 ? 38  PHE A N   1 
ATOM   255  C CA  . PHE A 1 38  ? -3.54621  -5.53079  10.66845  1.000 25.45779 ? 38  PHE A CA  1 
ATOM   256  C C   . PHE A 1 38  ? -2.92987  -6.92505  10.74407  1.000 26.63393 ? 38  PHE A C   1 
ATOM   257  O O   . PHE A 1 38  ? -3.47643  -7.92066  10.26540  1.000 25.63007 ? 38  PHE A O   1 
ATOM   258  C CB  . PHE A 1 38  ? -4.95926  -5.56299  10.08854  1.000 30.66468 ? 38  PHE A CB  1 
ATOM   259  C CG  . PHE A 1 38  ? -5.58167  -4.19291  9.90087   1.000 27.47291 ? 38  PHE A CG  1 
ATOM   260  C CD1 . PHE A 1 38  ? -5.47409  -3.22136  10.88459  1.000 28.26330 ? 38  PHE A CD1 1 
ATOM   261  C CD2 . PHE A 1 38  ? -6.29850  -3.89042  8.74615   1.000 26.34119 ? 38  PHE A CD2 1 
ATOM   262  C CE1 . PHE A 1 38  ? -6.06847  -1.95659  10.71192  1.000 28.98872 ? 38  PHE A CE1 1 
ATOM   263  C CE2 . PHE A 1 38  ? -6.88416  -2.63143  8.55608   1.000 25.16436 ? 38  PHE A CE2 1 
ATOM   264  C CZ  . PHE A 1 38  ? -6.76665  -1.66469  9.54100   1.000 27.16579 ? 38  PHE A CZ  1 
ATOM   265  N N   . GLY A 1 39  ? -1.76546  -6.97974  11.39421  1.000 29.59585 ? 39  GLY A N   1 
ATOM   266  C CA  . GLY A 1 39  ? -0.98317  -8.20786  11.42472  1.000 32.10622 ? 39  GLY A CA  1 
ATOM   267  C C   . GLY A 1 39  ? -1.66859  -9.37248  12.10997  1.000 37.60303 ? 39  GLY A C   1 
ATOM   268  O O   . GLY A 1 39  ? -1.33557  -10.53459 11.83231  1.000 32.18949 ? 39  GLY A O   1 
ATOM   269  N N   . ASP A 1 40  ? -2.62708  -9.09184  12.99391  1.000 39.25091 ? 40  ASP A N   1 
ATOM   270  C CA  . ASP A 1 40  ? -3.35012  -10.18014 13.63333  1.000 39.31129 ? 40  ASP A CA  1 
ATOM   271  C C   . ASP A 1 40  ? -4.32976  -10.84889 12.68581  1.000 40.85585 ? 40  ASP A C   1 
ATOM   272  O O   . ASP A 1 40  ? -4.62074  -12.04558 12.83447  1.000 41.83029 ? 40  ASP A O   1 
ATOM   273  C CB  . ASP A 1 40  ? -4.08676  -9.66193  14.84870  1.000 41.59377 ? 40  ASP A CB  1 
ATOM   274  C CG  . ASP A 1 40  ? -3.24055  -9.70354  16.07316  1.000 47.81495 ? 40  ASP A CG  1 
ATOM   275  O OD1 . ASP A 1 40  ? -2.04105  -10.04774 15.94787  1.000 51.50209 ? 40  ASP A OD1 1 
ATOM   276  O OD2 . ASP A 1 40  ? -3.77117  -9.38006  17.15297  1.000 47.70306 ? 40  ASP A OD2 1 
ATOM   277  N N   . ASP A 1 41  ? -4.84134  -10.10315 11.71216  1.000 33.94049 ? 41  ASP A N   1 
ATOM   278  C CA  . ASP A 1 41  ? -5.93029  -10.57837 10.87547  1.000 33.56852 ? 41  ASP A CA  1 
ATOM   279  C C   . ASP A 1 41  ? -5.46070  -11.04104 9.50952   1.000 34.01948 ? 41  ASP A C   1 
ATOM   280  O O   . ASP A 1 41  ? -5.93948  -12.06122 9.00914   1.000 34.33459 ? 41  ASP A O   1 
ATOM   281  C CB  . ASP A 1 41  ? -6.97475  -9.46899  10.72797  1.000 34.65284 ? 41  ASP A CB  1 
ATOM   282  C CG  . ASP A 1 41  ? -7.59162  -9.08862  12.05007  1.000 36.46309 ? 41  ASP A CG  1 
ATOM   283  O OD1 . ASP A 1 41  ? -8.60947  -9.71669  12.41027  1.000 37.60246 ? 41  ASP A OD1 1 
ATOM   284  O OD2 . ASP A 1 41  ? -7.04415  -8.19082  12.73568  1.000 36.25349 ? 41  ASP A OD2 1 
ATOM   285  N N   . VAL A 1 42  ? -4.54148  -10.30073 8.90017   1.000 33.25387 ? 42  VAL A N   1 
ATOM   286  C CA  . VAL A 1 42  ? -3.88141  -10.69642 7.66128   1.000 34.56853 ? 42  VAL A CA  1 
ATOM   287  C C   . VAL A 1 42  ? -2.37715  -10.64231 7.90027   1.000 33.22438 ? 42  VAL A C   1 
ATOM   288  O O   . VAL A 1 42  ? -1.72499  -9.67310  7.49557   1.000 36.03420 ? 42  VAL A O   1 
ATOM   289  C CB  . VAL A 1 42  ? -4.29900  -9.79782  6.48814   1.000 30.50354 ? 42  VAL A CB  1 
ATOM   290  C CG1 . VAL A 1 42  ? -5.61508  -10.26545 5.91138   1.000 29.00220 ? 42  VAL A CG1 1 
ATOM   291  C CG2 . VAL A 1 42  ? -4.40828  -8.36135  6.95975   1.000 30.87764 ? 42  VAL A CG2 1 
ATOM   292  N N   . PRO A 1 43  ? -1.79084  -11.63761 8.56316   1.000 34.40005 ? 43  PRO A N   1 
ATOM   293  C CA  . PRO A 1 43  ? -0.36182  -11.55839 8.91275   1.000 33.98016 ? 43  PRO A CA  1 
ATOM   294  C C   . PRO A 1 43  ? 0.58362   -11.66073 7.72108   1.000 31.83960 ? 43  PRO A C   1 
ATOM   295  O O   . PRO A 1 43  ? 1.53954   -10.88417 7.61978   1.000 31.30727 ? 43  PRO A O   1 
ATOM   296  C CB  . PRO A 1 43  ? -0.17337  -12.74330 9.87285   1.000 34.62334 ? 43  PRO A CB  1 
ATOM   297  C CG  . PRO A 1 43  ? -1.31853  -13.66479 9.57312   1.000 34.53019 ? 43  PRO A CG  1 
ATOM   298  C CD  . PRO A 1 43  ? -2.46152  -12.77060 9.21867   1.000 29.22757 ? 43  PRO A CD  1 
ATOM   299  N N   . LYS A 1 44  ? 0.35622   -12.62497 6.82809   1.000 28.29287 ? 44  LYS A N   1 
ATOM   300  C CA  . LYS A 1 44  ? 1.23285   -12.74997 5.66651   1.000 36.11275 ? 44  LYS A CA  1 
ATOM   301  C C   . LYS A 1 44  ? 1.16911   -11.49784 4.79412   1.000 35.52222 ? 44  LYS A C   1 
ATOM   302  O O   . LYS A 1 44  ? 2.18271   -11.06323 4.23579   1.000 33.48729 ? 44  LYS A O   1 
ATOM   303  C CB  . LYS A 1 44  ? 0.86510   -13.99551 4.85721   1.000 38.57354 ? 44  LYS A CB  1 
ATOM   304  C CG  . LYS A 1 44  ? 0.83088   -15.27466 5.70100   1.000 43.27669 ? 44  LYS A CG  1 
ATOM   305  C CD  . LYS A 1 44  ? 0.28389   -16.48272 4.92802   1.000 45.23399 ? 44  LYS A CD  1 
ATOM   306  C CE  . LYS A 1 44  ? 0.24727   -17.71322 5.82131   1.000 37.39402 ? 44  LYS A CE  1 
ATOM   307  N NZ  . LYS A 1 44  ? 1.66263   -18.19722 6.00038   1.000 45.89180 ? 44  LYS A NZ  1 
ATOM   308  N N   . THR A 1 45  ? -0.00890  -10.88169 4.69382   1.000 35.21759 ? 45  THR A N   1 
ATOM   309  C CA  . THR A 1 45  ? -0.13459  -9.68344  3.88030   1.000 31.92358 ? 45  THR A CA  1 
ATOM   310  C C   . THR A 1 45  ? 0.50743   -8.49183  4.57518   1.000 28.76598 ? 45  THR A C   1 
ATOM   311  O O   . THR A 1 45  ? 1.11805   -7.64283  3.92484   1.000 34.63721 ? 45  THR A O   1 
ATOM   312  C CB  . THR A 1 45  ? -1.61289  -9.42648  3.56853   1.000 34.11681 ? 45  THR A CB  1 
ATOM   313  O OG1 . THR A 1 45  ? -2.22628  -10.63906 3.10430   1.000 32.36479 ? 45  THR A OG1 1 
ATOM   314  C CG2 . THR A 1 45  ? -1.77102  -8.35412  2.50046   1.000 26.22655 ? 45  THR A CG2 1 
ATOM   315  N N   . ALA A 1 46  ? 0.40420   -8.41818  5.89592   1.000 27.90779 ? 46  ALA A N   1 
ATOM   316  C CA  . ALA A 1 46  ? 1.02470   -7.30829  6.60596   1.000 29.23544 ? 46  ALA A CA  1 
ATOM   317  C C   . ALA A 1 46  ? 2.53421   -7.46852  6.63068   1.000 28.75384 ? 46  ALA A C   1 
ATOM   318  O O   . ALA A 1 46  ? 3.27939   -6.48693  6.51582   1.000 32.65636 ? 46  ALA A O   1 
ATOM   319  C CB  . ALA A 1 46  ? 0.46250   -7.21119  8.02649   1.000 29.12154 ? 46  ALA A CB  1 
ATOM   320  N N   . GLU A 1 47  ? 3.00268   -8.70249  6.76352   1.000 26.71744 ? 47  GLU A N   1 
ATOM   321  C CA  . GLU A 1 47  ? 4.43644   -8.93400  6.78964   1.000 29.75390 ? 47  GLU A CA  1 
ATOM   322  C C   . GLU A 1 47  ? 5.06525   -8.62250  5.43905   1.000 28.44420 ? 47  GLU A C   1 
ATOM   323  O O   . GLU A 1 47  ? 6.09346   -7.94398  5.36974   1.000 27.56469 ? 47  GLU A O   1 
ATOM   324  C CB  . GLU A 1 47  ? 4.71268   -10.37547 7.21936   1.000 33.78517 ? 47  GLU A CB  1 
ATOM   325  C CG  . GLU A 1 47  ? 6.16312   -10.80466 7.10553   1.000 26.14931 ? 47  GLU A CG  1 
ATOM   326  C CD  . GLU A 1 47  ? 7.10613   -9.95453  7.93394   1.000 29.15267 ? 47  GLU A CD  1 
ATOM   327  O OE1 . GLU A 1 47  ? 6.64378   -9.22415  8.84347   1.000 28.09008 ? 47  GLU A OE1 1 
ATOM   328  O OE2 . GLU A 1 47  ? 8.32741   -10.00311 7.65081   1.000 35.69078 ? 47  GLU A OE2 1 
ATOM   329  N N   . ASN A 1 48  ? 4.45322   -9.09675  4.35645   1.000 29.89839 ? 48  ASN A N   1 
ATOM   330  C CA  . ASN A 1 48  ? 4.92050   -8.74501  3.01871   1.000 30.51436 ? 48  ASN A CA  1 
ATOM   331  C C   . ASN A 1 48  ? 5.11674   -7.24114  2.89211   1.000 32.24158 ? 48  ASN A C   1 
ATOM   332  O O   . ASN A 1 48  ? 6.19550   -6.76919  2.50795   1.000 30.01688 ? 48  ASN A O   1 
ATOM   333  C CB  . ASN A 1 48  ? 3.91882   -9.24432  1.96520   1.000 29.74825 ? 48  ASN A CB  1 
ATOM   334  C CG  . ASN A 1 48  ? 4.34190   -8.90421  0.54957   1.000 27.19020 ? 48  ASN A CG  1 
ATOM   335  O OD1 . ASN A 1 48  ? 5.45503   -9.21314  0.14157   1.000 34.31129 ? 48  ASN A OD1 1 
ATOM   336  N ND2 . ASN A 1 48  ? 3.46111   -8.28563  -0.20258  1.000 19.23729 ? 48  ASN A ND2 1 
ATOM   337  N N   . PHE A 1 49  ? 4.07586   -6.47116  3.23327   1.000 26.55933 ? 49  PHE A N   1 
ATOM   338  C CA  . PHE A 1 49  ? 4.13002   -5.02899  3.04330   1.000 28.47174 ? 49  PHE A CA  1 
ATOM   339  C C   . PHE A 1 49  ? 5.19360   -4.39190  3.93443   1.000 30.41221 ? 49  PHE A C   1 
ATOM   340  O O   . PHE A 1 49  ? 5.83376   -3.40836  3.53822   1.000 30.66634 ? 49  PHE A O   1 
ATOM   341  C CB  . PHE A 1 49  ? 2.74190   -4.43311  3.31162   1.000 24.34848 ? 49  PHE A CB  1 
ATOM   342  C CG  . PHE A 1 49  ? 2.63330   -2.97182  3.01910   1.000 21.35003 ? 49  PHE A CG  1 
ATOM   343  C CD1 . PHE A 1 49  ? 2.35109   -2.52368  1.73836   1.000 23.10345 ? 49  PHE A CD1 1 
ATOM   344  C CD2 . PHE A 1 49  ? 2.78972   -2.03879  4.02903   1.000 22.40011 ? 49  PHE A CD2 1 
ATOM   345  C CE1 . PHE A 1 49  ? 2.23143   -1.15838  1.47292   1.000 22.18389 ? 49  PHE A CE1 1 
ATOM   346  C CE2 . PHE A 1 49  ? 2.67361   -0.68235  3.77250   1.000 21.91249 ? 49  PHE A CE2 1 
ATOM   347  C CZ  . PHE A 1 49  ? 2.40002   -0.24126  2.49863   1.000 21.26222 ? 49  PHE A CZ  1 
ATOM   348  N N   . ARG A 1 50  ? 5.40342   -4.94832  5.12593   1.000 27.89853 ? 50  ARG A N   1 
ATOM   349  C CA  . ARG A 1 50  ? 6.33000   -4.35179  6.07982   1.000 31.02588 ? 50  ARG A CA  1 
ATOM   350  C C   . ARG A 1 50  ? 7.77580   -4.54293  5.63389   1.000 29.67463 ? 50  ARG A C   1 
ATOM   351  O O   . ARG A 1 50  ? 8.56372   -3.58871  5.61219   1.000 30.04610 ? 50  ARG A O   1 
ATOM   352  C CB  . ARG A 1 50  ? 6.08756   -4.96601  7.45611   1.000 27.49126 ? 50  ARG A CB  1 
ATOM   353  C CG  . ARG A 1 50  ? 6.83582   -4.34821  8.59257   1.000 26.52082 ? 50  ARG A CG  1 
ATOM   354  C CD  . ARG A 1 50  ? 7.02175   -5.40343  9.69265   1.000 29.37062 ? 50  ARG A CD  1 
ATOM   355  N NE  . ARG A 1 50  ? 7.73090   -6.56463  9.17755   1.000 26.41504 ? 50  ARG A NE  1 
ATOM   356  C CZ  . ARG A 1 50  ? 9.05378   -6.60625  9.04361   1.000 29.67343 ? 50  ARG A CZ  1 
ATOM   357  N NH1 . ARG A 1 50  ? 9.78779   -5.55555  9.39334   1.000 28.77962 ? 50  ARG A NH1 1 
ATOM   358  N NH2 . ARG A 1 50  ? 9.64355   -7.67727  8.53916   1.000 27.32055 ? 50  ARG A NH2 1 
ATOM   359  N N   . ALA A 1 51  ? 8.14020   -5.77510  5.26980   1.000 29.55037 ? 51  ALA A N   1 
ATOM   360  C CA  . ALA A 1 51  ? 9.47504   -6.05588  4.75043   1.000 27.94779 ? 51  ALA A CA  1 
ATOM   361  C C   . ALA A 1 51  ? 9.72684   -5.39891  3.39070   1.000 34.68172 ? 51  ALA A C   1 
ATOM   362  O O   . ALA A 1 51  ? 10.88559  -5.30004  2.96181   1.000 36.83925 ? 51  ALA A O   1 
ATOM   363  C CB  . ALA A 1 51  ? 9.68386   -7.56991  4.66263   1.000 25.36502 ? 51  ALA A CB  1 
ATOM   364  N N   . LEU A 1 52  ? 8.68017   -4.96248  2.68504   1.000 32.39493 ? 52  LEU A N   1 
ATOM   365  C CA  . LEU A 1 52  ? 8.94299   -4.14624  1.50979   1.000 32.43925 ? 52  LEU A CA  1 
ATOM   366  C C   . LEU A 1 52  ? 9.21661   -2.69501  1.87497   1.000 31.65561 ? 52  LEU A C   1 
ATOM   367  O O   . LEU A 1 52  ? 9.82179   -1.97634  1.07419   1.000 31.38444 ? 52  LEU A O   1 
ATOM   368  C CB  . LEU A 1 52  ? 7.78919   -4.24315  0.50919   1.000 27.16553 ? 52  LEU A CB  1 
ATOM   369  C CG  . LEU A 1 52  ? 7.64164   -5.65912  -0.07306  1.000 30.86899 ? 52  LEU A CG  1 
ATOM   370  C CD1 . LEU A 1 52  ? 6.48870   -5.81714  -1.08305  1.000 21.92170 ? 52  LEU A CD1 1 
ATOM   371  C CD2 . LEU A 1 52  ? 8.96588   -6.11499  -0.66938  1.000 27.44997 ? 52  LEU A CD2 1 
ATOM   372  N N   . CYS A 1 53  ? 8.79971   -2.25186  3.06393   1.000 26.93489 ? 53  CYS A N   1 
ATOM   373  C CA  . CYS A 1 53  ? 9.14460   -0.90628  3.50758   1.000 27.84277 ? 53  CYS A CA  1 
ATOM   374  C C   . CYS A 1 53  ? 10.54557  -0.83949  4.07986   1.000 29.36780 ? 53  CYS A C   1 
ATOM   375  O O   . CYS A 1 53  ? 11.16385  0.22677   4.06876   1.000 29.10535 ? 53  CYS A O   1 
ATOM   376  C CB  . CYS A 1 53  ? 8.17602   -0.42024  4.57689   1.000 32.00321 ? 53  CYS A CB  1 
ATOM   377  S SG  . CYS A 1 53  ? 6.50039   -0.27651  4.03316   1.000 24.82875 ? 53  CYS A SG  1 
ATOM   378  N N   . THR A 1 54  ? 11.04217  -1.95168  4.61603   1.000 34.33276 ? 54  THR A N   1 
ATOM   379  C CA  . THR A 1 54  ? 12.39502  -2.00564  5.15257   1.000 32.37833 ? 54  THR A CA  1 
ATOM   380  C C   . THR A 1 54  ? 13.42995  -2.35154  4.09951   1.000 31.95918 ? 54  THR A C   1 
ATOM   381  O O   . THR A 1 54  ? 14.55356  -1.84646  4.16544   1.000 39.35081 ? 54  THR A O   1 
ATOM   382  C CB  . THR A 1 54  ? 12.48366  -3.04610  6.26013   1.000 29.12750 ? 54  THR A CB  1 
ATOM   383  O OG1 . THR A 1 54  ? 12.24984  -4.32949  5.68192   1.000 31.73582 ? 54  THR A OG1 1 
ATOM   384  C CG2 . THR A 1 54  ? 11.44825  -2.77341  7.33053   1.000 27.81326 ? 54  THR A CG2 1 
ATOM   385  N N   . GLY A 1 55  ? 13.07091  -3.18833  3.12671   1.000 32.36881 ? 55  GLY A N   1 
ATOM   386  C CA  . GLY A 1 55  ? 14.01550  -3.74915  2.18924   1.000 30.72209 ? 55  GLY A CA  1 
ATOM   387  C C   . GLY A 1 55  ? 14.82630  -4.88095  2.76118   1.000 30.42744 ? 55  GLY A C   1 
ATOM   388  O O   . GLY A 1 55  ? 15.73728  -5.38063  2.08776   1.000 30.51307 ? 55  GLY A O   1 
ATOM   389  N N   . GLU A 1 56  ? 14.50231  -5.31203  3.97758   1.000 30.85062 ? 56  GLU A N   1 
ATOM   390  C CA  . GLU A 1 56  ? 15.33570  -6.24792  4.71069   1.000 29.33992 ? 56  GLU A CA  1 
ATOM   391  C C   . GLU A 1 56  ? 15.48559  -7.58439  4.00786   1.000 35.71042 ? 56  GLU A C   1 
ATOM   392  O O   . GLU A 1 56  ? 16.39162  -8.35144  4.34693   1.000 42.53226 ? 56  GLU A O   1 
ATOM   393  C CB  . GLU A 1 56  ? 14.73869  -6.46932  6.08357   1.000 30.12288 ? 56  GLU A CB  1 
ATOM   394  C CG  . GLU A 1 56  ? 13.57388  -7.40880  6.03777   1.000 29.46689 ? 56  GLU A CG  1 
ATOM   395  C CD  . GLU A 1 56  ? 12.74247  -7.34535  7.29127   1.000 35.08099 ? 56  GLU A CD  1 
ATOM   396  O OE1 . GLU A 1 56  ? 12.43768  -6.20246  7.72943   1.000 27.27920 ? 56  GLU A OE1 1 
ATOM   397  O OE2 . GLU A 1 56  ? 12.40288  -8.44070  7.82737   1.000 35.32842 ? 56  GLU A OE2 1 
ATOM   398  N N   . LYS A 1 57  ? 14.62076  -7.89655  3.05599   1.000 39.73686 ? 57  LYS A N   1 
ATOM   399  C CA  . LYS A 1 57  ? 14.68443  -9.18834  2.39568   1.000 36.75606 ? 57  LYS A CA  1 
ATOM   400  C C   . LYS A 1 57  ? 15.63937  -9.19360  1.21113   1.000 38.57760 ? 57  LYS A C   1 
ATOM   401  O O   . LYS A 1 57  ? 15.79745  -10.23218 0.56105   1.000 45.82681 ? 57  LYS A O   1 
ATOM   402  C CB  . LYS A 1 57  ? 13.28661  -9.61131  1.95701   1.000 35.09630 ? 57  LYS A CB  1 
ATOM   403  C CG  . LYS A 1 57  ? 12.33422  -9.80661  3.11463   1.000 38.39105 ? 57  LYS A CG  1 
ATOM   404  C CD  . LYS A 1 57  ? 12.67558  -11.06519 3.87870   1.000 39.42025 ? 57  LYS A CD  1 
ATOM   405  C CE  . LYS A 1 57  ? 12.09815  -11.03640 5.27857   1.000 34.71600 ? 57  LYS A CE  1 
ATOM   406  N NZ  . LYS A 1 57  ? 11.34156  -12.29206 5.50926   1.000 43.87372 ? 57  LYS A NZ  1 
ATOM   407  N N   . GLY A 1 58  ? 16.28636  -8.07238  0.91953   1.000 34.94373 ? 58  GLY A N   1 
ATOM   408  C CA  . GLY A 1 58  ? 17.27274  -8.08931  -0.14142  1.000 40.60361 ? 58  GLY A CA  1 
ATOM   409  C C   . GLY A 1 58  ? 16.63947  -8.15091  -1.51847  1.000 37.43492 ? 58  GLY A C   1 
ATOM   410  O O   . GLY A 1 58  ? 15.62014  -7.50770  -1.79339  1.000 41.74626 ? 58  GLY A O   1 
ATOM   411  N N   . MET A 1 59  ? 17.24811  -8.95333  -2.38943  1.000 38.54520 ? 59  MET A N   1 
ATOM   412  C CA  . MET A 1 59  ? 17.01584  -8.92287  -3.83102  1.000 37.78343 ? 59  MET A CA  1 
ATOM   413  C C   . MET A 1 59  ? 16.03946  -10.02091 -4.22266  1.000 38.52883 ? 59  MET A C   1 
ATOM   414  O O   . MET A 1 59  ? 16.19253  -11.17164 -3.80536  1.000 45.63472 ? 59  MET A O   1 
ATOM   415  C CB  . MET A 1 59  ? 18.34192  -9.10999  -4.58411  1.000 34.75282 ? 59  MET A CB  1 
ATOM   416  C CG  . MET A 1 59  ? 18.34352  -8.69739  -6.04855  1.000 35.56242 ? 59  MET A CG  1 
ATOM   417  S SD  . MET A 1 59  ? 18.57232  -6.90933  -6.27517  1.000 41.35903 ? 59  MET A SD  1 
ATOM   418  C CE  . MET A 1 59  ? 19.16051  -6.41334  -4.65643  1.000 28.72947 ? 59  MET A CE  1 
ATOM   419  N N   . GLY A 1 60  ? 15.05588  -9.67838  -5.04072  1.000 37.50362 ? 60  GLY A N   1 
ATOM   420  C CA  . GLY A 1 60  ? 14.04144  -10.63798 -5.40515  1.000 33.65127 ? 60  GLY A CA  1 
ATOM   421  C C   . GLY A 1 60  ? 14.46157  -11.51040 -6.56385  1.000 34.40103 ? 60  GLY A C   1 
ATOM   422  O O   . GLY A 1 60  ? 15.51354  -11.33559 -7.17305  1.000 34.80025 ? 60  GLY A O   1 
ATOM   423  N N   . LYS A 1 61  ? 13.58545  -12.46474 -6.88874  1.000 38.42926 ? 61  LYS A N   1 
ATOM   424  C CA  . LYS A 1 61  ? 13.82665  -13.35101 -8.01846  1.000 33.46509 ? 61  LYS A CA  1 
ATOM   425  C C   . LYS A 1 61  ? 13.87395  -12.59576 -9.32710  1.000 31.93543 ? 61  LYS A C   1 
ATOM   426  O O   . LYS A 1 61  ? 14.35325  -13.14140 -10.32549 1.000 31.90528 ? 61  LYS A O   1 
ATOM   427  C CB  . LYS A 1 61  ? 12.74550  -14.43229 -8.10696  1.000 35.38647 ? 61  LYS A CB  1 
ATOM   428  C CG  . LYS A 1 61  ? 12.43430  -15.12546 -6.79803  1.000 37.46635 ? 61  LYS A CG  1 
ATOM   429  C CD  . LYS A 1 61  ? 13.63040  -15.91037 -6.31792  1.000 35.54820 ? 61  LYS A CD  1 
ATOM   430  C CE  . LYS A 1 61  ? 13.25363  -16.88441 -5.22593  1.000 36.86508 ? 61  LYS A CE  1 
ATOM   431  N NZ  . LYS A 1 61  ? 12.50877  -18.05142 -5.77639  1.000 44.21176 ? 61  LYS A NZ  1 
ATOM   432  N N   . LEU A 1 62  ? 13.38119  -11.36406 -9.35209  1.000 30.98514 ? 62  LEU A N   1 
ATOM   433  C CA  . LEU A 1 62  ? 13.28166  -10.60638 -10.58553 1.000 32.08106 ? 62  LEU A CA  1 
ATOM   434  C C   . LEU A 1 62  ? 14.41589  -9.61368  -10.77034 1.000 33.95126 ? 62  LEU A C   1 
ATOM   435  O O   . LEU A 1 62  ? 14.37554  -8.81870  -11.71284 1.000 31.97923 ? 62  LEU A O   1 
ATOM   436  C CB  . LEU A 1 62  ? 11.93912  -9.88735  -10.64438 1.000 34.10431 ? 62  LEU A CB  1 
ATOM   437  C CG  . LEU A 1 62  ? 10.77002  -10.85362 -10.62065 1.000 35.05743 ? 62  LEU A CG  1 
ATOM   438  C CD1 . LEU A 1 62  ? 9.46919   -10.09459 -10.61844 1.000 34.84183 ? 62  LEU A CD1 1 
ATOM   439  C CD2 . LEU A 1 62  ? 10.86725  -11.75397 -11.83943 1.000 34.06900 ? 62  LEU A CD2 1 
ATOM   440  N N   . GLY A 1 63  ? 15.41544  -9.62964  -9.89542  1.000 33.01481 ? 63  GLY A N   1 
ATOM   441  C CA  . GLY A 1 63  ? 16.56586  -8.78360  -10.10618 1.000 31.53967 ? 63  GLY A CA  1 
ATOM   442  C C   . GLY A 1 63  ? 16.40483  -7.36495  -9.63319  1.000 35.24865 ? 63  GLY A C   1 
ATOM   443  O O   . GLY A 1 63  ? 17.21046  -6.50254  -10.00610 1.000 40.90714 ? 63  GLY A O   1 
ATOM   444  N N   . LYS A 1 64  ? 15.39113  -7.08947  -8.82630  1.000 35.33956 ? 64  LYS A N   1 
ATOM   445  C CA  . LYS A 1 64  ? 15.23830  -5.80576  -8.16390  1.000 32.86815 ? 64  LYS A CA  1 
ATOM   446  C C   . LYS A 1 64  ? 15.18717  -5.98437  -6.65065  1.000 34.69544 ? 64  LYS A C   1 
ATOM   447  O O   . LYS A 1 64  ? 14.91727  -7.08648  -6.15059  1.000 33.00153 ? 64  LYS A O   1 
ATOM   448  C CB  . LYS A 1 64  ? 13.96561  -5.09283  -8.64236  1.000 36.22492 ? 64  LYS A CB  1 
ATOM   449  C CG  . LYS A 1 64  ? 13.92305  -4.84953  -10.12631 1.000 38.51772 ? 64  LYS A CG  1 
ATOM   450  C CD  . LYS A 1 64  ? 15.09303  -3.99136  -10.56930 1.000 39.69307 ? 64  LYS A CD  1 
ATOM   451  C CE  . LYS A 1 64  ? 15.56080  -4.42725  -11.94828 1.000 42.18033 ? 64  LYS A CE  1 
ATOM   452  N NZ  . LYS A 1 64  ? 14.48822  -4.25906  -12.96484 1.000 40.25600 ? 64  LYS A NZ  1 
ATOM   453  N N   . PRO A 1 65  ? 15.47010  -4.92409  -5.88864  1.000 35.14283 ? 65  PRO A N   1 
ATOM   454  C CA  . PRO A 1 65  ? 15.25587  -4.98385  -4.43921  1.000 29.12202 ? 65  PRO A CA  1 
ATOM   455  C C   . PRO A 1 65  ? 13.79826  -5.26061  -4.11911  1.000 34.89754 ? 65  PRO A C   1 
ATOM   456  O O   . PRO A 1 65  ? 12.88835  -4.74473  -4.77497  1.000 31.36006 ? 65  PRO A O   1 
ATOM   457  C CB  . PRO A 1 65  ? 15.66576  -3.58720  -3.95535  1.000 24.01295 ? 65  PRO A CB  1 
ATOM   458  C CG  . PRO A 1 65  ? 16.53414  -3.05650  -4.99601  1.000 26.93926 ? 65  PRO A CG  1 
ATOM   459  C CD  . PRO A 1 65  ? 16.08648  -3.65306  -6.30101  1.000 27.31498 ? 65  PRO A CD  1 
ATOM   460  N N   . LEU A 1 66  ? 13.58564  -6.09492  -3.10207  1.000 34.95314 ? 66  LEU A N   1 
ATOM   461  C CA  . LEU A 1 66  ? 12.28980  -6.21260  -2.43925  1.000 29.29768 ? 66  LEU A CA  1 
ATOM   462  C C   . LEU A 1 66  ? 12.15577  -5.02954  -1.48421  1.000 33.32584 ? 66  LEU A C   1 
ATOM   463  O O   . LEU A 1 66  ? 12.39686  -5.13297  -0.27666  1.000 39.34373 ? 66  LEU A O   1 
ATOM   464  C CB  . LEU A 1 66  ? 12.19995  -7.54203  -1.70947  1.000 35.70749 ? 66  LEU A CB  1 
ATOM   465  C CG  . LEU A 1 66  ? 12.29401  -8.79970  -2.56711  1.000 37.36416 ? 66  LEU A CG  1 
ATOM   466  C CD1 . LEU A 1 66  ? 12.09305  -10.01150 -1.67982  1.000 38.61113 ? 66  LEU A CD1 1 
ATOM   467  C CD2 . LEU A 1 66  ? 11.24947  -8.78810  -3.68304  1.000 34.20932 ? 66  LEU A CD2 1 
ATOM   468  N N   . HIS A 1 67  ? 11.77299  -3.87623  -2.04155  1.000 27.17407 ? 67  HIS A N   1 
ATOM   469  C CA  . HIS A 1 67  ? 11.93075  -2.60217  -1.33325  1.000 30.21049 ? 67  HIS A CA  1 
ATOM   470  C C   . HIS A 1 67  ? 11.08480  -1.54545  -2.02509  1.000 28.70618 ? 67  HIS A C   1 
ATOM   471  O O   . HIS A 1 67  ? 11.26700  -1.30611  -3.21949  1.000 31.56432 ? 67  HIS A O   1 
ATOM   472  C CB  . HIS A 1 67  ? 13.41051  -2.17965  -1.31636  1.000 28.89748 ? 67  HIS A CB  1 
ATOM   473  C CG  . HIS A 1 67  ? 13.74339  -1.10573  -0.32255  1.000 29.79801 ? 67  HIS A CG  1 
ATOM   474  N ND1 . HIS A 1 67  ? 12.95267  -0.82196  0.76855   1.000 34.90131 ? 67  HIS A ND1 1 
ATOM   475  C CD2 . HIS A 1 67  ? 14.79355  -0.25086  -0.25381  1.000 29.94642 ? 67  HIS A CD2 1 
ATOM   476  C CE1 . HIS A 1 67  ? 13.49784  0.16028   1.46574   1.000 31.09704 ? 67  HIS A CE1 1 
ATOM   477  N NE2 . HIS A 1 67  ? 14.60724  0.53560   0.85758   1.000 26.08328 ? 67  HIS A NE2 1 
ATOM   478  N N   . TYR A 1 68  ? 10.18310  -0.89839  -1.27693  1.000 25.74169 ? 68  TYR A N   1 
ATOM   479  C CA  . TYR A 1 68  ? 9.27977   0.08882   -1.85748  1.000 22.75820 ? 68  TYR A CA  1 
ATOM   480  C C   . TYR A 1 68  ? 9.99019   1.35686   -2.26451  1.000 24.94102 ? 68  TYR A C   1 
ATOM   481  O O   . TYR A 1 68  ? 9.45330   2.10658   -3.08572  1.000 26.82043 ? 68  TYR A O   1 
ATOM   482  C CB  . TYR A 1 68  ? 8.16263   0.45297   -0.87671  1.000 24.13743 ? 68  TYR A CB  1 
ATOM   483  C CG  . TYR A 1 68  ? 7.00926   -0.49917  -0.96876  1.000 27.37331 ? 68  TYR A CG  1 
ATOM   484  C CD1 . TYR A 1 68  ? 6.52274   -0.90283  -2.21761  1.000 20.50864 ? 68  TYR A CD1 1 
ATOM   485  C CD2 . TYR A 1 68  ? 6.42790   -1.03023  0.17634   1.000 25.19703 ? 68  TYR A CD2 1 
ATOM   486  C CE1 . TYR A 1 68  ? 5.49266   -1.79903  -2.32266  1.000 21.51145 ? 68  TYR A CE1 1 
ATOM   487  C CE2 . TYR A 1 68  ? 5.37324   -1.93547  0.08409   1.000 26.80816 ? 68  TYR A CE2 1 
ATOM   488  C CZ  . TYR A 1 68  ? 4.91525   -2.31024  -1.17278  1.000 25.59875 ? 68  TYR A CZ  1 
ATOM   489  O OH  . TYR A 1 68  ? 3.87922   -3.18962  -1.28331  1.000 22.55946 ? 68  TYR A OH  1 
ATOM   490  N N   . LYS A 1 69  ? 11.16564  1.61096   -1.69300  1.000 29.14193 ? 69  LYS A N   1 
ATOM   491  C CA  . LYS A 1 69  ? 11.87274  2.86865   -1.87793  1.000 25.30871 ? 69  LYS A CA  1 
ATOM   492  C C   . LYS A 1 69  ? 12.19254  3.09217   -3.34563  1.000 27.38626 ? 69  LYS A C   1 
ATOM   493  O O   . LYS A 1 69  ? 12.86530  2.27607   -3.98073  1.000 26.57959 ? 69  LYS A O   1 
ATOM   494  C CB  . LYS A 1 69  ? 13.15471  2.86557   -1.05188  1.000 27.07620 ? 69  LYS A CB  1 
ATOM   495  C CG  . LYS A 1 69  ? 13.82296  4.22924   -0.97321  1.000 33.30815 ? 69  LYS A CG  1 
ATOM   496  C CD  . LYS A 1 69  ? 15.33565  4.10300   -0.87749  1.000 33.73953 ? 69  LYS A CD  1 
ATOM   497  C CE  . LYS A 1 69  ? 15.92712  5.24969   -0.07514  1.000 29.00517 ? 69  LYS A CE  1 
ATOM   498  N NZ  . LYS A 1 69  ? 17.38915  5.02794   0.19253   1.000 37.29930 ? 69  LYS A NZ  1 
ATOM   499  N N   . GLY A 1 70  ? 11.71052  4.19730   -3.88443  1.000 27.31546 ? 70  GLY A N   1 
ATOM   500  C CA  . GLY A 1 70  ? 11.90568  4.50395   -5.27567  1.000 22.19303 ? 70  GLY A CA  1 
ATOM   501  C C   . GLY A 1 70  ? 10.73512  4.15417   -6.16893  1.000 28.51768 ? 70  GLY A C   1 
ATOM   502  O O   . GLY A 1 70  ? 10.71619  4.59702   -7.32550  1.000 28.48621 ? 70  GLY A O   1 
ATOM   503  N N   . SER A 1 71  ? 9.74630   3.37315   -5.67204  1.000 25.85362 ? 71  SER A N   1 
ATOM   504  C CA  . SER A 1 71  ? 8.62701   3.04914   -6.54094  1.000 25.82528 ? 71  SER A CA  1 
ATOM   505  C C   . SER A 1 71  ? 7.66866   4.24088   -6.63737  1.000 30.19427 ? 71  SER A C   1 
ATOM   506  O O   . SER A 1 71  ? 7.58312   5.06614   -5.71599  1.000 29.72144 ? 71  SER A O   1 
ATOM   507  C CB  . SER A 1 71  ? 7.88909   1.80229   -6.04288  1.000 26.15750 ? 71  SER A CB  1 
ATOM   508  O OG  . SER A 1 71  ? 6.79330   2.11953   -5.19908  1.000 34.25831 ? 71  SER A OG  1 
ATOM   509  N N   . PRO A 1 72  ? 6.98595   4.38370   -7.76804  1.000 27.58239 ? 72  PRO A N   1 
ATOM   510  C CA  . PRO A 1 72  ? 6.07035   5.50610   -7.95974  1.000 26.39685 ? 72  PRO A CA  1 
ATOM   511  C C   . PRO A 1 72  ? 4.63660   5.15983   -7.58294  1.000 27.63580 ? 72  PRO A C   1 
ATOM   512  O O   . PRO A 1 72  ? 4.27146   3.99716   -7.40769  1.000 31.01875 ? 72  PRO A O   1 
ATOM   513  C CB  . PRO A 1 72  ? 6.16560   5.75733   -9.46442  1.000 23.10706 ? 72  PRO A CB  1 
ATOM   514  C CG  . PRO A 1 72  ? 6.38379   4.40121   -10.02026 1.000 22.21023 ? 72  PRO A CG  1 
ATOM   515  C CD  . PRO A 1 72  ? 7.24402   3.67248   -9.03217  1.000 25.46480 ? 72  PRO A CD  1 
ATOM   516  N N   . PHE A 1 73  ? 3.82380   6.20981   -7.48192  1.000 26.67754 ? 73  PHE A N   1 
ATOM   517  C CA  . PHE A 1 73  ? 2.37269   6.08083   -7.54507  1.000 24.77680 ? 73  PHE A CA  1 
ATOM   518  C C   . PHE A 1 73  ? 1.99792   6.18351   -9.01206  1.000 24.65065 ? 73  PHE A C   1 
ATOM   519  O O   . PHE A 1 73  ? 1.86225   7.26664   -9.56873  1.000 25.78573 ? 73  PHE A O   1 
ATOM   520  C CB  . PHE A 1 73  ? 1.69740   7.12730   -6.67725  1.000 25.76348 ? 73  PHE A CB  1 
ATOM   521  C CG  . PHE A 1 73  ? 1.62542   6.71043   -5.24309  1.000 28.31881 ? 73  PHE A CG  1 
ATOM   522  C CD1 . PHE A 1 73  ? 0.56892   5.94148   -4.79162  1.000 25.57562 ? 73  PHE A CD1 1 
ATOM   523  C CD2 . PHE A 1 73  ? 2.66209   7.00704   -4.36872  1.000 26.71033 ? 73  PHE A CD2 1 
ATOM   524  C CE1 . PHE A 1 73  ? 0.52131   5.51832   -3.48219  1.000 27.49126 ? 73  PHE A CE1 1 
ATOM   525  C CE2 . PHE A 1 73  ? 2.61443   6.59694   -3.06176  1.000 23.95711 ? 73  PHE A CE2 1 
ATOM   526  C CZ  . PHE A 1 73  ? 1.54509   5.84949   -2.61720  1.000 25.82426 ? 73  PHE A CZ  1 
ATOM   527  N N   . HIS A 1 74  ? 1.87852   5.02665   -9.65664  1.000 25.14127 ? 74  HIS A N   1 
ATOM   528  C CA  . HIS A 1 74  ? 1.75472   4.97824   -11.10316 1.000 21.14269 ? 74  HIS A CA  1 
ATOM   529  C C   . HIS A 1 74  ? 0.33140   5.16549   -11.59695 1.000 20.75146 ? 74  HIS A C   1 
ATOM   530  O O   . HIS A 1 74  ? 0.13921   5.37336   -12.79244 1.000 25.59743 ? 74  HIS A O   1 
ATOM   531  C CB  . HIS A 1 74  ? 2.30924   3.65978   -11.62480 1.000 17.63885 ? 74  HIS A CB  1 
ATOM   532  C CG  . HIS A 1 74  ? 1.61989   2.45337   -11.08035 1.000 24.26511 ? 74  HIS A CG  1 
ATOM   533  N ND1 . HIS A 1 74  ? 0.48625   1.92129   -11.65180 1.000 21.18852 ? 74  HIS A ND1 1 
ATOM   534  C CD2 . HIS A 1 74  ? 1.91731   1.66107   -10.02424 1.000 27.13091 ? 74  HIS A CD2 1 
ATOM   535  C CE1 . HIS A 1 74  ? 0.11389   0.85540   -10.97334 1.000 23.67734 ? 74  HIS A CE1 1 
ATOM   536  N NE2 . HIS A 1 74  ? 0.96965   0.67173   -9.98445  1.000 26.76374 ? 74  HIS A NE2 1 
ATOM   537  N N   . ARG A 1 75  ? -0.66225  5.09298   -10.72451 1.000 24.86809 ? 75  ARG A N   1 
ATOM   538  C CA  . ARG A 1 75  ? -2.05436  5.22373   -11.14008 1.000 25.09745 ? 75  ARG A CA  1 
ATOM   539  C C   . ARG A 1 75  ? -2.81012  5.88674   -10.00049 1.000 25.07711 ? 75  ARG A C   1 
ATOM   540  O O   . ARG A 1 75  ? -2.94545  5.30798   -8.91902  1.000 27.00658 ? 75  ARG A O   1 
ATOM   541  C CB  . ARG A 1 75  ? -2.65919  3.86973   -11.49285 1.000 26.52580 ? 75  ARG A CB  1 
ATOM   542  C CG  . ARG A 1 75  ? -4.13755  3.93348   -11.79406 1.000 29.18079 ? 75  ARG A CG  1 
ATOM   543  C CD  . ARG A 1 75  ? -4.66831  2.59954   -12.31169 1.000 34.65326 ? 75  ARG A CD  1 
ATOM   544  N NE  . ARG A 1 75  ? -5.74729  2.83356   -13.26990 1.000 47.61562 ? 75  ARG A NE  1 
ATOM   545  C CZ  . ARG A 1 75  ? -6.99782  2.39776   -13.13434 1.000 47.81994 ? 75  ARG A CZ  1 
ATOM   546  N NH1 . ARG A 1 75  ? -7.34701  1.66977   -12.07786 1.000 48.23211 ? 75  ARG A NH1 1 
ATOM   547  N NH2 . ARG A 1 75  ? -7.89968  2.68777   -14.06761 1.000 47.54741 ? 75  ARG A NH2 1 
ATOM   548  N N   . VAL A 1 76  ? -3.29333  7.09613   -10.25289 1.000 28.36459 ? 76  VAL A N   1 
ATOM   549  C CA  . VAL A 1 76  ? -3.93864  7.95001   -9.26055  1.000 27.57416 ? 76  VAL A CA  1 
ATOM   550  C C   . VAL A 1 76  ? -5.26358  8.40734   -9.84644  1.000 24.22651 ? 76  VAL A C   1 
ATOM   551  O O   . VAL A 1 76  ? -5.27461  9.17943   -10.81168 1.000 23.85100 ? 76  VAL A O   1 
ATOM   552  C CB  . VAL A 1 76  ? -3.06876  9.16406   -8.90852  1.000 26.86640 ? 76  VAL A CB  1 
ATOM   553  C CG1 . VAL A 1 76  ? -3.72970  9.96612   -7.83705  1.000 24.55418 ? 76  VAL A CG1 1 
ATOM   554  C CG2 . VAL A 1 76  ? -1.68180  8.71231   -8.48927  1.000 27.35536 ? 76  VAL A CG2 1 
ATOM   555  N N   . ILE A 1 77  ? -6.36999  7.96547   -9.25909  1.000 23.28319 ? 77  ILE A N   1 
ATOM   556  C CA  . ILE A 1 77  ? -7.70810  8.28260   -9.74720  1.000 24.93379 ? 77  ILE A CA  1 
ATOM   557  C C   . ILE A 1 77  ? -8.47630  9.05324   -8.67801  1.000 21.42878 ? 77  ILE A C   1 
ATOM   558  O O   . ILE A 1 77  ? -8.77402  8.50866   -7.61554  1.000 24.15376 ? 77  ILE A O   1 
ATOM   559  C CB  . ILE A 1 77  ? -8.47930  7.01447   -10.14650 1.000 30.83777 ? 77  ILE A CB  1 
ATOM   560  C CG1 . ILE A 1 77  ? -7.70929  6.25343   -11.23241 1.000 25.76933 ? 77  ILE A CG1 1 
ATOM   561  C CG2 . ILE A 1 77  ? -9.93751  7.36061   -10.53350 1.000 26.96765 ? 77  ILE A CG2 1 
ATOM   562  C CD1 . ILE A 1 77  ? -8.56460  5.33144   -12.04189 1.000 33.79460 ? 77  ILE A CD1 1 
ATOM   563  N N   . PRO A 1 78  ? -8.84550  10.29932  -8.91416  1.000 23.11644 ? 78  PRO A N   1 
ATOM   564  C CA  . PRO A 1 78  ? -9.57610  11.05824  -7.89292  1.000 24.20631 ? 78  PRO A CA  1 
ATOM   565  C C   . PRO A 1 78  ? -10.96004 10.48664  -7.63667  1.000 29.91050 ? 78  PRO A C   1 
ATOM   566  O O   . PRO A 1 78  ? -11.62834 9.98161   -8.53966  1.000 34.36617 ? 78  PRO A O   1 
ATOM   567  C CB  . PRO A 1 78  ? -9.66694  12.46106  -8.49861  1.000 25.04867 ? 78  PRO A CB  1 
ATOM   568  C CG  . PRO A 1 78  ? -8.58039  12.49672  -9.53731  1.000 26.99455 ? 78  PRO A CG  1 
ATOM   569  C CD  . PRO A 1 78  ? -8.53068  11.11641  -10.09230 1.000 26.51135 ? 78  PRO A CD  1 
ATOM   570  N N   . ASN A 1 79  ? -11.39093 10.58833  -6.38137  1.000 29.20831 ? 79  ASN A N   1 
ATOM   571  C CA  . ASN A 1 79  ? -12.62897 9.96512   -5.89705  1.000 30.26657 ? 79  ASN A CA  1 
ATOM   572  C C   . ASN A 1 79  ? -12.58738 8.44432   -5.99045  1.000 29.47395 ? 79  ASN A C   1 
ATOM   573  O O   . ASN A 1 79  ? -13.62755 7.78540   -6.09322  1.000 30.15863 ? 79  ASN A O   1 
ATOM   574  C CB  . ASN A 1 79  ? -13.85969 10.49686  -6.62299  1.000 31.47845 ? 79  ASN A CB  1 
ATOM   575  C CG  . ASN A 1 79  ? -14.09137 11.95251  -6.35096  1.000 36.31324 ? 79  ASN A CG  1 
ATOM   576  O OD1 . ASN A 1 79  ? -14.34083 12.35084  -5.20575  1.000 39.41775 ? 79  ASN A OD1 1 
ATOM   577  N ND2 . ASN A 1 79  ? -14.04119 12.75988  -7.39887  1.000 32.57296 ? 79  ASN A ND2 1 
ATOM   578  N N   . PHE A 1 80  ? -11.39016 7.87291   -5.93300  1.000 26.16415 ? 80  PHE A N   1 
ATOM   579  C CA  . PHE A 1 80  ? -11.25751 6.42816   -5.94523  1.000 28.44893 ? 80  PHE A CA  1 
ATOM   580  C C   . PHE A 1 80  ? -10.08651 6.01024   -5.07635  1.000 27.24662 ? 80  PHE A C   1 
ATOM   581  O O   . PHE A 1 80  ? -10.27277 5.72884   -3.89119  1.000 29.80953 ? 80  PHE A O   1 
ATOM   582  C CB  . PHE A 1 80  ? -11.08554 5.92141   -7.37528  1.000 30.16266 ? 80  PHE A CB  1 
ATOM   583  C CG  . PHE A 1 80  ? -11.17734 4.43017   -7.50643  1.000 27.34464 ? 80  PHE A CG  1 
ATOM   584  C CD1 . PHE A 1 80  ? -11.66949 3.65944   -6.47494  1.000 24.80001 ? 80  PHE A CD1 1 
ATOM   585  C CD2 . PHE A 1 80  ? -10.76263 3.80448   -8.67619  1.000 30.59994 ? 80  PHE A CD2 1 
ATOM   586  C CE1 . PHE A 1 80  ? -11.74448 2.28496   -6.61059  1.000 32.95336 ? 80  PHE A CE1 1 
ATOM   587  C CE2 . PHE A 1 80  ? -10.83499 2.44449   -8.82177  1.000 28.46136 ? 80  PHE A CE2 1 
ATOM   588  C CZ  . PHE A 1 80  ? -11.32605 1.67487   -7.78848  1.000 33.44415 ? 80  PHE A CZ  1 
ATOM   589  N N   . MET A 1 81  ? -8.88284  5.97135   -5.64548  1.000 23.52796 ? 81  MET A N   1 
ATOM   590  C CA  . MET A 1 81  ? -7.72304  5.49341   -4.90679  1.000 24.48283 ? 81  MET A CA  1 
ATOM   591  C C   . MET A 1 81  ? -6.44595  5.98815   -5.57112  1.000 25.68805 ? 81  MET A C   1 
ATOM   592  O O   . MET A 1 81  ? -6.45172  6.50343   -6.69474  1.000 24.86413 ? 81  MET A O   1 
ATOM   593  C CB  . MET A 1 81  ? -7.72559  3.96598   -4.81152  1.000 26.91595 ? 81  MET A CB  1 
ATOM   594  C CG  . MET A 1 81  ? -7.91701  3.28306   -6.14226  1.000 27.57320 ? 81  MET A CG  1 
ATOM   595  S SD  . MET A 1 81  ? -6.33268  2.98694   -6.91635  1.000 25.34986 ? 81  MET A SD  1 
ATOM   596  C CE  . MET A 1 81  ? -6.63893  3.34917   -8.64329  1.000 25.90264 ? 81  MET A CE  1 
ATOM   597  N N   . ILE A 1 82  ? -5.35298  5.85323   -4.83763  1.000 20.48960 ? 82  ILE A N   1 
ATOM   598  C CA  . ILE A 1 82  ? -4.02068  6.02019   -5.38708  1.000 22.27100 ? 82  ILE A CA  1 
ATOM   599  C C   . ILE A 1 82  ? -3.35834  4.65665   -5.28231  1.000 26.32558 ? 82  ILE A C   1 
ATOM   600  O O   . ILE A 1 82  ? -3.65540  3.87448   -4.36424  1.000 22.11551 ? 82  ILE A O   1 
ATOM   601  C CB  . ILE A 1 82  ? -3.21144  7.11474   -4.65749  1.000 27.75153 ? 82  ILE A CB  1 
ATOM   602  C CG1 . ILE A 1 82  ? -2.79932  6.64387   -3.25699  1.000 26.68801 ? 82  ILE A CG1 1 
ATOM   603  C CG2 . ILE A 1 82  ? -4.03202  8.38958   -4.52510  1.000 22.77120 ? 82  ILE A CG2 1 
ATOM   604  C CD1 . ILE A 1 82  ? -1.90008  7.60840   -2.54392  1.000 24.47781 ? 82  ILE A CD1 1 
ATOM   605  N N   . GLN A 1 83  ? -2.48881  4.35262   -6.25227  1.000 25.80799 ? 83  GLN A N   1 
ATOM   606  C CA  . GLN A 1 83  ? -1.88588  3.03278   -6.36978  1.000 23.13647 ? 83  GLN A CA  1 
ATOM   607  C C   . GLN A 1 83  ? -0.42020  3.15294   -6.75518  1.000 26.07059 ? 83  GLN A C   1 
ATOM   608  O O   . GLN A 1 83  ? -0.05571  3.97661   -7.60088  1.000 25.29900 ? 83  GLN A O   1 
ATOM   609  C CB  . GLN A 1 83  ? -2.63854  2.19486   -7.40512  1.000 23.67439 ? 83  GLN A CB  1 
ATOM   610  C CG  . GLN A 1 83  ? -1.94171  0.93109   -7.91902  1.000 20.55012 ? 83  GLN A CG  1 
ATOM   611  C CD  . GLN A 1 83  ? -2.75029  0.29985   -9.06381  1.000 25.16222 ? 83  GLN A CD  1 
ATOM   612  O OE1 . GLN A 1 83  ? -3.62416  0.94543   -9.64669  1.000 26.43010 ? 83  GLN A OE1 1 
ATOM   613  N NE2 . GLN A 1 83  ? -2.47583  -0.95591  -9.37011  1.000 22.41271 ? 83  GLN A NE2 1 
ATOM   614  N N   . GLY A 1 84  ? 0.40439   2.32415   -6.13572  1.000 26.16318 ? 84  GLY A N   1 
ATOM   615  C CA  . GLY A 1 84  ? 1.80978   2.22366   -6.48114  1.000 26.20835 ? 84  GLY A CA  1 
ATOM   616  C C   . GLY A 1 84  ? 2.36535   0.87427   -6.06604  1.000 22.36091 ? 84  GLY A C   1 
ATOM   617  O O   . GLY A 1 84  ? 1.65987   -0.12851  -6.06161  1.000 21.69688 ? 84  GLY A O   1 
ATOM   618  N N   . GLY A 1 85  ? 3.64458   0.85772   -5.69206  1.000 22.12561 ? 85  GLY A N   1 
ATOM   619  C CA  . GLY A 1 85  ? 4.25239   -0.39403  -5.29259  1.000 22.77992 ? 85  GLY A CA  1 
ATOM   620  C C   . GLY A 1 85  ? 4.73799   -1.27490  -6.42285  1.000 27.63737 ? 85  GLY A C   1 
ATOM   621  O O   . GLY A 1 85  ? 4.87824   -2.48607  -6.23696  1.000 25.90831 ? 85  GLY A O   1 
ATOM   622  N N   . ASP A 1 86  ? 4.99075   -0.71471  -7.59998  1.000 29.11513 ? 86  ASP A N   1 
ATOM   623  C CA  . ASP A 1 86  ? 5.63250   -1.47683  -8.66872  1.000 29.15372 ? 86  ASP A CA  1 
ATOM   624  C C   . ASP A 1 86  ? 7.13562   -1.33286  -8.47757  1.000 31.21212 ? 86  ASP A C   1 
ATOM   625  O O   . ASP A 1 86  ? 7.73465   -0.30843  -8.81829  1.000 33.18120 ? 86  ASP A O   1 
ATOM   626  C CB  . ASP A 1 86  ? 5.15958   -1.02950  -10.04897 1.000 28.52298 ? 86  ASP A CB  1 
ATOM   627  C CG  . ASP A 1 86  ? 5.79487   -1.84459  -11.17146 1.000 34.91937 ? 86  ASP A CG  1 
ATOM   628  O OD1 . ASP A 1 86  ? 5.64541   -1.48519  -12.35752 1.000 35.73940 ? 86  ASP A OD1 1 
ATOM   629  O OD2 . ASP A 1 86  ? 6.51237   -2.81165  -10.85909 1.000 35.51968 ? 86  ASP A OD2 1 
ATOM   630  N N   . ILE A 1 87  ? 7.73587   -2.36911  -7.89817  1.000 28.20063 ? 87  ILE A N   1 
ATOM   631  C CA  . ILE A 1 87  ? 9.12006   -2.32887  -7.46554  1.000 29.37638 ? 87  ILE A CA  1 
ATOM   632  C C   . ILE A 1 87  ? 10.04811  -3.04745  -8.42729  1.000 34.46918 ? 87  ILE A C   1 
ATOM   633  O O   . ILE A 1 87  ? 11.26614  -3.06029  -8.20553  1.000 31.69396 ? 87  ILE A O   1 
ATOM   634  C CB  . ILE A 1 87  ? 9.24217   -2.92393  -6.04999  1.000 27.45343 ? 87  ILE A CB  1 
ATOM   635  C CG1 . ILE A 1 87  ? 8.97849   -4.44231  -6.08513  1.000 33.65737 ? 87  ILE A CG1 1 
ATOM   636  C CG2 . ILE A 1 87  ? 8.26574   -2.25100  -5.12482  1.000 20.37922 ? 87  ILE A CG2 1 
ATOM   637  C CD1 . ILE A 1 87  ? 9.15661   -5.14606  -4.73469  1.000 26.09170 ? 87  ILE A CD1 1 
ATOM   638  N N   . THR A 1 88  ? 9.50761   -3.67795  -9.47359  1.000 37.48492 ? 88  THR A N   1 
ATOM   639  C CA  . THR A 1 88  ? 10.32892  -4.29510  -10.50752 1.000 33.57135 ? 88  THR A CA  1 
ATOM   640  C C   . THR A 1 88  ? 10.39459  -3.37510  -11.72137 1.000 33.84142 ? 88  THR A C   1 
ATOM   641  O O   . THR A 1 88  ? 11.33702  -2.58847  -11.83956 1.000 39.62433 ? 88  THR A O   1 
ATOM   642  C CB  . THR A 1 88  ? 9.80164   -5.68304  -10.87566 1.000 32.53292 ? 88  THR A CB  1 
ATOM   643  O OG1 . THR A 1 88  ? 8.54048   -5.56700  -11.53977 1.000 37.93593 ? 88  THR A OG1 1 
ATOM   644  C CG2 . THR A 1 88  ? 9.63750   -6.53793  -9.63368  1.000 34.27161 ? 88  THR A CG2 1 
ATOM   645  N N   . SER A 1 89  ? 9.40943   -3.41739  -12.61696 1.000 33.24045 ? 89  SER A N   1 
ATOM   646  C CA  . SER A 1 89  ? 9.52961   -2.54142  -13.78093 1.000 43.35945 ? 89  SER A CA  1 
ATOM   647  C C   . SER A 1 89  ? 9.08655   -1.10331  -13.50835 1.000 43.82768 ? 89  SER A C   1 
ATOM   648  O O   . SER A 1 89  ? 9.32530   -0.23412  -14.35101 1.000 45.84890 ? 89  SER A O   1 
ATOM   649  C CB  . SER A 1 89  ? 8.76223   -3.11081  -14.98027 1.000 39.51261 ? 89  SER A CB  1 
ATOM   650  O OG  . SER A 1 89  ? 7.37704   -3.19084  -14.71950 1.000 45.85694 ? 89  SER A OG  1 
ATOM   651  N N   . GLY A 1 90  ? 8.46164   -0.82301  -12.36619 1.000 38.71583 ? 90  GLY A N   1 
ATOM   652  C CA  . GLY A 1 90  ? 8.15644   0.54916   -12.00552 1.000 32.08342 ? 90  GLY A CA  1 
ATOM   653  C C   . GLY A 1 90  ? 7.18946   1.26544   -12.92037 1.000 40.47897 ? 90  GLY A C   1 
ATOM   654  O O   . GLY A 1 90  ? 7.10751   2.49848   -12.87208 1.000 44.19965 ? 90  GLY A O   1 
ATOM   655  N N   . ASN A 1 91  ? 6.43842   0.54018   -13.75433 1.000 38.03993 ? 91  ASN A N   1 
ATOM   656  C CA  . ASN A 1 91  ? 5.51512   1.18626   -14.67874 1.000 33.02131 ? 91  ASN A CA  1 
ATOM   657  C C   . ASN A 1 91  ? 4.06769   0.78649   -14.44136 1.000 33.59535 ? 91  ASN A C   1 
ATOM   658  O O   . ASN A 1 91  ? 3.18848   1.19415   -15.20516 1.000 35.39501 ? 91  ASN A O   1 
ATOM   659  C CB  . ASN A 1 91  ? 5.91254   0.91654   -16.13767 1.000 34.44550 ? 91  ASN A CB  1 
ATOM   660  C CG  . ASN A 1 91  ? 6.13825   -0.55555  -16.43595 1.000 43.84406 ? 91  ASN A CG  1 
ATOM   661  O OD1 . ASN A 1 91  ? 5.47834   -1.42534  -15.87071 1.000 45.59625 ? 91  ASN A OD1 1 
ATOM   662  N ND2 . ASN A 1 91  ? 7.05298   -0.83781  -17.36159 1.000 48.62687 ? 91  ASN A ND2 1 
ATOM   663  N N   . GLY A 1 92  ? 3.78484   0.03465   -13.39196 1.000 34.38108 ? 92  GLY A N   1 
ATOM   664  C CA  . GLY A 1 92  ? 2.42974   -0.37324  -13.10437 1.000 30.24634 ? 92  GLY A CA  1 
ATOM   665  C C   . GLY A 1 92  ? 2.08462   -1.78087  -13.54078 1.000 33.75822 ? 92  GLY A C   1 
ATOM   666  O O   . GLY A 1 92  ? 0.97434   -2.24179  -13.24545 1.000 30.62286 ? 92  GLY A O   1 
ATOM   667  N N   . TYR A 1 93  ? 2.99115   -2.47640  -14.23923 1.000 30.12189 ? 93  TYR A N   1 
ATOM   668  C CA  . TYR A 1 93  ? 2.73971   -3.85290  -14.62840 1.000 28.86928 ? 93  TYR A CA  1 
ATOM   669  C C   . TYR A 1 93  ? 3.54040   -4.84410  -13.81379 1.000 31.01440 ? 93  TYR A C   1 
ATOM   670  O O   . TYR A 1 93  ? 3.19150   -6.02758  -13.78746 1.000 32.37606 ? 93  TYR A O   1 
ATOM   671  C CB  . TYR A 1 93  ? 3.03608   -4.05082  -16.11839 1.000 29.52109 ? 93  TYR A CB  1 
ATOM   672  C CG  . TYR A 1 93  ? 2.16085   -3.17694  -16.97797 1.000 35.10359 ? 93  TYR A CG  1 
ATOM   673  C CD1 . TYR A 1 93  ? 2.66955   -2.54706  -18.11019 1.000 33.38390 ? 93  TYR A CD1 1 
ATOM   674  C CD2 . TYR A 1 93  ? 0.82496   -2.94542  -16.62842 1.000 29.11238 ? 93  TYR A CD2 1 
ATOM   675  C CE1 . TYR A 1 93  ? 1.86778   -1.73649  -18.88379 1.000 34.32441 ? 93  TYR A CE1 1 
ATOM   676  C CE2 . TYR A 1 93  ? 0.02397   -2.14026  -17.39215 1.000 29.05309 ? 93  TYR A CE2 1 
ATOM   677  C CZ  . TYR A 1 93  ? 0.54809   -1.53809  -18.51809 1.000 32.80758 ? 93  TYR A CZ  1 
ATOM   678  O OH  . TYR A 1 93  ? -0.24313  -0.72632  -19.29334 1.000 38.16200 ? 93  TYR A OH  1 
ATOM   679  N N   . GLY A 1 94  ? 4.55872   -4.38117  -13.11497 1.000 34.17237 ? 94  GLY A N   1 
ATOM   680  C CA  . GLY A 1 94  ? 5.47294   -5.23886  -12.39846 1.000 34.97110 ? 94  GLY A CA  1 
ATOM   681  C C   . GLY A 1 94  ? 5.06220   -5.46513  -10.96170 1.000 33.51502 ? 94  GLY A C   1 
ATOM   682  O O   . GLY A 1 94  ? 3.87900   -5.54842  -10.62814 1.000 34.32647 ? 94  GLY A O   1 
ATOM   683  N N   . GLY A 1 95  ? 6.05050   -5.58680  -10.10828 1.000 33.16635 ? 95  GLY A N   1 
ATOM   684  C CA  . GLY A 1 95  ? 5.77691   -5.93666  -8.73542  1.000 36.85109 ? 95  GLY A CA  1 
ATOM   685  C C   . GLY A 1 95  ? 6.19119   -7.36421  -8.42383  1.000 38.48278 ? 95  GLY A C   1 
ATOM   686  O O   . GLY A 1 95  ? 6.15970   -8.25680  -9.28288  1.000 41.93172 ? 95  GLY A O   1 
ATOM   687  N N   . GLU A 1 96  ? 6.57258   -7.58484  -7.16782  1.000 36.92316 ? 96  GLU A N   1 
ATOM   688  C CA  . GLU A 1 96  ? 7.00273   -8.89133  -6.70559  1.000 34.53724 ? 96  GLU A CA  1 
ATOM   689  C C   . GLU A 1 96  ? 6.80481   -8.93603  -5.20420  1.000 33.96881 ? 96  GLU A C   1 
ATOM   690  O O   . GLU A 1 96  ? 7.08043   -7.95317  -4.51994  1.000 35.32657 ? 96  GLU A O   1 
ATOM   691  C CB  . GLU A 1 96  ? 8.47427   -9.15527  -7.05596  1.000 37.96107 ? 96  GLU A CB  1 
ATOM   692  C CG  . GLU A 1 96  ? 8.97232   -10.52875 -6.63764  1.000 38.99308 ? 96  GLU A CG  1 
ATOM   693  C CD  . GLU A 1 96  ? 10.46202  -10.74733 -6.89310  1.000 43.39448 ? 96  GLU A CD  1 
ATOM   694  O OE1 . GLU A 1 96  ? 10.92280  -11.88351 -6.65130  1.000 50.51745 ? 96  GLU A OE1 1 
ATOM   695  O OE2 . GLU A 1 96  ? 11.17260  -9.80341  -7.31758  1.000 36.40004 ? 96  GLU A OE2 1 
ATOM   696  N N   . SER A 1 97  ? 6.34698   -10.07480 -4.69758  1.000 32.02909 ? 97  SER A N   1 
ATOM   697  C CA  . SER A 1 97  ? 6.21960   -10.24630 -3.26372  1.000 25.96548 ? 97  SER A CA  1 
ATOM   698  C C   . SER A 1 97  ? 7.49774   -10.82123 -2.66711  1.000 29.66287 ? 97  SER A C   1 
ATOM   699  O O   . SER A 1 97  ? 8.41169   -11.23989 -3.37190  1.000 37.04270 ? 97  SER A O   1 
ATOM   700  C CB  . SER A 1 97  ? 5.05034   -11.15751 -2.94302  1.000 31.43715 ? 97  SER A CB  1 
ATOM   701  O OG  . SER A 1 97  ? 5.52760   -12.46355 -2.68081  1.000 36.47841 ? 97  SER A OG  1 
ATOM   702  N N   . ILE A 1 98  ? 7.54890   -10.83798 -1.32942  1.000 36.34903 ? 98  ILE A N   1 
ATOM   703  C CA  . ILE A 1 98  ? 8.68377   -11.40971 -0.60395  1.000 35.32846 ? 98  ILE A CA  1 
ATOM   704  C C   . ILE A 1 98  ? 8.59578   -12.91832 -0.49594  1.000 36.70624 ? 98  ILE A C   1 
ATOM   705  O O   . ILE A 1 98  ? 9.42278   -13.53007 0.19291   1.000 34.63254 ? 98  ILE A O   1 
ATOM   706  C CB  . ILE A 1 98  ? 8.80734   -10.87613 0.83748   1.000 34.51147 ? 98  ILE A CB  1 
ATOM   707  C CG1 . ILE A 1 98  ? 7.53562   -11.20820 1.61863   1.000 31.15966 ? 98  ILE A CG1 1 
ATOM   708  C CG2 . ILE A 1 98  ? 9.12678   -9.38467  0.85339   1.000 29.11246 ? 98  ILE A CG2 1 
ATOM   709  C CD1 . ILE A 1 98  ? 7.68854   -11.05274 3.11346   1.000 33.64197 ? 98  ILE A CD1 1 
ATOM   710  N N   . TYR A 1 99  ? 7.61099   -13.53887 -1.14309  1.000 36.02140 ? 99  TYR A N   1 
ATOM   711  C CA  . TYR A 1 99  ? 7.42849   -14.97975 -1.08388  1.000 38.55494 ? 99  TYR A CA  1 
ATOM   712  C C   . TYR A 1 99  ? 7.82749   -15.67409 -2.38534  1.000 42.47929 ? 99  TYR A C   1 
ATOM   713  O O   . TYR A 1 99  ? 7.36499   -16.78499 -2.65368  1.000 46.91258 ? 99  TYR A O   1 
ATOM   714  C CB  . TYR A 1 99  ? 5.97961   -15.30085 -0.71483  1.000 33.41505 ? 99  TYR A CB  1 
ATOM   715  C CG  . TYR A 1 99  ? 5.49037   -14.58263 0.52704   1.000 33.95300 ? 99  TYR A CG  1 
ATOM   716  C CD1 . TYR A 1 99  ? 6.05821   -14.83331 1.76274   1.000 33.72256 ? 99  TYR A CD1 1 
ATOM   717  C CD2 . TYR A 1 99  ? 4.46166   -13.64497 0.45826   1.000 35.14144 ? 99  TYR A CD2 1 
ATOM   718  C CE1 . TYR A 1 99  ? 5.61546   -14.17872 2.90496   1.000 36.52830 ? 99  TYR A CE1 1 
ATOM   719  C CE2 . TYR A 1 99  ? 4.01618   -12.97464 1.59207   1.000 34.49705 ? 99  TYR A CE2 1 
ATOM   720  C CZ  . TYR A 1 99  ? 4.59177   -13.25350 2.81723   1.000 38.75741 ? 99  TYR A CZ  1 
ATOM   721  O OH  . TYR A 1 99  ? 4.15744   -12.60928 3.96197   1.000 37.10966 ? 99  TYR A OH  1 
ATOM   722  N N   . GLY A 1 100 ? 8.67933   -15.04623 -3.19512  1.000 39.71986 ? 100 GLY A N   1 
ATOM   723  C CA  . GLY A 1 100 ? 9.14282   -15.61715 -4.43519  1.000 44.33075 ? 100 GLY A CA  1 
ATOM   724  C C   . GLY A 1 100 ? 8.18478   -15.43848 -5.59467  1.000 53.19254 ? 100 GLY A C   1 
ATOM   725  O O   . GLY A 1 100 ? 8.62455   -15.26874 -6.74228  1.000 60.38461 ? 100 GLY A O   1 
ATOM   726  N N   . SER A 1 101 ? 6.88658   -15.45509 -5.31862  1.000 43.68747 ? 101 SER A N   1 
ATOM   727  C CA  . SER A 1 101 ? 5.87008   -15.38730 -6.35187  1.000 43.04224 ? 101 SER A CA  1 
ATOM   728  C C   . SER A 1 101 ? 4.63170   -14.73616 -5.75668  1.000 39.99083 ? 101 SER A C   1 
ATOM   729  O O   . SER A 1 101 ? 4.60913   -14.35824 -4.58472  1.000 37.53576 ? 101 SER A O   1 
ATOM   730  C CB  . SER A 1 101 ? 5.56466   -16.78200 -6.90628  1.000 48.40259 ? 101 SER A CB  1 
ATOM   731  O OG  . SER A 1 101 ? 5.32349   -17.69550 -5.84705  1.000 52.19526 ? 101 SER A OG  1 
ATOM   732  N N   . LYS A 1 102 ? 3.59450   -14.60491 -6.57451  1.000 38.72290 ? 102 LYS A N   1 
ATOM   733  C CA  . LYS A 1 102 ? 2.34245   -14.04315 -6.08907  1.000 40.81315 ? 102 LYS A CA  1 
ATOM   734  C C   . LYS A 1 102 ? 1.70511   -14.99282 -5.07597  1.000 41.38572 ? 102 LYS A C   1 
ATOM   735  O O   . LYS A 1 102 ? 1.59343   -16.19997 -5.31491  1.000 43.72516 ? 102 LYS A O   1 
ATOM   736  C CB  . LYS A 1 102 ? 1.38593   -13.77423 -7.25199  1.000 37.08622 ? 102 LYS A CB  1 
ATOM   737  C CG  . LYS A 1 102 ? 2.06454   -13.26233 -8.51817  1.000 37.74148 ? 102 LYS A CG  1 
ATOM   738  C CD  . LYS A 1 102 ? 2.37484   -11.79192 -8.44232  1.000 33.95309 ? 102 LYS A CD  1 
ATOM   739  C CE  . LYS A 1 102 ? 2.56642   -11.21627 -9.82800  1.000 40.26526 ? 102 LYS A CE  1 
ATOM   740  N NZ  . LYS A 1 102 ? 2.73842   -9.73375  -9.76150  1.000 47.30324 ? 102 LYS A NZ  1 
ATOM   741  N N   . PHE A 1 103 ? 1.30285   -14.45784 -3.93660  1.000 33.20746 ? 103 PHE A N   1 
ATOM   742  C CA  . PHE A 1 103 ? 0.73736   -15.30008 -2.90090  1.000 36.44747 ? 103 PHE A CA  1 
ATOM   743  C C   . PHE A 1 103 ? -0.77807  -15.16711 -2.88298  1.000 37.96650 ? 103 PHE A C   1 
ATOM   744  O O   . PHE A 1 103 ? -1.36425  -14.25299 -3.47628  1.000 37.12475 ? 103 PHE A O   1 
ATOM   745  C CB  . PHE A 1 103 ? 1.34071   -14.98017 -1.52585  1.000 36.60320 ? 103 PHE A CB  1 
ATOM   746  C CG  . PHE A 1 103 ? 1.28852   -13.53179 -1.14112  1.000 36.24731 ? 103 PHE A CG  1 
ATOM   747  C CD1 . PHE A 1 103 ? 0.46710   -13.11276 -0.10913  1.000 34.08721 ? 103 PHE A CD1 1 
ATOM   748  C CD2 . PHE A 1 103 ? 2.07211   -12.58720 -1.79413  1.000 33.31557 ? 103 PHE A CD2 1 
ATOM   749  C CE1 . PHE A 1 103 ? 0.42441   -11.78766 0.24967   1.000 30.94787 ? 103 PHE A CE1 1 
ATOM   750  C CE2 . PHE A 1 103 ? 2.01808   -11.26718 -1.44183  1.000 27.23594 ? 103 PHE A CE2 1 
ATOM   751  C CZ  . PHE A 1 103 ? 1.20826   -10.86532 -0.42348  1.000 26.69009 ? 103 PHE A CZ  1 
ATOM   752  N N   . ALA A 1 104 ? -1.40765  -16.12778 -2.22163  1.000 39.78705 ? 104 ALA A N   1 
ATOM   753  C CA  . ALA A 1 104 ? -2.85722  -16.22346 -2.23182  1.000 40.97584 ? 104 ALA A CA  1 
ATOM   754  C C   . ALA A 1 104 ? -3.47780  -15.10260 -1.41485  1.000 37.53478 ? 104 ALA A C   1 
ATOM   755  O O   . ALA A 1 104 ? -2.87070  -14.58384 -0.47287  1.000 35.41166 ? 104 ALA A O   1 
ATOM   756  C CB  . ALA A 1 104 ? -3.30555  -17.57458 -1.67775  1.000 45.72770 ? 104 ALA A CB  1 
ATOM   757  N N   . ASP A 1 105 ? -4.70245  -14.72766 -1.79389  1.000 37.47973 ? 105 ASP A N   1 
ATOM   758  C CA  . ASP A 1 105 ? -5.48036  -13.78587 -0.99723  1.000 35.16908 ? 105 ASP A CA  1 
ATOM   759  C C   . ASP A 1 105 ? -5.67247  -14.34871 0.39839   1.000 36.01800 ? 105 ASP A C   1 
ATOM   760  O O   . ASP A 1 105 ? -6.20230  -15.45102 0.55766   1.000 47.59576 ? 105 ASP A O   1 
ATOM   761  C CB  . ASP A 1 105 ? -6.83718  -13.51759 -1.64423  1.000 32.62288 ? 105 ASP A CB  1 
ATOM   762  C CG  . ASP A 1 105 ? -6.72549  -13.04790 -3.07801  1.000 33.66262 ? 105 ASP A CG  1 
ATOM   763  O OD1 . ASP A 1 105 ? -6.18481  -11.94611 -3.33520  1.000 32.72692 ? 105 ASP A OD1 1 
ATOM   764  O OD2 . ASP A 1 105 ? -7.21260  -13.78474 -3.95004  1.000 37.33399 ? 105 ASP A OD2 1 
ATOM   765  N N   . GLU A 1 106 ? -5.22819  -13.60538 1.41174   1.000 39.29517 ? 106 GLU A N   1 
ATOM   766  C CA  . GLU A 1 106 ? -5.29653  -14.11497 2.77711   1.000 35.02524 ? 106 GLU A CA  1 
ATOM   767  C C   . GLU A 1 106 ? -6.73054  -14.14726 3.28940   1.000 38.06179 ? 106 GLU A C   1 
ATOM   768  O O   . GLU A 1 106 ? -7.21617  -15.19823 3.73174   1.000 42.25814 ? 106 GLU A O   1 
ATOM   769  C CB  . GLU A 1 106 ? -4.41633  -13.27669 3.69917   1.000 32.46938 ? 106 GLU A CB  1 
ATOM   770  C CG  . GLU A 1 106 ? -3.97099  -14.03276 4.92813   1.000 33.38471 ? 106 GLU A CG  1 
ATOM   771  C CD  . GLU A 1 106 ? -2.74891  -13.42129 5.57113   1.000 37.31664 ? 106 GLU A CD  1 
ATOM   772  O OE1 . GLU A 1 106 ? -2.40602  -12.26979 5.22674   1.000 36.89492 ? 106 GLU A OE1 1 
ATOM   773  O OE2 . GLU A 1 106 ? -2.11594  -14.10261 6.40732   1.000 41.73134 ? 106 GLU A OE2 1 
ATOM   774  N N   . SER A 1 107 ? -7.42466  -13.00944 3.24547   1.000 32.34542 ? 107 SER A N   1 
ATOM   775  C CA  . SER A 1 107 ? -8.75115  -12.93156 3.84693   1.000 35.11865 ? 107 SER A CA  1 
ATOM   776  C C   . SER A 1 107 ? -9.47366  -11.69224 3.34516   1.000 34.73330 ? 107 SER A C   1 
ATOM   777  O O   . SER A 1 107 ? -8.85969  -10.63225 3.19427   1.000 35.57301 ? 107 SER A O   1 
ATOM   778  C CB  . SER A 1 107 ? -8.67222  -12.89466 5.37698   1.000 34.27723 ? 107 SER A CB  1 
ATOM   779  O OG  . SER A 1 107 ? -9.86629  -12.36224 5.92412   1.000 37.31527 ? 107 SER A OG  1 
ATOM   780  N N   . PHE A 1 108 ? -10.78440 -11.82773 3.12316   1.000 34.50666 ? 108 PHE A N   1 
ATOM   781  C CA  . PHE A 1 108 ? -11.63025 -10.74913 2.62212   1.000 36.81118 ? 108 PHE A CA  1 
ATOM   782  C C   . PHE A 1 108 ? -12.52670 -10.15531 3.70584   1.000 33.19934 ? 108 PHE A C   1 
ATOM   783  O O   . PHE A 1 108 ? -13.49924 -9.46096  3.39041   1.000 29.40131 ? 108 PHE A O   1 
ATOM   784  C CB  . PHE A 1 108 ? -12.46478 -11.24376 1.43530   1.000 31.06158 ? 108 PHE A CB  1 
ATOM   785  C CG  . PHE A 1 108 ? -11.64292 -11.55198 0.21498   1.000 33.10771 ? 108 PHE A CG  1 
ATOM   786  C CD1 . PHE A 1 108 ? -10.88213 -10.55546 -0.39804  1.000 32.13461 ? 108 PHE A CD1 1 
ATOM   787  C CD2 . PHE A 1 108 ? -11.60125 -12.83708 -0.31097  1.000 33.44199 ? 108 PHE A CD2 1 
ATOM   788  C CE1 . PHE A 1 108 ? -10.10434 -10.83898 -1.52006  1.000 31.33388 ? 108 PHE A CE1 1 
ATOM   789  C CE2 . PHE A 1 108 ? -10.81029 -13.12782 -1.44332  1.000 26.39470 ? 108 PHE A CE2 1 
ATOM   790  C CZ  . PHE A 1 108 ? -10.07616 -12.12969 -2.04663  1.000 27.89395 ? 108 PHE A CZ  1 
ATOM   791  N N   . LYS A 1 109 ? -12.18095 -10.36578 4.97692   1.000 33.98195 ? 109 LYS A N   1 
ATOM   792  C CA  . LYS A 1 109 ? -13.07136 -10.01203 6.07263   1.000 35.37221 ? 109 LYS A CA  1 
ATOM   793  C C   . LYS A 1 109 ? -12.97022 -8.54731  6.48256   1.000 36.02217 ? 109 LYS A C   1 
ATOM   794  O O   . LYS A 1 109 ? -13.93259 -8.00260  7.03996   1.000 39.25085 ? 109 LYS A O   1 
ATOM   795  C CB  . LYS A 1 109 ? -12.79566 -10.94357 7.24944   1.000 36.19471 ? 109 LYS A CB  1 
ATOM   796  C CG  . LYS A 1 109 ? -12.99977 -12.42183 6.85704   1.000 38.54995 ? 109 LYS A CG  1 
ATOM   797  C CD  . LYS A 1 109 ? -12.82208 -13.36762 8.04705   1.000 40.79591 ? 109 LYS A CD  1 
ATOM   798  C CE  . LYS A 1 109 ? -13.21153 -14.80235 7.70884   1.000 43.53675 ? 109 LYS A CE  1 
ATOM   799  N NZ  . LYS A 1 109 ? -14.68562 -15.04408 7.88608   1.000 48.70460 ? 109 LYS A NZ  1 
ATOM   800  N N   . ILE A 1 110 ? -11.84886 -7.89242  6.22517   1.000 31.02635 ? 110 ILE A N   1 
ATOM   801  C CA  . ILE A 1 110 ? -11.77545 -6.44665  6.36003   1.000 30.27065 ? 110 ILE A CA  1 
ATOM   802  C C   . ILE A 1 110 ? -12.18166 -5.85378  5.02334   1.000 29.66855 ? 110 ILE A C   1 
ATOM   803  O O   . ILE A 1 110 ? -11.53585 -6.10785  4.00409   1.000 32.89413 ? 110 ILE A O   1 
ATOM   804  C CB  . ILE A 1 110 ? -10.37353 -5.98384  6.76130   1.000 28.86272 ? 110 ILE A CB  1 
ATOM   805  C CG1 . ILE A 1 110 ? -9.89985  -6.72218  7.99854   1.000 25.19598 ? 110 ILE A CG1 1 
ATOM   806  C CG2 . ILE A 1 110 ? -10.39783 -4.50409  7.03273   1.000 31.17654 ? 110 ILE A CG2 1 
ATOM   807  C CD1 . ILE A 1 110 ? -8.43500  -6.61788  8.19671   1.000 30.30524 ? 110 ILE A CD1 1 
ATOM   808  N N   . THR A 1 111 ? -13.24918 -5.07868  5.02246   1.000 27.24751 ? 111 THR A N   1 
ATOM   809  C CA  . THR A 1 111 ? -13.87624 -4.63249  3.79483   1.000 28.28328 ? 111 THR A CA  1 
ATOM   810  C C   . THR A 1 111 ? -13.49257 -3.18867  3.49824   1.000 32.00358 ? 111 THR A C   1 
ATOM   811  O O   . THR A 1 111 ? -12.89522 -2.49993  4.32428   1.000 37.36272 ? 111 THR A O   1 
ATOM   812  C CB  . THR A 1 111 ? -15.38936 -4.78666  3.90771   1.000 33.48587 ? 111 THR A CB  1 
ATOM   813  O OG1 . THR A 1 111 ? -15.80021 -4.44231  5.23968   1.000 36.06612 ? 111 THR A OG1 1 
ATOM   814  C CG2 . THR A 1 111 ? -15.79140 -6.23074  3.60986   1.000 27.99413 ? 111 THR A CG2 1 
ATOM   815  N N   . HIS A 1 112 ? -13.84212 -2.73281  2.29606   1.000 28.80276 ? 112 HIS A N   1 
ATOM   816  C CA  . HIS A 1 112 ? -13.42854 -1.41469  1.81346   1.000 30.50168 ? 112 HIS A CA  1 
ATOM   817  C C   . HIS A 1 112 ? -14.43188 -0.33885  2.23747   1.000 32.33595 ? 112 HIS A C   1 
ATOM   818  O O   . HIS A 1 112 ? -15.08324 0.31736   1.42528   1.000 34.36740 ? 112 HIS A O   1 
ATOM   819  C CB  . HIS A 1 112 ? -13.25760 -1.44244  0.30101   1.000 29.44686 ? 112 HIS A CB  1 
ATOM   820  C CG  . HIS A 1 112 ? -12.21277 -2.40595  -0.17130  1.000 30.05097 ? 112 HIS A CG  1 
ATOM   821  N ND1 . HIS A 1 112 ? -12.45336 -3.75564  -0.31224  1.000 31.09350 ? 112 HIS A ND1 1 
ATOM   822  C CD2 . HIS A 1 112 ? -10.92845 -2.21412  -0.54874  1.000 26.17136 ? 112 HIS A CD2 1 
ATOM   823  C CE1 . HIS A 1 112 ? -11.36071 -4.35550  -0.74642  1.000 27.79050 ? 112 HIS A CE1 1 
ATOM   824  N NE2 . HIS A 1 112 ? -10.42122 -3.44282  -0.90024  1.000 26.15926 ? 112 HIS A NE2 1 
ATOM   825  N N   . ASP A 1 113 ? -14.52348 -0.12853  3.54199   1.000 27.76921 ? 113 ASP A N   1 
ATOM   826  C CA  . ASP A 1 113 ? -15.67695 0.59560   4.04365   1.000 31.78483 ? 113 ASP A CA  1 
ATOM   827  C C   . ASP A 1 113 ? -15.53882 2.11458   3.92238   1.000 35.55552 ? 113 ASP A C   1 
ATOM   828  O O   . ASP A 1 113 ? -16.55990 2.81804   3.89209   1.000 35.45868 ? 113 ASP A O   1 
ATOM   829  C CB  . ASP A 1 113 ? -15.94794 0.17655   5.48990   1.000 32.21383 ? 113 ASP A CB  1 
ATOM   830  C CG  . ASP A 1 113 ? -16.52853 -1.22961  5.58714   1.000 39.04109 ? 113 ASP A CG  1 
ATOM   831  O OD1 . ASP A 1 113 ? -17.08998 -1.70071  4.57736   1.000 43.97807 ? 113 ASP A OD1 1 
ATOM   832  O OD2 . ASP A 1 113 ? -16.41593 -1.87640  6.66071   1.000 46.63099 ? 113 ASP A OD2 1 
ATOM   833  N N   . GLY A 1 114 ? -14.32164 2.63835   3.83027   1.000 30.98341 ? 114 GLY A N   1 
ATOM   834  C CA  . GLY A 1 114 ? -14.13185 4.06560   3.74461   1.000 25.85852 ? 114 GLY A CA  1 
ATOM   835  C C   . GLY A 1 114 ? -12.78097 4.42046   3.16745   1.000 29.76371 ? 114 GLY A C   1 
ATOM   836  O O   . GLY A 1 114 ? -12.00999 3.55180   2.74259   1.000 32.72400 ? 114 GLY A O   1 
ATOM   837  N N   . PRO A 1 115 ? -12.46826 5.71089   3.13144   1.000 30.66348 ? 115 PRO A N   1 
ATOM   838  C CA  . PRO A 1 115 ? -11.16303 6.13916   2.61645   1.000 28.88942 ? 115 PRO A CA  1 
ATOM   839  C C   . PRO A 1 115 ? -10.03114 5.74058   3.55205   1.000 28.35043 ? 115 PRO A C   1 
ATOM   840  O O   . PRO A 1 115 ? -10.23890 5.40460   4.72064   1.000 28.49391 ? 115 PRO A O   1 
ATOM   841  C CB  . PRO A 1 115 ? -11.29723 7.66667   2.53016   1.000 26.08202 ? 115 PRO A CB  1 
ATOM   842  C CG  . PRO A 1 115 ? -12.37108 8.01080   3.46478   1.000 19.30767 ? 115 PRO A CG  1 
ATOM   843  C CD  . PRO A 1 115 ? -13.33211 6.85419   3.45979   1.000 23.89896 ? 115 PRO A CD  1 
ATOM   844  N N   . GLY A 1 116 ? -8.81003  5.79152   3.01340   1.000 29.17091 ? 116 GLY A N   1 
ATOM   845  C CA  . GLY A 1 116 ? -7.61528  5.58736   3.81084   1.000 19.81096 ? 116 GLY A CA  1 
ATOM   846  C C   . GLY A 1 116 ? -7.31681  4.14886   4.15219   1.000 28.87183 ? 116 GLY A C   1 
ATOM   847  O O   . GLY A 1 116 ? -6.57621  3.89258   5.10631   1.000 31.28441 ? 116 GLY A O   1 
ATOM   848  N N   . LEU A 1 117 ? -7.85750  3.18917   3.40688   1.000 27.24056 ? 117 LEU A N   1 
ATOM   849  C CA  . LEU A 1 117 ? -7.53225  1.78623   3.62561   1.000 26.49226 ? 117 LEU A CA  1 
ATOM   850  C C   . LEU A 1 117 ? -6.42063  1.36041   2.66687   1.000 29.18232 ? 117 LEU A C   1 
ATOM   851  O O   . LEU A 1 117 ? -6.43198  1.73114   1.48409   1.000 25.01915 ? 117 LEU A O   1 
ATOM   852  C CB  . LEU A 1 117 ? -8.77426  0.90785   3.46617   1.000 21.01797 ? 117 LEU A CB  1 
ATOM   853  C CG  . LEU A 1 117 ? -9.78464  1.14376   4.60094   1.000 24.23739 ? 117 LEU A CG  1 
ATOM   854  C CD1 . LEU A 1 117 ? -11.14837 0.54465   4.28431   1.000 26.72832 ? 117 LEU A CD1 1 
ATOM   855  C CD2 . LEU A 1 117 ? -9.25897  0.63970   5.95015   1.000 19.21167 ? 117 LEU A CD2 1 
ATOM   856  N N   . LEU A 1 118 ? -5.43582  0.63293   3.20874   1.000 26.53691 ? 118 LEU A N   1 
ATOM   857  C CA  . LEU A 1 118 ? -4.42707  -0.06128  2.42345   1.000 23.21403 ? 118 LEU A CA  1 
ATOM   858  C C   . LEU A 1 118 ? -4.99552  -1.37546  1.92206   1.000 24.32217 ? 118 LEU A C   1 
ATOM   859  O O   . LEU A 1 118 ? -5.51101  -2.17282  2.71190   1.000 28.35874 ? 118 LEU A O   1 
ATOM   860  C CB  . LEU A 1 118 ? -3.20112  -0.35298  3.28121   1.000 26.53356 ? 118 LEU A CB  1 
ATOM   861  C CG  . LEU A 1 118 ? -1.96124  0.49784   3.12342   1.000 28.13637 ? 118 LEU A CG  1 
ATOM   862  C CD1 . LEU A 1 118 ? -0.90137  -0.11246  3.98912   1.000 24.58470 ? 118 LEU A CD1 1 
ATOM   863  C CD2 . LEU A 1 118 ? -1.53073  0.54208   1.65083   1.000 26.77554 ? 118 LEU A CD2 1 
ATOM   864  N N   . SER A 1 119 ? -4.88011  -1.62026  0.62236   1.000 23.85981 ? 119 SER A N   1 
ATOM   865  C CA  . SER A 1 119 ? -5.35703  -2.87080  0.05571   1.000 26.51873 ? 119 SER A CA  1 
ATOM   866  C C   . SER A 1 119 ? -4.42274  -3.32108  -1.06226  1.000 28.07479 ? 119 SER A C   1 
ATOM   867  O O   . SER A 1 119 ? -3.73316  -2.51280  -1.68864  1.000 29.79515 ? 119 SER A O   1 
ATOM   868  C CB  . SER A 1 119 ? -6.79495  -2.72914  -0.45188  1.000 25.72366 ? 119 SER A CB  1 
ATOM   869  O OG  . SER A 1 119 ? -7.25717  -3.94065  -1.02019  1.000 25.11330 ? 119 SER A OG  1 
ATOM   870  N N   . MET A 1 120 ? -4.41328  -4.63182  -1.30288  1.000 25.93561 ? 120 MET A N   1 
ATOM   871  C CA  . MET A 1 120 ? -3.52516  -5.24427  -2.28391  1.000 25.69854 ? 120 MET A CA  1 
ATOM   872  C C   . MET A 1 120 ? -4.10559  -5.11300  -3.68060  1.000 26.20885 ? 120 MET A C   1 
ATOM   873  O O   . MET A 1 120 ? -5.22819  -5.55944  -3.93450  1.000 30.84252 ? 120 MET A O   1 
ATOM   874  C CB  . MET A 1 120 ? -3.31373  -6.72056  -1.95909  1.000 26.30789 ? 120 MET A CB  1 
ATOM   875  C CG  . MET A 1 120 ? -2.50874  -6.95956  -0.71020  1.000 26.45736 ? 120 MET A CG  1 
ATOM   876  S SD  . MET A 1 120 ? -0.92342  -6.12821  -0.83062  1.000 26.83372 ? 120 MET A SD  1 
ATOM   877  C CE  . MET A 1 120 ? -0.09592  -7.23181  -1.99729  1.000 22.71672 ? 120 MET A CE  1 
ATOM   878  N N   . ALA A 1 121 ? -3.34386  -4.52004  -4.58928  1.000 23.69875 ? 121 ALA A N   1 
ATOM   879  C CA  . ALA A 1 121 ? -3.70103  -4.61455  -5.99403  1.000 25.45447 ? 121 ALA A CA  1 
ATOM   880  C C   . ALA A 1 121 ? -3.40973  -6.02621  -6.49482  1.000 30.72375 ? 121 ALA A C   1 
ATOM   881  O O   . ALA A 1 121 ? -2.45548  -6.68098  -6.06548  1.000 30.92949 ? 121 ALA A O   1 
ATOM   882  C CB  . ALA A 1 121 ? -2.91874  -3.59381  -6.81503  1.000 25.94936 ? 121 ALA A CB  1 
ATOM   883  N N   . ASN A 1 122 ? -4.23481  -6.50954  -7.40957  1.000 27.15277 ? 122 ASN A N   1 
ATOM   884  C CA  . ASN A 1 122 ? -3.98206  -7.83023  -7.94330  1.000 27.59197 ? 122 ASN A CA  1 
ATOM   885  C C   . ASN A 1 122 ? -4.36387  -7.84159  -9.41093  1.000 29.19110 ? 122 ASN A C   1 
ATOM   886  O O   . ASN A 1 122 ? -4.79015  -6.83487  -9.97587  1.000 27.38887 ? 122 ASN A O   1 
ATOM   887  C CB  . ASN A 1 122 ? -4.70748  -8.92667  -7.13693  1.000 28.18765 ? 122 ASN A CB  1 
ATOM   888  C CG  . ASN A 1 122 ? -6.19931  -8.68528  -6.98843  1.000 30.65049 ? 122 ASN A CG  1 
ATOM   889  O OD1 . ASN A 1 122 ? -6.95413  -8.78106  -7.95263  1.000 33.40840 ? 122 ASN A OD1 1 
ATOM   890  N ND2 . ASN A 1 122 ? -6.63839  -8.40678  -5.76024  1.000 29.10744 ? 122 ASN A ND2 1 
ATOM   891  N N   . SER A 1 123 ? -4.15856  -8.99067  -10.03683 1.000 33.26969 ? 123 SER A N   1 
ATOM   892  C CA  . SER A 1 123 ? -4.63744  -9.28477  -11.37689 1.000 31.42002 ? 123 SER A CA  1 
ATOM   893  C C   . SER A 1 123 ? -5.50421  -10.53485 -11.34583 1.000 31.87285 ? 123 SER A C   1 
ATOM   894  O O   . SER A 1 123 ? -5.38532  -11.41437 -12.19234 1.000 37.03116 ? 123 SER A O   1 
ATOM   895  C CB  . SER A 1 123 ? -3.47654  -9.43807  -12.35783 1.000 34.44487 ? 123 SER A CB  1 
ATOM   896  O OG  . SER A 1 123 ? -2.82084  -10.67963 -12.17241 1.000 39.13508 ? 123 SER A OG  1 
ATOM   897  N N   . GLY A 1 124 ? -6.39701  -10.61609 -10.36286 1.000 31.86207 ? 124 GLY A N   1 
ATOM   898  C CA  . GLY A 1 124 ? -7.23362  -11.77550 -10.18434 1.000 34.00454 ? 124 GLY A CA  1 
ATOM   899  C C   . GLY A 1 124 ? -6.96868  -12.46514 -8.85982  1.000 39.45219 ? 124 GLY A C   1 
ATOM   900  O O   . GLY A 1 124 ? -6.19897  -11.98559 -8.01395  1.000 43.55204 ? 124 GLY A O   1 
ATOM   901  N N   . PRO A 1 125 ? -7.60015  -13.61648 -8.65234  1.000 38.90107 ? 125 PRO A N   1 
ATOM   902  C CA  . PRO A 1 125 ? -7.46235  -14.30267 -7.35833  1.000 41.01368 ? 125 PRO A CA  1 
ATOM   903  C C   . PRO A 1 125 ? -6.03838  -14.79668 -7.14452  1.000 37.95777 ? 125 PRO A C   1 
ATOM   904  O O   . PRO A 1 125 ? -5.42662  -15.37245 -8.04456  1.000 39.40499 ? 125 PRO A O   1 
ATOM   905  C CB  . PRO A 1 125 ? -8.45937  -15.46584 -7.46062  1.000 41.31629 ? 125 PRO A CB  1 
ATOM   906  C CG  . PRO A 1 125 ? -9.40215  -15.07848 -8.58896  1.000 37.87768 ? 125 PRO A CG  1 
ATOM   907  C CD  . PRO A 1 125 ? -8.55676  -14.28831 -9.54580  1.000 36.37789 ? 125 PRO A CD  1 
ATOM   908  N N   . ASN A 1 126 ? -5.50729  -14.53674 -5.94782  1.000 36.84709 ? 126 ASN A N   1 
ATOM   909  C CA  . ASN A 1 126 ? -4.22576  -15.08673 -5.50526  1.000 38.70522 ? 126 ASN A CA  1 
ATOM   910  C C   . ASN A 1 126 ? -3.06063  -14.57151 -6.35011  1.000 39.45741 ? 126 ASN A C   1 
ATOM   911  O O   . ASN A 1 126 ? -2.09998  -15.29708 -6.60895  1.000 45.41402 ? 126 ASN A O   1 
ATOM   912  C CB  . ASN A 1 126 ? -4.26097  -16.61699 -5.49769  1.000 39.02965 ? 126 ASN A CB  1 
ATOM   913  C CG  . ASN A 1 126 ? -5.44108  -17.15847 -4.71440  1.000 45.41020 ? 126 ASN A CG  1 
ATOM   914  O OD1 . ASN A 1 126 ? -5.78049  -16.63786 -3.65037  1.000 45.75780 ? 126 ASN A OD1 1 
ATOM   915  N ND2 . ASN A 1 126 ? -6.09472  -18.18390 -5.25108  1.000 41.91001 ? 126 ASN A ND2 1 
ATOM   916  N N   . THR A 1 127 ? -3.13543  -13.30750 -6.76670  1.000 36.40939 ? 127 THR A N   1 
ATOM   917  C CA  . THR A 1 127 ? -2.10324  -12.69266 -7.58925  1.000 32.26156 ? 127 THR A CA  1 
ATOM   918  C C   . THR A 1 127 ? -1.45356  -11.51251 -6.87510  1.000 33.71253 ? 127 THR A C   1 
ATOM   919  O O   . THR A 1 127 ? -1.02571  -10.54261 -7.51475  1.000 35.72464 ? 127 THR A O   1 
ATOM   920  C CB  . THR A 1 127 ? -2.67743  -12.25598 -8.93842  1.000 35.06643 ? 127 THR A CB  1 
ATOM   921  O OG1 . THR A 1 127 ? -3.72885  -11.30493 -8.73417  1.000 35.51913 ? 127 THR A OG1 1 
ATOM   922  C CG2 . THR A 1 127 ? -3.23326  -13.44772 -9.68131  1.000 33.67632 ? 127 THR A CG2 1 
ATOM   923  N N   . ASN A 1 128 ? -1.37861  -11.58562 -5.54770  1.000 36.90722 ? 128 ASN A N   1 
ATOM   924  C CA  . ASN A 1 128 ? -0.84629  -10.48240 -4.75996  1.000 31.36724 ? 128 ASN A CA  1 
ATOM   925  C C   . ASN A 1 128 ? 0.66330   -10.43564 -4.89988  1.000 31.61366 ? 128 ASN A C   1 
ATOM   926  O O   . ASN A 1 128 ? 1.35092   -11.43309 -4.66723  1.000 32.12254 ? 128 ASN A O   1 
ATOM   927  C CB  . ASN A 1 128 ? -1.22760  -10.62620 -3.28656  1.000 28.70689 ? 128 ASN A CB  1 
ATOM   928  C CG  . ASN A 1 128 ? -2.72173  -10.56419 -3.05782  1.000 32.30333 ? 128 ASN A CG  1 
ATOM   929  O OD1 . ASN A 1 128 ? -3.34246  -9.50111  -3.17131  1.000 30.95287 ? 128 ASN A OD1 1 
ATOM   930  N ND2 . ASN A 1 128 ? -3.30633  -11.69825 -2.70069  1.000 31.83423 ? 128 ASN A ND2 1 
ATOM   931  N N   . GLY A 1 129 ? 1.17891   -9.27257  -5.27649  1.000 32.94093 ? 129 GLY A N   1 
ATOM   932  C CA  . GLY A 1 129 ? 2.60882   -9.11493  -5.41095  1.000 29.21418 ? 129 GLY A CA  1 
ATOM   933  C C   . GLY A 1 129 ? 3.12129   -8.06976  -4.45896  1.000 24.61700 ? 129 GLY A C   1 
ATOM   934  O O   . GLY A 1 129 ? 3.25371   -8.32118  -3.25732  1.000 25.68524 ? 129 GLY A O   1 
ATOM   935  N N   . SER A 1 130 ? 3.40844   -6.88791  -4.98476  1.000 24.60092 ? 130 SER A N   1 
ATOM   936  C CA  . SER A 1 130 ? 3.75891   -5.75535  -4.14235  1.000 27.00994 ? 130 SER A CA  1 
ATOM   937  C C   . SER A 1 130 ? 2.89288   -4.53343  -4.40405  1.000 24.98839 ? 130 SER A C   1 
ATOM   938  O O   . SER A 1 130 ? 3.00455   -3.54066  -3.67597  1.000 24.12184 ? 130 SER A O   1 
ATOM   939  C CB  . SER A 1 130 ? 5.23888   -5.37668  -4.32768  1.000 25.24045 ? 130 SER A CB  1 
ATOM   940  O OG  . SER A 1 130 ? 5.54218   -5.10022  -5.69599  1.000 27.46219 ? 130 SER A OG  1 
ATOM   941  N N   . GLN A 1 131 ? 2.05548   -4.56060  -5.41918  1.000 23.59249 ? 131 GLN A N   1 
ATOM   942  C CA  . GLN A 1 131 ? 1.24798   -3.39889  -5.71506  1.000 26.76611 ? 131 GLN A CA  1 
ATOM   943  C C   . GLN A 1 131 ? 0.11250   -3.28973  -4.70198  1.000 27.69662 ? 131 GLN A C   1 
ATOM   944  O O   . GLN A 1 131 ? -0.59426  -4.26652  -4.41527  1.000 27.90683 ? 131 GLN A O   1 
ATOM   945  C CB  . GLN A 1 131 ? 0.72176   -3.47069  -7.14596  1.000 27.82291 ? 131 GLN A CB  1 
ATOM   946  C CG  . GLN A 1 131 ? 1.80957   -3.30417  -8.18307  1.000 23.38256 ? 131 GLN A CG  1 
ATOM   947  C CD  . GLN A 1 131 ? 1.25153   -2.97897  -9.55633  1.000 24.66239 ? 131 GLN A CD  1 
ATOM   948  O OE1 . GLN A 1 131 ? 0.23725   -2.29922  -9.67876  1.000 21.33798 ? 131 GLN A OE1 1 
ATOM   949  N NE2 . GLN A 1 131 ? 1.91556   -3.46763  -10.60061 1.000 27.29791 ? 131 GLN A NE2 1 
ATOM   950  N N   . PHE A 1 132 ? -0.04459  -2.09529  -4.15543  1.000 25.79197 ? 132 PHE A N   1 
ATOM   951  C CA  . PHE A 1 132 ? -1.04503  -1.78745  -3.14988  1.000 27.89831 ? 132 PHE A CA  1 
ATOM   952  C C   . PHE A 1 132 ? -1.88073  -0.62802  -3.66264  1.000 24.03679 ? 132 PHE A C   1 
ATOM   953  O O   . PHE A 1 132 ? -1.51251  0.05250   -4.62009  1.000 25.65071 ? 132 PHE A O   1 
ATOM   954  C CB  . PHE A 1 132 ? -0.37636  -1.40098  -1.81776  1.000 23.52436 ? 132 PHE A CB  1 
ATOM   955  C CG  . PHE A 1 132 ? 0.51368   -0.20546  -1.94191  1.000 19.50222 ? 132 PHE A CG  1 
ATOM   956  C CD1 . PHE A 1 132 ? 0.00082   1.07648   -1.79731  1.000 24.88365 ? 132 PHE A CD1 1 
ATOM   957  C CD2 . PHE A 1 132 ? 1.84837   -0.35026  -2.25365  1.000 22.25561 ? 132 PHE A CD2 1 
ATOM   958  C CE1 . PHE A 1 132 ? 0.81665   2.20273   -1.96197  1.000 25.32650 ? 132 PHE A CE1 1 
ATOM   959  C CE2 . PHE A 1 132 ? 2.67165   0.76300   -2.39769  1.000 23.88459 ? 132 PHE A CE2 1 
ATOM   960  C CZ  . PHE A 1 132 ? 2.14872   2.04545   -2.25789  1.000 20.98587 ? 132 PHE A CZ  1 
ATOM   961  N N   . PHE A 1 133 ? -2.98383  -0.34896  -2.99016  1.000 23.99254 ? 133 PHE A N   1 
ATOM   962  C CA  . PHE A 1 133 ? -3.63978  0.92257   -3.22853  1.000 25.09344 ? 133 PHE A CA  1 
ATOM   963  C C   . PHE A 1 133 ? -4.19093  1.43628   -1.91136  1.000 24.10957 ? 133 PHE A C   1 
ATOM   964  O O   . PHE A 1 133 ? -4.39440  0.68242   -0.95987  1.000 25.09874 ? 133 PHE A O   1 
ATOM   965  C CB  . PHE A 1 133 ? -4.73073  0.82760   -4.31377  1.000 20.22853 ? 133 PHE A CB  1 
ATOM   966  C CG  . PHE A 1 133 ? -5.84278  -0.10355  -3.98866  1.000 21.20393 ? 133 PHE A CG  1 
ATOM   967  C CD1 . PHE A 1 133 ? -5.69982  -1.46639  -4.18334  1.000 22.85337 ? 133 PHE A CD1 1 
ATOM   968  C CD2 . PHE A 1 133 ? -7.05653  0.38045   -3.51954  1.000 23.00719 ? 133 PHE A CD2 1 
ATOM   969  C CE1 . PHE A 1 133 ? -6.73660  -2.33455  -3.89536  1.000 26.04848 ? 133 PHE A CE1 1 
ATOM   970  C CE2 . PHE A 1 133 ? -8.10763  -0.48967  -3.22336  1.000 21.92411 ? 133 PHE A CE2 1 
ATOM   971  C CZ  . PHE A 1 133 ? -7.95117  -1.83822  -3.41489  1.000 24.29789 ? 133 PHE A CZ  1 
ATOM   972  N N   . ILE A 1 134 ? -4.36954  2.74630   -1.86160  1.000 21.13685 ? 134 ILE A N   1 
ATOM   973  C CA  . ILE A 1 134 ? -4.99987  3.43549   -0.74785  1.000 25.33568 ? 134 ILE A CA  1 
ATOM   974  C C   . ILE A 1 134 ? -6.33308  3.97745   -1.24636  1.000 26.08717 ? 134 ILE A C   1 
ATOM   975  O O   . ILE A 1 134 ? -6.36545  4.79060   -2.17800  1.000 26.64264 ? 134 ILE A O   1 
ATOM   976  C CB  . ILE A 1 134 ? -4.11848  4.57484   -0.21698  1.000 25.45683 ? 134 ILE A CB  1 
ATOM   977  C CG1 . ILE A 1 134 ? -2.74281  4.05525   0.20119   1.000 24.39436 ? 134 ILE A CG1 1 
ATOM   978  C CG2 . ILE A 1 134 ? -4.81992  5.30157   0.91552   1.000 25.13443 ? 134 ILE A CG2 1 
ATOM   979  C CD1 . ILE A 1 134 ? -1.74236  5.16439   0.38582   1.000 18.63542 ? 134 ILE A CD1 1 
ATOM   980  N N   . THR A 1 135 ? -7.42863  3.52575   -0.64369  1.000 23.86757 ? 135 THR A N   1 
ATOM   981  C CA  . THR A 1 135 ? -8.72858  4.07549   -0.99139  1.000 22.67267 ? 135 THR A CA  1 
ATOM   982  C C   . THR A 1 135 ? -8.80125  5.55808   -0.62897  1.000 24.52681 ? 135 THR A C   1 
ATOM   983  O O   . THR A 1 135 ? -8.14970  6.02854   0.30349   1.000 23.73785 ? 135 THR A O   1 
ATOM   984  C CB  . THR A 1 135 ? -9.83378  3.29824   -0.27561  1.000 26.70741 ? 135 THR A CB  1 
ATOM   985  O OG1 . THR A 1 135 ? -9.81910  3.60470   1.12385   1.000 24.32729 ? 135 THR A OG1 1 
ATOM   986  C CG2 . THR A 1 135 ? -9.63185  1.79977   -0.46492  1.000 28.40353 ? 135 THR A CG2 1 
ATOM   987  N N   . THR A 1 136 ? -9.58507  6.31115   -1.39027  1.000 23.88526 ? 136 THR A N   1 
ATOM   988  C CA  . THR A 1 136 ? -9.93544  7.66596   -0.98498  1.000 25.25452 ? 136 THR A CA  1 
ATOM   989  C C   . THR A 1 136 ? -11.43473 7.84608   -0.84300  1.000 24.59877 ? 136 THR A C   1 
ATOM   990  O O   . THR A 1 136 ? -11.88721 8.96198   -0.56629  1.000 27.07371 ? 136 THR A O   1 
ATOM   991  C CB  . THR A 1 136 ? -9.37607  8.71086   -1.96813  1.000 26.21615 ? 136 THR A CB  1 
ATOM   992  O OG1 . THR A 1 136 ? -9.95286  8.53267   -3.27389  1.000 25.86061 ? 136 THR A OG1 1 
ATOM   993  C CG2 . THR A 1 136 ? -7.86386  8.58746   -2.05431  1.000 22.37813 ? 136 THR A CG2 1 
ATOM   994  N N   . VAL A 1 137 ? -12.20591 6.78033   -1.02579  1.000 20.56773 ? 137 VAL A N   1 
ATOM   995  C CA  . VAL A 1 137 ? -13.65784 6.75583   -0.90205  1.000 22.74161 ? 137 VAL A CA  1 
ATOM   996  C C   . VAL A 1 137 ? -13.99262 5.33175   -0.47532  1.000 26.12057 ? 137 VAL A C   1 
ATOM   997  O O   . VAL A 1 137 ? -13.11564 4.45885   -0.54569  1.000 26.78388 ? 137 VAL A O   1 
ATOM   998  C CB  . VAL A 1 137 ? -14.35604 7.11859   -2.22359  1.000 22.38207 ? 137 VAL A CB  1 
ATOM   999  C CG1 . VAL A 1 137 ? -14.04595 8.53387   -2.64192  1.000 22.98443 ? 137 VAL A CG1 1 
ATOM   1000 C CG2 . VAL A 1 137 ? -13.95156 6.13311   -3.31958  1.000 25.83332 ? 137 VAL A CG2 1 
ATOM   1001 N N   . PRO A 1 138 ? -15.21225 5.04801   -0.01754  1.000 27.34500 ? 138 PRO A N   1 
ATOM   1002 C CA  . PRO A 1 138 ? -15.60479 3.64766   0.20474   1.000 26.38443 ? 138 PRO A CA  1 
ATOM   1003 C C   . PRO A 1 138 ? -15.70512 2.89552   -1.11111  1.000 28.68173 ? 138 PRO A C   1 
ATOM   1004 O O   . PRO A 1 138 ? -16.27832 3.38424   -2.08812  1.000 30.89562 ? 138 PRO A O   1 
ATOM   1005 C CB  . PRO A 1 138 ? -16.98416 3.75464   0.87624   1.000 24.04286 ? 138 PRO A CB  1 
ATOM   1006 C CG  . PRO A 1 138 ? -17.07407 5.14902   1.38701   1.000 26.12022 ? 138 PRO A CG  1 
ATOM   1007 C CD  . PRO A 1 138 ? -16.21785 6.00249   0.49328   1.000 25.46796 ? 138 PRO A CD  1 
ATOM   1008 N N   . CYS A 1 139 ? -15.18199 1.67678   -1.12015  1.000 27.65252 ? 139 CYS A N   1 
ATOM   1009 C CA  . CYS A 1 139 ? -15.14006 0.85134   -2.32411  1.000 24.56509 ? 139 CYS A CA  1 
ATOM   1010 C C   . CYS A 1 139 ? -15.79051 -0.49258  -2.06911  1.000 33.61675 ? 139 CYS A C   1 
ATOM   1011 O O   . CYS A 1 139 ? -15.15677 -1.53247  -2.27028  1.000 38.19328 ? 139 CYS A O   1 
ATOM   1012 C CB  . CYS A 1 139 ? -13.70296 0.64711   -2.78971  1.000 26.06143 ? 139 CYS A CB  1 
ATOM   1013 S SG  . CYS A 1 139 ? -12.78149 2.16400   -3.02533  1.000 26.23769 ? 139 CYS A SG  1 
ATOM   1014 N N   . PRO A 1 140 ? -17.06399 -0.51977  -1.64095  1.000 32.12952 ? 140 PRO A N   1 
ATOM   1015 C CA  . PRO A 1 140 ? -17.67685 -1.81448  -1.29569  1.000 29.92226 ? 140 PRO A CA  1 
ATOM   1016 C C   . PRO A 1 140 ? -17.58741 -2.83427  -2.41821  1.000 32.46937 ? 140 PRO A C   1 
ATOM   1017 O O   . PRO A 1 140 ? -17.58419 -4.04316  -2.14824  1.000 33.02762 ? 140 PRO A O   1 
ATOM   1018 C CB  . PRO A 1 140 ? -19.13413 -1.44751  -0.98274  1.000 29.41971 ? 140 PRO A CB  1 
ATOM   1019 C CG  . PRO A 1 140 ? -19.12135 0.00548   -0.69713  1.000 31.27318 ? 140 PRO A CG  1 
ATOM   1020 C CD  . PRO A 1 140 ? -18.02783 0.58812   -1.52390  1.000 29.51338 ? 140 PRO A CD  1 
ATOM   1021 N N   . TRP A 1 141 ? -17.47574 -2.38477  -3.67092  1.000 31.35380 ? 141 TRP A N   1 
ATOM   1022 C CA  . TRP A 1 141 ? -17.45299 -3.30187  -4.80767  1.000 30.30589 ? 141 TRP A CA  1 
ATOM   1023 C C   . TRP A 1 141 ? -16.12389 -4.04005  -4.94649  1.000 31.75588 ? 141 TRP A C   1 
ATOM   1024 O O   . TRP A 1 141 ? -16.06017 -5.03242  -5.67771  1.000 31.20475 ? 141 TRP A O   1 
ATOM   1025 C CB  . TRP A 1 141 ? -17.79528 -2.54978  -6.11163  1.000 25.75480 ? 141 TRP A CB  1 
ATOM   1026 C CG  . TRP A 1 141 ? -16.77997 -1.51753  -6.48993  1.000 32.53067 ? 141 TRP A CG  1 
ATOM   1027 C CD1 . TRP A 1 141 ? -15.69361 -1.70026  -7.29148  1.000 33.05507 ? 141 TRP A CD1 1 
ATOM   1028 C CD2 . TRP A 1 141 ? -16.72748 -0.14704  -6.04885  1.000 32.72961 ? 141 TRP A CD2 1 
ATOM   1029 N NE1 . TRP A 1 141 ? -14.97412 -0.53220  -7.39005  1.000 35.81791 ? 141 TRP A NE1 1 
ATOM   1030 C CE2 . TRP A 1 141 ? -15.58319 0.43598   -6.63757  1.000 29.81150 ? 141 TRP A CE2 1 
ATOM   1031 C CE3 . TRP A 1 141 ? -17.53965 0.64097   -5.22077  1.000 31.05453 ? 141 TRP A CE3 1 
ATOM   1032 C CZ2 . TRP A 1 141 ? -15.23024 1.77425   -6.43629  1.000 29.99103 ? 141 TRP A CZ2 1 
ATOM   1033 C CZ3 . TRP A 1 141 ? -17.18437 1.97982   -5.00907  1.000 31.34938 ? 141 TRP A CZ3 1 
ATOM   1034 C CH2 . TRP A 1 141 ? -16.03360 2.52837   -5.61256  1.000 29.95875 ? 141 TRP A CH2 1 
ATOM   1035 N N   . LEU A 1 142 ? -15.06674 -3.61067  -4.25556  1.000 33.73157 ? 142 LEU A N   1 
ATOM   1036 C CA  . LEU A 1 142 ? -13.81635 -4.36895  -4.25220  1.000 33.02042 ? 142 LEU A CA  1 
ATOM   1037 C C   . LEU A 1 142 ? -13.80210 -5.46008  -3.19423  1.000 31.01593 ? 142 LEU A C   1 
ATOM   1038 O O   . LEU A 1 142 ? -12.83471 -6.23307  -3.13324  1.000 30.59991 ? 142 LEU A O   1 
ATOM   1039 C CB  . LEU A 1 142 ? -12.60940 -3.44588  -4.04444  1.000 32.67945 ? 142 LEU A CB  1 
ATOM   1040 C CG  . LEU A 1 142 ? -12.40056 -2.37360  -5.11762  1.000 31.79801 ? 142 LEU A CG  1 
ATOM   1041 C CD1 . LEU A 1 142 ? -11.03748 -1.71253  -4.96728  1.000 29.95940 ? 142 LEU A CD1 1 
ATOM   1042 C CD2 . LEU A 1 142 ? -12.56443 -2.95995  -6.48647  1.000 31.85372 ? 142 LEU A CD2 1 
ATOM   1043 N N   . ASN A 1 143 ? -14.85707 -5.54753  -2.38336  1.000 31.22963 ? 143 ASN A N   1 
ATOM   1044 C CA  . ASN A 1 143 ? -14.92687 -6.55509  -1.33461  1.000 31.50892 ? 143 ASN A CA  1 
ATOM   1045 C C   . ASN A 1 143 ? -14.93415 -7.94839  -1.93456  1.000 29.20192 ? 143 ASN A C   1 
ATOM   1046 O O   . ASN A 1 143 ? -15.62411 -8.21316  -2.91914  1.000 35.52784 ? 143 ASN A O   1 
ATOM   1047 C CB  . ASN A 1 143 ? -16.16475 -6.33308  -0.47403  1.000 25.66766 ? 143 ASN A CB  1 
ATOM   1048 C CG  . ASN A 1 143 ? -16.04217 -5.10472  0.38031   1.000 26.65228 ? 143 ASN A CG  1 
ATOM   1049 O OD1 . ASN A 1 143 ? -14.96700 -4.54410  0.49446   1.000 34.00564 ? 143 ASN A OD1 1 
ATOM   1050 N ND2 . ASN A 1 143 ? -17.13392 -4.67585  0.98328   1.000 30.83706 ? 143 ASN A ND2 1 
ATOM   1051 N N   . GLY A 1 144 ? -14.14841 -8.83731  -1.34570  1.000 26.90546 ? 144 GLY A N   1 
ATOM   1052 C CA  . GLY A 1 144 ? -13.97958 -10.15617 -1.89647  1.000 28.87428 ? 144 GLY A CA  1 
ATOM   1053 C C   . GLY A 1 144 ? -12.99926 -10.25931 -3.04257  1.000 32.53538 ? 144 GLY A C   1 
ATOM   1054 O O   . GLY A 1 144 ? -12.69071 -11.38316 -3.46263  1.000 32.83348 ? 144 GLY A O   1 
ATOM   1055 N N   . LYS A 1 145 ? -12.49605 -9.13575  -3.57043  1.000 33.14956 ? 145 LYS A N   1 
ATOM   1056 C CA  . LYS A 1 145 ? -11.49435 -9.16150  -4.63489  1.000 34.13460 ? 145 LYS A CA  1 
ATOM   1057 C C   . LYS A 1 145 ? -10.11905 -8.69885  -4.18752  1.000 34.03252 ? 145 LYS A C   1 
ATOM   1058 O O   . LYS A 1 145 ? -9.11637  -9.26007  -4.63747  1.000 29.29075 ? 145 LYS A O   1 
ATOM   1059 C CB  . LYS A 1 145 ? -11.94461 -8.30656  -5.81960  1.000 33.20969 ? 145 LYS A CB  1 
ATOM   1060 C CG  . LYS A 1 145 ? -13.29526 -8.68795  -6.36073  1.000 33.89235 ? 145 LYS A CG  1 
ATOM   1061 C CD  . LYS A 1 145 ? -14.05354 -7.45914  -6.84655  1.000 38.90726 ? 145 LYS A CD  1 
ATOM   1062 C CE  . LYS A 1 145 ? -15.24225 -7.85826  -7.71798  1.000 48.97220 ? 145 LYS A CE  1 
ATOM   1063 N NZ  . LYS A 1 145 ? -14.97692 -9.12067  -8.47981  1.000 52.02070 ? 145 LYS A NZ  1 
ATOM   1064 N N   . HIS A 1 146 ? -10.04320 -7.69661  -3.30628  1.000 33.17238 ? 146 HIS A N   1 
ATOM   1065 C CA  . HIS A 1 146 ? -8.77244  -7.15689  -2.83734  1.000 27.84232 ? 146 HIS A CA  1 
ATOM   1066 C C   . HIS A 1 146 ? -8.69798  -7.25372  -1.32158  1.000 27.76077 ? 146 HIS A C   1 
ATOM   1067 O O   . HIS A 1 146 ? -9.63419  -6.84898  -0.62432  1.000 27.62640 ? 146 HIS A O   1 
ATOM   1068 C CB  . HIS A 1 146 ? -8.58935  -5.70303  -3.27949  1.000 24.99998 ? 146 HIS A CB  1 
ATOM   1069 C CG  . HIS A 1 146 ? -8.63970  -5.51236  -4.75710  1.000 27.55461 ? 146 HIS A CG  1 
ATOM   1070 N ND1 . HIS A 1 146 ? -7.51288  -5.54084  -5.54655  1.000 27.69116 ? 146 HIS A ND1 1 
ATOM   1071 C CD2 . HIS A 1 146 ? -9.68284  -5.29388  -5.59254  1.000 30.90298 ? 146 HIS A CD2 1 
ATOM   1072 C CE1 . HIS A 1 146 ? -7.85884  -5.34031  -6.80494  1.000 33.96314 ? 146 HIS A CE1 1 
ATOM   1073 N NE2 . HIS A 1 146 ? -9.16981  -5.19343  -6.86097  1.000 34.19434 ? 146 HIS A NE2 1 
ATOM   1074 N N   . VAL A 1 147 ? -7.56472  -7.74571  -0.82573  1.000 27.23144 ? 147 VAL A N   1 
ATOM   1075 C CA  . VAL A 1 147 ? -7.32906  -7.95884  0.60099   1.000 26.21116 ? 147 VAL A CA  1 
ATOM   1076 C C   . VAL A 1 147 ? -6.92257  -6.64041  1.25879   1.000 28.17327 ? 147 VAL A C   1 
ATOM   1077 O O   . VAL A 1 147 ? -5.83845  -6.10896  0.99439   1.000 25.34918 ? 147 VAL A O   1 
ATOM   1078 C CB  . VAL A 1 147 ? -6.25875  -9.02887  0.81404   1.000 23.70824 ? 147 VAL A CB  1 
ATOM   1079 C CG1 . VAL A 1 147 ? -5.88581  -9.12731  2.26520   1.000 24.93315 ? 147 VAL A CG1 1 
ATOM   1080 C CG2 . VAL A 1 147 ? -6.75265  -10.33436 0.26678   1.000 26.12016 ? 147 VAL A CG2 1 
ATOM   1081 N N   . VAL A 1 148 ? -7.79812  -6.10731  2.12341   1.000 29.01787 ? 148 VAL A N   1 
ATOM   1082 C CA  . VAL A 1 148 ? -7.44379  -4.96795  2.96394   1.000 26.40039 ? 148 VAL A CA  1 
ATOM   1083 C C   . VAL A 1 148 ? -6.56230  -5.46475  4.09887   1.000 28.91784 ? 148 VAL A C   1 
ATOM   1084 O O   . VAL A 1 148 ? -6.81663  -6.52429  4.69377   1.000 27.12317 ? 148 VAL A O   1 
ATOM   1085 C CB  . VAL A 1 148 ? -8.69857  -4.26021  3.50846   1.000 28.95208 ? 148 VAL A CB  1 
ATOM   1086 C CG1 . VAL A 1 148 ? -8.30065  -3.05436  4.39188   1.000 24.38092 ? 148 VAL A CG1 1 
ATOM   1087 C CG2 . VAL A 1 148 ? -9.61569  -3.82418  2.38136   1.000 24.26106 ? 148 VAL A CG2 1 
ATOM   1088 N N   . PHE A 1 149 ? -5.51431  -4.70022  4.40745   1.000 27.12854 ? 149 PHE A N   1 
ATOM   1089 C CA  . PHE A 1 149 ? -4.53713  -5.17802  5.37179   1.000 26.21609 ? 149 PHE A CA  1 
ATOM   1090 C C   . PHE A 1 149 ? -3.94479  -4.06649  6.22872   1.000 24.36472 ? 149 PHE A C   1 
ATOM   1091 O O   . PHE A 1 149 ? -3.04018  -4.34035  7.02986   1.000 22.44692 ? 149 PHE A O   1 
ATOM   1092 C CB  . PHE A 1 149 ? -3.42853  -5.93197  4.63322   1.000 24.14090 ? 149 PHE A CB  1 
ATOM   1093 C CG  . PHE A 1 149 ? -2.64084  -5.07254  3.71167   1.000 28.13887 ? 149 PHE A CG  1 
ATOM   1094 C CD1 . PHE A 1 149 ? -1.52475  -4.36931  4.17757   1.000 27.00630 ? 149 PHE A CD1 1 
ATOM   1095 C CD2 . PHE A 1 149 ? -2.99913  -4.96069  2.38179   1.000 25.03084 ? 149 PHE A CD2 1 
ATOM   1096 C CE1 . PHE A 1 149 ? -0.78489  -3.57383  3.34224   1.000 21.67664 ? 149 PHE A CE1 1 
ATOM   1097 C CE2 . PHE A 1 149 ? -2.27018  -4.16195  1.53885   1.000 28.48031 ? 149 PHE A CE2 1 
ATOM   1098 C CZ  . PHE A 1 149 ? -1.15524  -3.46102  2.01804   1.000 27.79879 ? 149 PHE A CZ  1 
ATOM   1099 N N   . GLY A 1 150 ? -4.41963  -2.83302  6.09284   1.000 26.57397 ? 150 GLY A N   1 
ATOM   1100 C CA  . GLY A 1 150 ? -3.85625  -1.73170  6.85245   1.000 24.87942 ? 150 GLY A CA  1 
ATOM   1101 C C   . GLY A 1 150 ? -4.63737  -0.45533  6.63858   1.000 22.38413 ? 150 GLY A C   1 
ATOM   1102 O O   . GLY A 1 150 ? -5.60750  -0.40845  5.88005   1.000 24.86774 ? 150 GLY A O   1 
ATOM   1103 N N   . LYS A 1 151 ? -4.20196  0.59443   7.32062   1.000 19.76782 ? 151 LYS A N   1 
ATOM   1104 C CA  . LYS A 1 151 ? -4.87634  1.86737   7.15592   1.000 23.92320 ? 151 LYS A CA  1 
ATOM   1105 C C   . LYS A 1 151 ? -3.89129  3.00787   7.35870   1.000 25.27365 ? 151 LYS A C   1 
ATOM   1106 O O   . LYS A 1 151 ? -2.81470  2.83758   7.94595   1.000 21.76565 ? 151 LYS A O   1 
ATOM   1107 C CB  . LYS A 1 151 ? -6.07227  1.99983   8.10424   1.000 25.01181 ? 151 LYS A CB  1 
ATOM   1108 C CG  . LYS A 1 151 ? -5.73786  2.23295   9.56865   1.000 23.01837 ? 151 LYS A CG  1 
ATOM   1109 C CD  . LYS A 1 151 ? -7.03506  2.48538   10.27132  1.000 24.03856 ? 151 LYS A CD  1 
ATOM   1110 C CE  . LYS A 1 151 ? -6.86854  2.98603   11.67954  1.000 24.72324 ? 151 LYS A CE  1 
ATOM   1111 N NZ  . LYS A 1 151 ? -8.23798  3.14403   12.27605  1.000 33.82541 ? 151 LYS A NZ  1 
ATOM   1112 N N   . VAL A 1 152 ? -4.26531  4.16825   6.80664   1.000 25.20930 ? 152 VAL A N   1 
ATOM   1113 C CA  . VAL A 1 152 ? -3.54989  5.40695   7.07920   1.000 27.19689 ? 152 VAL A CA  1 
ATOM   1114 C C   . VAL A 1 152 ? -3.84310  5.84340   8.50559   1.000 30.79271 ? 152 VAL A C   1 
ATOM   1115 O O   . VAL A 1 152 ? -5.00337  5.91312   8.92953   1.000 29.60696 ? 152 VAL A O   1 
ATOM   1116 C CB  . VAL A 1 152 ? -3.93817  6.50281   6.07989   1.000 24.75959 ? 152 VAL A CB  1 
ATOM   1117 C CG1 . VAL A 1 152 ? -2.94566  7.64333   6.15681   1.000 27.93715 ? 152 VAL A CG1 1 
ATOM   1118 C CG2 . VAL A 1 152 ? -3.98687  5.94017   4.67540   1.000 28.09499 ? 152 VAL A CG2 1 
ATOM   1119 N N   . ILE A 1 153 ? -2.78458  6.11169   9.26049   1.000 33.19078 ? 153 ILE A N   1 
ATOM   1120 C CA  . ILE A 1 153 ? -2.91614  6.56942   10.63271  1.000 30.06240 ? 153 ILE A CA  1 
ATOM   1121 C C   . ILE A 1 153 ? -2.36914  7.97829   10.81329  1.000 25.15112 ? 153 ILE A C   1 
ATOM   1122 O O   . ILE A 1 153 ? -2.77533  8.66817   11.76052  1.000 31.26587 ? 153 ILE A O   1 
ATOM   1123 C CB  . ILE A 1 153 ? -2.24932  5.58171   11.61950  1.000 26.89803 ? 153 ILE A CB  1 
ATOM   1124 C CG1 . ILE A 1 153 ? -0.81235  5.26820   11.20515  1.000 26.15244 ? 153 ILE A CG1 1 
ATOM   1125 C CG2 . ILE A 1 153 ? -3.04797  4.29590   11.69451  1.000 22.51484 ? 153 ILE A CG2 1 
ATOM   1126 C CD1 . ILE A 1 153 ? 0.04631   4.78662   12.33281  1.000 24.64685 ? 153 ILE A CD1 1 
ATOM   1127 N N   . GLU A 1 154 ? -1.51979  8.44817   9.91474   1.000 26.54284 ? 154 GLU A N   1 
ATOM   1128 C CA  . GLU A 1 154 ? -1.08829  9.83542   9.92003   1.000 36.67532 ? 154 GLU A CA  1 
ATOM   1129 C C   . GLU A 1 154 ? -0.78363  10.25594  8.48741   1.000 37.06763 ? 154 GLU A C   1 
ATOM   1130 O O   . GLU A 1 154 ? -0.26721  9.45785   7.69656   1.000 34.19041 ? 154 GLU A O   1 
ATOM   1131 C CB  . GLU A 1 154 ? 0.13604   10.00068  10.82439  1.000 42.62971 ? 154 GLU A CB  1 
ATOM   1132 C CG  . GLU A 1 154 ? 0.74284   11.38532  10.91442  1.000 40.09472 ? 154 GLU A CG  1 
ATOM   1133 C CD  . GLU A 1 154 ? 1.82368   11.42239  11.98218  1.000 54.08084 ? 154 GLU A CD  1 
ATOM   1134 O OE1 . GLU A 1 154 ? 1.67303   10.71170  13.00379  1.000 56.13396 ? 154 GLU A OE1 1 
ATOM   1135 O OE2 . GLU A 1 154 ? 2.83359   12.13111  11.79431  1.000 52.84110 ? 154 GLU A OE2 1 
ATOM   1136 N N   . GLY A 1 155 ? -1.12406  11.49669  8.14891   1.000 34.47255 ? 155 GLY A N   1 
ATOM   1137 C CA  . GLY A 1 155 ? -0.75389  12.02861  6.85151   1.000 35.06905 ? 155 GLY A CA  1 
ATOM   1138 C C   . GLY A 1 155 ? -1.74382  11.79024  5.73452   1.000 36.86777 ? 155 GLY A C   1 
ATOM   1139 O O   . GLY A 1 155 ? -1.34919  11.79961  4.55951   1.000 36.50914 ? 155 GLY A O   1 
ATOM   1140 N N   . MET A 1 156 ? -3.01979  11.57060  6.05809   1.000 36.59511 ? 156 MET A N   1 
ATOM   1141 C CA  . MET A 1 156 ? -4.03457  11.48280  5.01854   1.000 28.02864 ? 156 MET A CA  1 
ATOM   1142 C C   . MET A 1 156 ? -4.08529  12.74570  4.16580   1.000 27.66084 ? 156 MET A C   1 
ATOM   1143 O O   . MET A 1 156 ? -4.47285  12.68505  2.99663   1.000 30.72025 ? 156 MET A O   1 
ATOM   1144 C CB  . MET A 1 156 ? -5.39391  11.19666  5.63945   1.000 24.22465 ? 156 MET A CB  1 
ATOM   1145 C CG  . MET A 1 156 ? -6.49242  10.95848  4.61027   1.000 29.04752 ? 156 MET A CG  1 
ATOM   1146 S SD  . MET A 1 156 ? -6.42482  9.30518   3.87598   1.000 34.59356 ? 156 MET A SD  1 
ATOM   1147 C CE  . MET A 1 156 ? -7.62588  9.42973   2.52715   1.000 21.39906 ? 156 MET A CE  1 
ATOM   1148 N N   . GLU A 1 157 ? -3.67024  13.88725  4.70840   1.000 28.64289 ? 157 GLU A N   1 
ATOM   1149 C CA  . GLU A 1 157 ? -3.62423  15.10696  3.90731   1.000 31.39459 ? 157 GLU A CA  1 
ATOM   1150 C C   . GLU A 1 157 ? -2.72982  14.93770  2.68255   1.000 30.54675 ? 157 GLU A C   1 
ATOM   1151 O O   . GLU A 1 157 ? -2.92588  15.61269  1.66041   1.000 27.88218 ? 157 GLU A O   1 
ATOM   1152 C CB  . GLU A 1 157 ? -3.13250  16.27652  4.76002   1.000 32.76543 ? 157 GLU A CB  1 
ATOM   1153 C CG  . GLU A 1 157 ? -3.52615  16.19398  6.23636   1.000 39.50343 ? 157 GLU A CG  1 
ATOM   1154 C CD  . GLU A 1 157 ? -2.62069  15.26924  7.04458   1.000 45.37403 ? 157 GLU A CD  1 
ATOM   1155 O OE1 . GLU A 1 157 ? -3.15835  14.56583  7.93618   1.000 48.22806 ? 157 GLU A OE1 1 
ATOM   1156 O OE2 . GLU A 1 157 ? -1.38807  15.23487  6.77780   1.000 42.90306 ? 157 GLU A OE2 1 
ATOM   1157 N N   . ILE A 1 158 ? -1.76080  14.03404  2.76091   1.000 27.86974 ? 158 ILE A N   1 
ATOM   1158 C CA  . ILE A 1 158 ? -0.84171  13.80567  1.65794   1.000 30.72134 ? 158 ILE A CA  1 
ATOM   1159 C C   . ILE A 1 158 ? -1.41714  12.80581  0.66107   1.000 31.10795 ? 158 ILE A C   1 
ATOM   1160 O O   . ILE A 1 158 ? -1.27624  12.97150  -0.55273  1.000 28.35059 ? 158 ILE A O   1 
ATOM   1161 C CB  . ILE A 1 158 ? 0.50990   13.36043  2.24228   1.000 33.27376 ? 158 ILE A CB  1 
ATOM   1162 C CG1 . ILE A 1 158 ? 0.99046   14.43784  3.21283   1.000 33.25472 ? 158 ILE A CG1 1 
ATOM   1163 C CG2 . ILE A 1 158 ? 1.54693   13.12994  1.15008   1.000 34.49571 ? 158 ILE A CG2 1 
ATOM   1164 C CD1 . ILE A 1 158 ? 2.15073   14.02548  4.04303   1.000 35.40216 ? 158 ILE A CD1 1 
ATOM   1165 N N   . VAL A 1 159 ? -2.10495  11.77841  1.15572   1.000 31.53551 ? 159 VAL A N   1 
ATOM   1166 C CA  . VAL A 1 159 ? -2.89958  10.93800  0.27121   1.000 31.68047 ? 159 VAL A CA  1 
ATOM   1167 C C   . VAL A 1 159 ? -3.87383  11.80140  -0.52621  1.000 32.59921 ? 159 VAL A C   1 
ATOM   1168 O O   . VAL A 1 159 ? -4.01788  11.64289  -1.74399  1.000 30.88134 ? 159 VAL A O   1 
ATOM   1169 C CB  . VAL A 1 159 ? -3.63449  9.85417   1.07949   1.000 29.11449 ? 159 VAL A CB  1 
ATOM   1170 C CG1 . VAL A 1 159 ? -4.54767  9.04019   0.14723   1.000 27.12816 ? 159 VAL A CG1 1 
ATOM   1171 C CG2 . VAL A 1 159 ? -2.64406  8.97239   1.82590   1.000 22.70456 ? 159 VAL A CG2 1 
ATOM   1172 N N   . LYS A 1 160 ? -4.55220  12.73743  0.15616   1.000 30.75563 ? 160 LYS A N   1 
ATOM   1173 C CA  . LYS A 1 160 ? -5.46436  13.65117  -0.52500  1.000 25.15178 ? 160 LYS A CA  1 
ATOM   1174 C C   . LYS A 1 160 ? -4.73938  14.48438  -1.56321  1.000 29.48321 ? 160 LYS A C   1 
ATOM   1175 O O   . LYS A 1 160 ? -5.31377  14.80923  -2.61208  1.000 30.29347 ? 160 LYS A O   1 
ATOM   1176 C CB  . LYS A 1 160 ? -6.14919  14.56106  0.48699   1.000 23.13919 ? 160 LYS A CB  1 
ATOM   1177 C CG  . LYS A 1 160 ? -7.15646  13.84410  1.38527   1.000 28.68933 ? 160 LYS A CG  1 
ATOM   1178 C CD  . LYS A 1 160 ? -8.21024  13.07014  0.57748   1.000 27.04380 ? 160 LYS A CD  1 
ATOM   1179 C CE  . LYS A 1 160 ? -9.13102  13.99963  -0.17936  1.000 21.44465 ? 160 LYS A CE  1 
ATOM   1180 N NZ  . LYS A 1 160 ? -10.20441 13.25998  -0.89667  1.000 24.99977 ? 160 LYS A NZ  1 
ATOM   1181 N N   . LYS A 1 161 ? -3.47173  14.81116  -1.30222  1.000 26.65567 ? 161 LYS A N   1 
ATOM   1182 C CA  . LYS A 1 161 ? -2.69855  15.62424  -2.23166  1.000 26.75192 ? 161 LYS A CA  1 
ATOM   1183 C C   . LYS A 1 161 ? -2.31742  14.83866  -3.48038  1.000 27.53716 ? 161 LYS A C   1 
ATOM   1184 O O   . LYS A 1 161 ? -2.46293  15.33864  -4.60299  1.000 32.97627 ? 161 LYS A O   1 
ATOM   1185 C CB  . LYS A 1 161 ? -1.45060  16.15615  -1.53899  1.000 30.17100 ? 161 LYS A CB  1 
ATOM   1186 C CG  . LYS A 1 161 ? -0.68423  17.13688  -2.38096  1.000 32.54704 ? 161 LYS A CG  1 
ATOM   1187 C CD  . LYS A 1 161 ? 0.00190   18.16658  -1.52512  1.000 49.84491 ? 161 LYS A CD  1 
ATOM   1188 C CE  . LYS A 1 161 ? -0.96608  19.12238  -0.82902  1.000 54.15830 ? 161 LYS A CE  1 
ATOM   1189 N NZ  . LYS A 1 161 ? -0.21628  20.22249  -0.14564  1.000 53.58062 ? 161 LYS A NZ  1 
ATOM   1190 N N   . ILE A 1 162 ? -1.78584  13.62216  -3.30289  1.000 28.74472 ? 162 ILE A N   1 
ATOM   1191 C CA  . ILE A 1 162 ? -1.47031  12.75063  -4.43896  1.000 25.76313 ? 162 ILE A CA  1 
ATOM   1192 C C   . ILE A 1 162 ? -2.71318  12.51162  -5.28970  1.000 27.70092 ? 162 ILE A C   1 
ATOM   1193 O O   . ILE A 1 162 ? -2.64732  12.50889  -6.52407  1.000 26.02053 ? 162 ILE A O   1 
ATOM   1194 C CB  . ILE A 1 162 ? -0.87096  11.41976  -3.94678  1.000 26.15406 ? 162 ILE A CB  1 
ATOM   1195 C CG1 . ILE A 1 162 ? 0.48529   11.64977  -3.25007  1.000 33.03187 ? 162 ILE A CG1 1 
ATOM   1196 C CG2 . ILE A 1 162 ? -0.73466  10.48101  -5.09772  1.000 24.92507 ? 162 ILE A CG2 1 
ATOM   1197 C CD1 . ILE A 1 162 ? 0.84186   10.63741  -2.15605  1.000 18.72203 ? 162 ILE A CD1 1 
ATOM   1198 N N   . GLU A 1 163 ? -3.86761  12.32560  -4.64377  1.000 22.41251 ? 163 GLU A N   1 
ATOM   1199 C CA  . GLU A 1 163 ? -5.11069  12.10305  -5.37345  1.000 25.27117 ? 163 GLU A CA  1 
ATOM   1200 C C   . GLU A 1 163 ? -5.41486  13.26195  -6.31931  1.000 32.53714 ? 163 GLU A C   1 
ATOM   1201 O O   . GLU A 1 163 ? -5.80370  13.05418  -7.48000  1.000 24.91658 ? 163 GLU A O   1 
ATOM   1202 C CB  . GLU A 1 163 ? -6.24975  11.89486  -4.38275  1.000 23.54002 ? 163 GLU A CB  1 
ATOM   1203 C CG  . GLU A 1 163 ? -7.62368  11.80821  -4.99420  1.000 23.73435 ? 163 GLU A CG  1 
ATOM   1204 C CD  . GLU A 1 163 ? -8.71871  11.77933  -3.92581  1.000 27.57261 ? 163 GLU A CD  1 
ATOM   1205 O OE1 . GLU A 1 163 ? -9.72673  11.06675  -4.10971  1.000 26.80478 ? 163 GLU A OE1 1 
ATOM   1206 O OE2 . GLU A 1 163 ? -8.56338  12.46519  -2.89428  1.000 29.27956 ? 163 GLU A OE2 1 
ATOM   1207 N N   . SER A 1 164 ? -5.22140  14.49857  -5.83563  1.000 29.75388 ? 164 SER A N   1 
ATOM   1208 C CA  . SER A 1 164 ? -5.48678  15.67981  -6.64553  1.000 24.62369 ? 164 SER A CA  1 
ATOM   1209 C C   . SER A 1 164 ? -4.56038  15.77829  -7.84601  1.000 27.15060 ? 164 SER A C   1 
ATOM   1210 O O   . SER A 1 164 ? -4.83648  16.54336  -8.77430  1.000 29.89147 ? 164 SER A O   1 
ATOM   1211 C CB  . SER A 1 164 ? -5.34641  16.92811  -5.79771  1.000 20.81278 ? 164 SER A CB  1 
ATOM   1212 O OG  . SER A 1 164 ? -4.00561  17.09237  -5.40818  1.000 24.65532 ? 164 SER A OG  1 
ATOM   1213 N N   . LEU A 1 165 ? -3.46315  15.03530  -7.85618  1.000 29.34954 ? 165 LEU A N   1 
ATOM   1214 C CA  . LEU A 1 165 ? -2.60188  15.00564  -9.02405  1.000 28.41349 ? 165 LEU A CA  1 
ATOM   1215 C C   . LEU A 1 165 ? -2.98289  13.90182  -9.99620  1.000 25.72039 ? 165 LEU A C   1 
ATOM   1216 O O   . LEU A 1 165 ? -2.19968  13.59231  -10.89514 1.000 32.59296 ? 165 LEU A O   1 
ATOM   1217 C CB  . LEU A 1 165 ? -1.14349  14.86382  -8.59006  1.000 28.66362 ? 165 LEU A CB  1 
ATOM   1218 C CG  . LEU A 1 165 ? -0.71888  15.94164  -7.58740  1.000 29.42921 ? 165 LEU A CG  1 
ATOM   1219 C CD1 . LEU A 1 165 ? 0.69095   15.68006  -7.07159  1.000 27.15400 ? 165 LEU A CD1 1 
ATOM   1220 C CD2 . LEU A 1 165 ? -0.81020  17.30930  -8.23892  1.000 27.33767 ? 165 LEU A CD2 1 
ATOM   1221 N N   . GLY A 1 166 ? -4.17312  13.31547  -9.84679  1.000 31.59399 ? 166 GLY A N   1 
ATOM   1222 C CA  . GLY A 1 166 ? -4.61574  12.21924  -10.68214 1.000 28.84358 ? 166 GLY A CA  1 
ATOM   1223 C C   . GLY A 1 166 ? -5.47204  12.66563  -11.85810 1.000 30.07595 ? 166 GLY A C   1 
ATOM   1224 O O   . GLY A 1 166 ? -5.64722  13.85320  -12.13455 1.000 33.18160 ? 166 GLY A O   1 
ATOM   1225 N N   . SER A 1 167 ? -5.98245  11.67089  -12.58630 1.000 32.90546 ? 167 SER A N   1 
ATOM   1226 C CA  . SER A 1 167 ? -6.92537  11.85270  -13.68843 1.000 26.95600 ? 167 SER A CA  1 
ATOM   1227 C C   . SER A 1 167 ? -7.91378  10.69808  -13.65968 1.000 30.18248 ? 167 SER A C   1 
ATOM   1228 O O   . SER A 1 167 ? -7.72132  9.70805   -12.95391 1.000 32.67127 ? 167 SER A O   1 
ATOM   1229 C CB  . SER A 1 167 ? -6.22336  11.91845  -15.05358 1.000 31.33724 ? 167 SER A CB  1 
ATOM   1230 O OG  . SER A 1 167 ? -5.36400  10.79955  -15.26505 1.000 32.56773 ? 167 SER A OG  1 
ATOM   1231 N N   . GLN A 1 168 ? -8.98989  10.80988  -14.43068 1.000 35.31728 ? 168 GLN A N   1 
ATOM   1232 C CA  . GLN A 1 168 ? -9.92657  9.69673   -14.42768 1.000 32.24142 ? 168 GLN A CA  1 
ATOM   1233 C C   . GLN A 1 168 ? -9.34917  8.49111   -15.15608 1.000 30.45053 ? 168 GLN A C   1 
ATOM   1234 O O   . GLN A 1 168 ? -9.59456  7.35020   -14.74319 1.000 35.28375 ? 168 GLN A O   1 
ATOM   1235 C CB  . GLN A 1 168 ? -11.27814 10.13011  -14.99848 1.000 41.47473 ? 168 GLN A CB  1 
ATOM   1236 C CG  . GLN A 1 168 ? -11.94655 11.23345  -14.14316 1.000 50.36662 ? 168 GLN A CG  1 
ATOM   1237 C CD  . GLN A 1 168 ? -12.21569 10.79819  -12.67822 1.000 54.76455 ? 168 GLN A CD  1 
ATOM   1238 O OE1 . GLN A 1 168 ? -12.45193 9.61791   -12.39744 1.000 57.46936 ? 168 GLN A OE1 1 
ATOM   1239 N NE2 . GLN A 1 168 ? -12.17313 11.75885  -11.75018 1.000 52.99357 ? 168 GLN A NE2 1 
ATOM   1240 N N   . SER A 1 169 ? -8.55519  8.71297   -16.21044 1.000 30.50607 ? 169 SER A N   1 
ATOM   1241 C CA  . SER A 1 169 ? -7.76879  7.62737   -16.78738 1.000 25.92723 ? 169 SER A CA  1 
ATOM   1242 C C   . SER A 1 169 ? -6.80539  7.03507   -15.78185 1.000 32.10966 ? 169 SER A C   1 
ATOM   1243 O O   . SER A 1 169 ? -6.39512  5.87550   -15.93119 1.000 33.46599 ? 169 SER A O   1 
ATOM   1244 C CB  . SER A 1 169 ? -6.95574  8.12164   -17.96965 1.000 31.61724 ? 169 SER A CB  1 
ATOM   1245 O OG  . SER A 1 169 ? -5.73802  8.71208   -17.53428 1.000 30.40460 ? 169 SER A OG  1 
ATOM   1246 N N   . GLY A 1 170 ? -6.40602  7.82498   -14.78591 1.000 28.62573 ? 170 GLY A N   1 
ATOM   1247 C CA  . GLY A 1 170 ? -5.53840  7.37990   -13.73026 1.000 26.11276 ? 170 GLY A CA  1 
ATOM   1248 C C   . GLY A 1 170 ? -4.08849  7.71107   -13.94534 1.000 27.60593 ? 170 GLY A C   1 
ATOM   1249 O O   . GLY A 1 170 ? -3.27909  7.47260   -13.04242 1.000 29.06316 ? 170 GLY A O   1 
ATOM   1250 N N   . THR A 1 171 ? -3.73310  8.23336   -15.10900 1.000 28.26017 ? 171 THR A N   1 
ATOM   1251 C CA  . THR A 1 171 ? -2.34811  8.61252   -15.34859 1.000 28.44914 ? 171 THR A CA  1 
ATOM   1252 C C   . THR A 1 171 ? -2.00791  9.79912   -14.45078 1.000 27.54884 ? 171 THR A C   1 
ATOM   1253 O O   . THR A 1 171 ? -2.79403  10.74762  -14.36308 1.000 28.43507 ? 171 THR A O   1 
ATOM   1254 C CB  . THR A 1 171 ? -2.12339  8.95106   -16.82894 1.000 29.64500 ? 171 THR A CB  1 
ATOM   1255 O OG1 . THR A 1 171 ? -2.06100  7.73896   -17.59326 1.000 25.86689 ? 171 THR A OG1 1 
ATOM   1256 C CG2 . THR A 1 171 ? -0.82282  9.71435   -17.02638 1.000 27.06493 ? 171 THR A CG2 1 
ATOM   1257 N N   . PRO A 1 172 ? -0.89878  9.75449   -13.72088 1.000 28.39324 ? 172 PRO A N   1 
ATOM   1258 C CA  . PRO A 1 172 ? -0.58804  10.84375  -12.78966 1.000 31.67483 ? 172 PRO A CA  1 
ATOM   1259 C C   . PRO A 1 172 ? -0.15788  12.09812  -13.53064 1.000 31.00797 ? 172 PRO A C   1 
ATOM   1260 O O   . PRO A 1 172 ? 0.42159   12.03208  -14.61511 1.000 29.96738 ? 172 PRO A O   1 
ATOM   1261 C CB  . PRO A 1 172 ? 0.56532   10.27406  -11.94496 1.000 32.31203 ? 172 PRO A CB  1 
ATOM   1262 C CG  . PRO A 1 172 ? 0.54320   8.77170   -12.19772 1.000 26.81525 ? 172 PRO A CG  1 
ATOM   1263 C CD  . PRO A 1 172 ? 0.04182   8.62839   -13.59368 1.000 25.47947 ? 172 PRO A CD  1 
ATOM   1264 N N   . LYS A 1 173 ? -0.43453  13.25662  -12.92741 1.000 29.36426 ? 173 LYS A N   1 
ATOM   1265 C CA  . LYS A 1 173 ? -0.01511  14.52716  -13.50642 1.000 33.62982 ? 173 LYS A CA  1 
ATOM   1266 C C   . LYS A 1 173 ? 1.29902   15.04647  -12.92657 1.000 32.51062 ? 173 LYS A C   1 
ATOM   1267 O O   . LYS A 1 173 ? 1.72791   16.15093  -13.26983 1.000 30.00125 ? 173 LYS A O   1 
ATOM   1268 C CB  . LYS A 1 173 ? -1.11802  15.56495  -13.35108 1.000 30.51960 ? 173 LYS A CB  1 
ATOM   1269 C CG  . LYS A 1 173 ? -1.89171  15.75156  -14.63170 1.000 30.75072 ? 173 LYS A CG  1 
ATOM   1270 C CD  . LYS A 1 173 ? -3.27394  16.26175  -14.33776 1.000 31.79025 ? 173 LYS A CD  1 
ATOM   1271 C CE  . LYS A 1 173 ? -4.17572  16.14608  -15.53507 1.000 30.68976 ? 173 LYS A CE  1 
ATOM   1272 N NZ  . LYS A 1 173 ? -5.54030  15.93486  -15.03567 1.000 35.42405 ? 173 LYS A NZ  1 
ATOM   1273 N N   . ALA A 1 174 ? 1.94221   14.27381  -12.06320 1.000 29.77431 ? 174 ALA A N   1 
ATOM   1274 C CA  . ALA A 1 174 ? 3.27117   14.58360  -11.57624 1.000 25.38914 ? 174 ALA A CA  1 
ATOM   1275 C C   . ALA A 1 174 ? 3.97293   13.26350  -11.31916 1.000 28.20460 ? 174 ALA A C   1 
ATOM   1276 O O   . ALA A 1 174 ? 3.35632   12.19583  -11.35345 1.000 30.50796 ? 174 ALA A O   1 
ATOM   1277 C CB  . ALA A 1 174 ? 3.22458   15.44878  -10.31685 1.000 27.29119 ? 174 ALA A CB  1 
ATOM   1278 N N   . LYS A 1 175 ? 5.27512   13.33348  -11.07542 1.000 25.91333 ? 175 LYS A N   1 
ATOM   1279 C CA  . LYS A 1 175 ? 6.03159   12.13847  -10.70930 1.000 32.96786 ? 175 LYS A CA  1 
ATOM   1280 C C   . LYS A 1 175 ? 5.96966   12.00197  -9.18497  1.000 35.61314 ? 175 LYS A C   1 
ATOM   1281 O O   . LYS A 1 175 ? 6.61711   12.75380  -8.45066  1.000 37.01565 ? 175 LYS A O   1 
ATOM   1282 C CB  . LYS A 1 175 ? 7.45993   12.21920  -11.23728 1.000 30.83355 ? 175 LYS A CB  1 
ATOM   1283 C CG  . LYS A 1 175 ? 8.20602   10.89967  -11.17083 1.000 36.15301 ? 175 LYS A CG  1 
ATOM   1284 C CD  . LYS A 1 175 ? 9.35547   10.84261  -12.16518 1.000 41.90081 ? 175 LYS A CD  1 
ATOM   1285 C CE  . LYS A 1 175 ? 10.67671  10.51262  -11.46750 1.000 49.50045 ? 175 LYS A CE  1 
ATOM   1286 N NZ  . LYS A 1 175 ? 11.69881  9.96351   -12.42743 1.000 51.01374 ? 175 LYS A NZ  1 
ATOM   1287 N N   . ILE A 1 176 ? 5.15011   11.06999  -8.70412  1.000 30.52130 ? 176 ILE A N   1 
ATOM   1288 C CA  . ILE A 1 176 ? 4.96684   10.84368  -7.27607  1.000 31.88208 ? 176 ILE A CA  1 
ATOM   1289 C C   . ILE A 1 176 ? 5.76340   9.60688   -6.88701  1.000 31.28900 ? 176 ILE A C   1 
ATOM   1290 O O   . ILE A 1 176 ? 5.60161   8.54483   -7.49458  1.000 31.44899 ? 176 ILE A O   1 
ATOM   1291 C CB  . ILE A 1 176 ? 3.47668   10.69322  -6.92751  1.000 32.60963 ? 176 ILE A CB  1 
ATOM   1292 C CG1 . ILE A 1 176 ? 2.73474   12.00932  -7.21197  1.000 31.53907 ? 176 ILE A CG1 1 
ATOM   1293 C CG2 . ILE A 1 176 ? 3.29628   10.29180  -5.46345  1.000 27.78373 ? 176 ILE A CG2 1 
ATOM   1294 C CD1 . ILE A 1 176 ? 1.69808   11.93092  -8.31233  1.000 22.08878 ? 176 ILE A CD1 1 
ATOM   1295 N N   . ILE A 1 177 ? 6.63098   9.74106   -5.88436  1.000 33.57832 ? 177 ILE A N   1 
ATOM   1296 C CA  . ILE A 1 177 ? 7.60861   8.71149   -5.54580  1.000 31.01193 ? 177 ILE A CA  1 
ATOM   1297 C C   . ILE A 1 177 ? 7.56193   8.39684   -4.05689  1.000 28.95852 ? 177 ILE A C   1 
ATOM   1298 O O   . ILE A 1 177 ? 7.32208   9.26749   -3.21527  1.000 31.60944 ? 177 ILE A O   1 
ATOM   1299 C CB  . ILE A 1 177 ? 9.03851   9.13955   -5.94965  1.000 30.77578 ? 177 ILE A CB  1 
ATOM   1300 C CG1 . ILE A 1 177 ? 9.12313   9.38880   -7.45536  1.000 34.82213 ? 177 ILE A CG1 1 
ATOM   1301 C CG2 . ILE A 1 177 ? 10.05078  8.12605   -5.51509  1.000 31.07132 ? 177 ILE A CG2 1 
ATOM   1302 C CD1 . ILE A 1 177 ? 9.11894   10.88063  -7.79392  1.000 45.71012 ? 177 ILE A CD1 1 
ATOM   1303 N N   . ILE A 1 178 ? 7.77706   7.12875   -3.73416  1.000 29.70377 ? 178 ILE A N   1 
ATOM   1304 C CA  . ILE A 1 178 ? 8.13881   6.75715   -2.37381  1.000 32.21970 ? 178 ILE A CA  1 
ATOM   1305 C C   . ILE A 1 178 ? 9.63329   7.00403   -2.20720  1.000 31.63182 ? 178 ILE A C   1 
ATOM   1306 O O   . ILE A 1 178 ? 10.45527  6.12370   -2.49036  1.000 26.76783 ? 178 ILE A O   1 
ATOM   1307 C CB  . ILE A 1 178 ? 7.76833   5.29946   -2.07942  1.000 26.97285 ? 178 ILE A CB  1 
ATOM   1308 C CG1 . ILE A 1 178 ? 6.27199   5.10916   -2.31975  1.000 25.11145 ? 178 ILE A CG1 1 
ATOM   1309 C CG2 . ILE A 1 178 ? 8.14860   4.94743   -0.65822  1.000 27.12702 ? 178 ILE A CG2 1 
ATOM   1310 C CD1 . ILE A 1 178 ? 5.83761   3.67725   -2.29550  1.000 24.44890 ? 178 ILE A CD1 1 
ATOM   1311 N N   . ALA A 1 179 ? 9.99146   8.22165   -1.78033  1.000 33.28457 ? 179 ALA A N   1 
ATOM   1312 C CA  . ALA A 1 179 ? 11.40334  8.58980   -1.66817  1.000 34.74090 ? 179 ALA A CA  1 
ATOM   1313 C C   . ALA A 1 179 ? 12.09316  7.83171   -0.53700  1.000 30.46777 ? 179 ALA A C   1 
ATOM   1314 O O   . ALA A 1 179 ? 13.27098  7.48551   -0.64857  1.000 33.22337 ? 179 ALA A O   1 
ATOM   1315 C CB  . ALA A 1 179 ? 11.54222  10.09995  -1.47220  1.000 33.63730 ? 179 ALA A CB  1 
ATOM   1316 N N   . ASP A 1 180 ? 11.38356  7.56186   0.55548   1.000 34.79815 ? 180 ASP A N   1 
ATOM   1317 C CA  . ASP A 1 180 ? 11.89928  6.65317   1.56866   1.000 37.63451 ? 180 ASP A CA  1 
ATOM   1318 C C   . ASP A 1 180 ? 10.73968  6.03048   2.33898   1.000 34.42074 ? 180 ASP A C   1 
ATOM   1319 O O   . ASP A 1 180 ? 9.60523   6.51906   2.31359   1.000 32.08213 ? 180 ASP A O   1 
ATOM   1320 C CB  . ASP A 1 180 ? 12.88155  7.35077   2.53199   1.000 37.59679 ? 180 ASP A CB  1 
ATOM   1321 C CG  . ASP A 1 180 ? 13.78620  6.35514   3.27267   1.000 38.39111 ? 180 ASP A CG  1 
ATOM   1322 O OD1 . ASP A 1 180 ? 14.44455  6.74961   4.26460   1.000 47.22505 ? 180 ASP A OD1 1 
ATOM   1323 O OD2 . ASP A 1 180 ? 13.83824  5.17040   2.86394   1.000 38.01934 ? 180 ASP A OD2 1 
ATOM   1324 N N   . CYS A 1 181 ? 11.05677  4.94827   3.04289   1.000 31.19200 ? 181 CYS A N   1 
ATOM   1325 C CA  . CYS A 1 181 ? 10.06308  4.14550   3.72872   1.000 32.35435 ? 181 CYS A CA  1 
ATOM   1326 C C   . CYS A 1 181 ? 10.76965  3.30970   4.78123   1.000 31.43250 ? 181 CYS A C   1 
ATOM   1327 O O   . CYS A 1 181 ? 11.95608  2.99781   4.66313   1.000 34.82679 ? 181 CYS A O   1 
ATOM   1328 C CB  . CYS A 1 181 ? 9.29441   3.25384   2.74382   1.000 32.14477 ? 181 CYS A CB  1 
ATOM   1329 S SG  . CYS A 1 181 ? 10.34598  2.36686   1.54007   1.000 25.34498 ? 181 CYS A SG  1 
ATOM   1330 N N   . GLY A 1 182 ? 10.02707  2.94092   5.80869   1.000 33.53187 ? 182 GLY A N   1 
ATOM   1331 C CA  . GLY A 1 182 ? 10.60635  2.08707   6.82479   1.000 35.91312 ? 182 GLY A CA  1 
ATOM   1332 C C   . GLY A 1 182 ? 9.54635   1.59129   7.77989   1.000 33.77596 ? 182 GLY A C   1 
ATOM   1333 O O   . GLY A 1 182 ? 8.34724   1.77087   7.55734   1.000 36.95783 ? 182 GLY A O   1 
ATOM   1334 N N   . GLU A 1 183 ? 10.00568  0.94693   8.84384   1.000 36.65989 ? 183 GLU A N   1 
ATOM   1335 C CA  . GLU A 1 183 ? 9.14031   0.52946   9.93869   1.000 38.00697 ? 183 GLU A CA  1 
ATOM   1336 C C   . GLU A 1 183 ? 9.27798   1.50655   11.10155  1.000 35.53472 ? 183 GLU A C   1 
ATOM   1337 O O   . GLU A 1 183 ? 10.31539  2.14194   11.28930  1.000 34.30223 ? 183 GLU A O   1 
ATOM   1338 C CB  . GLU A 1 183 ? 9.47354   -0.90249  10.39394  1.000 35.49880 ? 183 GLU A CB  1 
ATOM   1339 C CG  . GLU A 1 183 ? 8.48115   -1.51648  11.37316  1.000 36.74905 ? 183 GLU A CG  1 
ATOM   1340 C CD  . GLU A 1 183 ? 8.68574   -3.01841  11.59956  1.000 43.42544 ? 183 GLU A CD  1 
ATOM   1341 O OE1 . GLU A 1 183 ? 9.71528   -3.58856  11.14077  1.000 38.79484 ? 183 GLU A OE1 1 
ATOM   1342 O OE2 . GLU A 1 183 ? 7.79548   -3.63112  12.24427  1.000 41.65941 ? 183 GLU A OE2 1 
ATOM   1343 N N   . ILE A 1 184 ? 8.20703   1.64076   11.86544  1.000 44.59013 ? 184 ILE A N   1 
ATOM   1344 C CA  . ILE A 1 184 ? 8.21837   2.38610   13.11593  1.000 43.71142 ? 184 ILE A CA  1 
ATOM   1345 C C   . ILE A 1 184 ? 8.30938   1.34367   14.22623  1.000 47.22961 ? 184 ILE A C   1 
ATOM   1346 O O   . ILE A 1 184 ? 7.31004   0.72487   14.61180  1.000 43.14814 ? 184 ILE A O   1 
ATOM   1347 C CB  . ILE A 1 184 ? 6.98845   3.28799   13.24460  1.000 41.15934 ? 184 ILE A CB  1 
ATOM   1348 C CG1 . ILE A 1 184 ? 6.71000   3.95442   11.88654  1.000 42.40402 ? 184 ILE A CG1 1 
ATOM   1349 C CG2 . ILE A 1 184 ? 7.21888   4.35894   14.27700  1.000 45.00163 ? 184 ILE A CG2 1 
ATOM   1350 C CD1 . ILE A 1 184 ? 5.58765   4.98912   11.87520  1.000 36.94493 ? 184 ILE A CD1 1 
ATOM   1351 N N   . THR A 1 185 ? 9.53414   1.09228   14.68201  1.000 52.58445 ? 185 THR A N   1 
ATOM   1352 C CA  . THR A 1 185 ? 9.78936   0.31044   15.88649  1.000 53.27421 ? 185 THR A CA  1 
ATOM   1353 C C   . THR A 1 185 ? 9.71894   1.25967   17.07590  1.000 59.00370 ? 185 THR A C   1 
ATOM   1354 O O   . THR A 1 185 ? 10.37652  2.30777   17.06994  1.000 60.01094 ? 185 THR A O   1 
ATOM   1355 C CB  . THR A 1 185 ? 11.16166  -0.36304  15.82496  1.000 49.66179 ? 185 THR A CB  1 
ATOM   1356 O OG1 . THR A 1 185 ? 12.16303  0.55664   16.27389  1.000 45.80338 ? 185 THR A OG1 1 
ATOM   1357 C CG2 . THR A 1 185 ? 11.49854  -0.78080  14.40301  1.000 46.21087 ? 185 THR A CG2 1 
ATOM   1358 N N   . GLU A 1 186 ? 8.92772   0.90306   18.08544  1.000 62.65318 ? 186 GLU A N   1 
ATOM   1359 C CA  . GLU A 1 186 ? 8.66967   1.82173   19.19743  1.000 66.98617 ? 186 GLU A CA  1 
ATOM   1360 C C   . GLU A 1 186 ? 7.77233   1.23379   20.27644  1.000 68.07748 ? 186 GLU A C   1 
ATOM   1361 O O   . GLU A 1 186 ? 6.83314   1.90114   20.72603  1.000 67.28203 ? 186 GLU A O   1 
ATOM   1362 C CB  . GLU A 1 186 ? 8.02763   3.11316   18.68013  1.000 66.50084 ? 186 GLU A CB  1 
ATOM   1363 C CG  . GLU A 1 186 ? 8.67929   4.36875   19.21804  1.000 72.55258 ? 186 GLU A CG  1 
ATOM   1364 C CD  . GLU A 1 186 ? 8.67168   5.49110   18.20775  1.000 73.83620 ? 186 GLU A CD  1 
ATOM   1365 O OE1 . GLU A 1 186 ? 9.76956   5.96188   17.83396  1.000 68.77071 ? 186 GLU A OE1 1 
ATOM   1366 O OE2 . GLU A 1 186 ? 7.56491   5.89592   17.78589  1.000 76.76370 ? 186 GLU A OE2 1 
HETATM 1367 O O   . HOH B 2 .   ? -0.39862  -6.90474  -5.67645  1.000 20.00125 ? 201 HOH A O   1 
HETATM 1368 O O   . HOH B 2 .   ? 9.39689   -16.59177 -8.23291  1.000 43.34690 ? 202 HOH A O   1 
HETATM 1369 O O   . HOH B 2 .   ? 13.73052  -5.16988  9.10317   1.000 38.96012 ? 203 HOH A O   1 
HETATM 1370 O O   . HOH B 2 .   ? 12.58923  -8.30160  -7.95588  1.000 28.29983 ? 204 HOH A O   1 
HETATM 1371 O O   . HOH B 2 .   ? 8.19967   -5.72397  13.09331  1.000 33.67500 ? 205 HOH A O   1 
HETATM 1372 O O   . HOH B 2 .   ? -17.50806 -2.77660  2.29591   1.000 27.94368 ? 206 HOH A O   1 
HETATM 1373 O O   . HOH B 2 .   ? -8.68074  -8.60730  4.57114   1.000 28.92718 ? 207 HOH A O   1 
HETATM 1374 O O   . HOH B 2 .   ? -1.34532  -1.37784  -12.85295 1.000 25.45993 ? 208 HOH A O   1 
HETATM 1375 O O   . HOH B 2 .   ? 5.60759   0.44468   22.44934  1.000 39.24071 ? 209 HOH A O   1 
HETATM 1376 O O   . HOH B 2 .   ? 13.01421  -2.47296  -6.30970  1.000 27.44373 ? 210 HOH A O   1 
HETATM 1377 O O   . HOH B 2 .   ? -8.07776  15.04761  -3.50519  1.000 27.12941 ? 211 HOH A O   1 
HETATM 1378 O O   . HOH B 2 .   ? -6.17168  -8.93634  -3.03605  1.000 25.74268 ? 212 HOH A O   1 
HETATM 1379 O O   . HOH B 2 .   ? -9.19035  -11.88695 -5.65873  1.000 40.27176 ? 213 HOH A O   1 
HETATM 1380 O O   . HOH B 2 .   ? 4.28566   17.35238  -13.40337 1.000 26.24977 ? 214 HOH A O   1 
HETATM 1381 O O   . HOH B 2 .   ? 6.76679   -9.53868  13.85460  1.000 44.74456 ? 215 HOH A O   1 
HETATM 1382 O O   . HOH B 2 .   ? -3.43920  -11.40099 0.60709   1.000 31.11907 ? 216 HOH A O   1 
HETATM 1383 O O   . HOH B 2 .   ? 4.05491   8.91238   -10.46173 1.000 27.93732 ? 217 HOH A O   1 
HETATM 1384 O O   . HOH B 2 .   ? -12.23249 11.24723  -2.41109  1.000 30.62021 ? 218 HOH A O   1 
HETATM 1385 O O   . HOH B 2 .   ? 19.24293  -11.00810 -1.12092  1.000 32.65603 ? 219 HOH A O   1 
HETATM 1386 O O   . HOH B 2 .   ? 2.42203   -6.89560  -7.98124  1.000 23.79730 ? 220 HOH A O   1 
HETATM 1387 O O   . HOH B 2 .   ? 4.92703   -14.83187 6.63081   1.000 45.26405 ? 221 HOH A O   1 
HETATM 1388 O O   . HOH B 2 .   ? 3.10028   -14.43806 8.62392   1.000 35.03375 ? 222 HOH A O   1 
# 
loop_
_pdbx_poly_seq_scheme.asym_id 
_pdbx_poly_seq_scheme.entity_id 
_pdbx_poly_seq_scheme.seq_id 
_pdbx_poly_seq_scheme.mon_id 
_pdbx_poly_seq_scheme.ndb_seq_num 
_pdbx_poly_seq_scheme.pdb_seq_num 
_pdbx_poly_seq_scheme.auth_seq_num 
_pdbx_poly_seq_scheme.pdb_mon_id 
_pdbx_poly_seq_scheme.auth_mon_id 
_pdbx_poly_seq_scheme.pdb_strand_id 
_pdbx_poly_seq_scheme.pdb_ins_code 
_pdbx_poly_seq_scheme.hetero 
A 1 1   MET 1   1   ?   ?   ?   A . n 
A 1 2   LEU 2   2   ?   ?   ?   A . n 
A 1 3   ALA 3   3   ?   ?   ?   A . n 
A 1 4   PHE 4   4   ?   ?   ?   A . n 
A 1 5   PHE 5   5   5   PHE PHE A . n 
A 1 6   ALA 6   6   6   ALA ALA A . n 
A 1 7   THR 7   7   7   THR THR A . n 
A 1 8   ARG 8   8   8   ARG ARG A . n 
A 1 9   VAL 9   9   9   VAL VAL A . n 
A 1 10  ILE 10  10  10  ILE ILE A . n 
A 1 11  SER 11  11  11  SER SER A . n 
A 1 12  ALA 12  12  12  ALA ALA A . n 
A 1 13  PRO 13  13  13  PRO PRO A . n 
A 1 14  LYS 14  14  14  LYS LYS A . n 
A 1 15  VAL 15  15  15  VAL VAL A . n 
A 1 16  THR 16  16  16  THR THR A . n 
A 1 17  LYS 17  17  17  LYS LYS A . n 
A 1 18  LYS 18  18  18  LYS LYS A . n 
A 1 19  VAL 19  19  19  VAL VAL A . n 
A 1 20  PHE 20  20  20  PHE PHE A . n 
A 1 21  PHE 21  21  21  PHE PHE A . n 
A 1 22  LYS 22  22  22  LYS LYS A . n 
A 1 23  ILE 23  23  23  ILE ILE A . n 
A 1 24  SER 24  24  24  SER SER A . n 
A 1 25  ILE 25  25  25  ILE ILE A . n 
A 1 26  ASN 26  26  26  ASN ASN A . n 
A 1 27  GLY 27  27  27  GLY GLY A . n 
A 1 28  GLU 28  28  28  GLU GLU A . n 
A 1 29  ASP 29  29  29  ASP ASP A . n 
A 1 30  ALA 30  30  30  ALA ALA A . n 
A 1 31  GLY 31  31  31  GLY GLY A . n 
A 1 32  THR 32  32  32  THR THR A . n 
A 1 33  ILE 33  33  33  ILE ILE A . n 
A 1 34  LYS 34  34  34  LYS LYS A . n 
A 1 35  PHE 35  35  35  PHE PHE A . n 
A 1 36  GLY 36  36  36  GLY GLY A . n 
A 1 37  LEU 37  37  37  LEU LEU A . n 
A 1 38  PHE 38  38  38  PHE PHE A . n 
A 1 39  GLY 39  39  39  GLY GLY A . n 
A 1 40  ASP 40  40  40  ASP ASP A . n 
A 1 41  ASP 41  41  41  ASP ASP A . n 
A 1 42  VAL 42  42  42  VAL VAL A . n 
A 1 43  PRO 43  43  43  PRO PRO A . n 
A 1 44  LYS 44  44  44  LYS LYS A . n 
A 1 45  THR 45  45  45  THR THR A . n 
A 1 46  ALA 46  46  46  ALA ALA A . n 
A 1 47  GLU 47  47  47  GLU GLU A . n 
A 1 48  ASN 48  48  48  ASN ASN A . n 
A 1 49  PHE 49  49  49  PHE PHE A . n 
A 1 50  ARG 50  50  50  ARG ARG A . n 
A 1 51  ALA 51  51  51  ALA ALA A . n 
A 1 52  LEU 52  52  52  LEU LEU A . n 
A 1 53  CYS 53  53  53  CYS CYS A . n 
A 1 54  THR 54  54  54  THR THR A . n 
A 1 55  GLY 55  55  55  GLY GLY A . n 
A 1 56  GLU 56  56  56  GLU GLU A . n 
A 1 57  LYS 57  57  57  LYS LYS A . n 
A 1 58  GLY 58  58  58  GLY GLY A . n 
A 1 59  MET 59  59  59  MET MET A . n 
A 1 60  GLY 60  60  60  GLY GLY A . n 
A 1 61  LYS 61  61  61  LYS LYS A . n 
A 1 62  LEU 62  62  62  LEU LEU A . n 
A 1 63  GLY 63  63  63  GLY GLY A . n 
A 1 64  LYS 64  64  64  LYS LYS A . n 
A 1 65  PRO 65  65  65  PRO PRO A . n 
A 1 66  LEU 66  66  66  LEU LEU A . n 
A 1 67  HIS 67  67  67  HIS HIS A . n 
A 1 68  TYR 68  68  68  TYR TYR A . n 
A 1 69  LYS 69  69  69  LYS LYS A . n 
A 1 70  GLY 70  70  70  GLY GLY A . n 
A 1 71  SER 71  71  71  SER SER A . n 
A 1 72  PRO 72  72  72  PRO PRO A . n 
A 1 73  PHE 73  73  73  PHE PHE A . n 
A 1 74  HIS 74  74  74  HIS HIS A . n 
A 1 75  ARG 75  75  75  ARG ARG A . n 
A 1 76  VAL 76  76  76  VAL VAL A . n 
A 1 77  ILE 77  77  77  ILE ILE A . n 
A 1 78  PRO 78  78  78  PRO PRO A . n 
A 1 79  ASN 79  79  79  ASN ASN A . n 
A 1 80  PHE 80  80  80  PHE PHE A . n 
A 1 81  MET 81  81  81  MET MET A . n 
A 1 82  ILE 82  82  82  ILE ILE A . n 
A 1 83  GLN 83  83  83  GLN GLN A . n 
A 1 84  GLY 84  84  84  GLY GLY A . n 
A 1 85  GLY 85  85  85  GLY GLY A . n 
A 1 86  ASP 86  86  86  ASP ASP A . n 
A 1 87  ILE 87  87  87  ILE ILE A . n 
A 1 88  THR 88  88  88  THR THR A . n 
A 1 89  SER 89  89  89  SER SER A . n 
A 1 90  GLY 90  90  90  GLY GLY A . n 
A 1 91  ASN 91  91  91  ASN ASN A . n 
A 1 92  GLY 92  92  92  GLY GLY A . n 
A 1 93  TYR 93  93  93  TYR TYR A . n 
A 1 94  GLY 94  94  94  GLY GLY A . n 
A 1 95  GLY 95  95  95  GLY GLY A . n 
A 1 96  GLU 96  96  96  GLU GLU A . n 
A 1 97  SER 97  97  97  SER SER A . n 
A 1 98  ILE 98  98  98  ILE ILE A . n 
A 1 99  TYR 99  99  99  TYR TYR A . n 
A 1 100 GLY 100 100 100 GLY GLY A . n 
A 1 101 SER 101 101 101 SER SER A . n 
A 1 102 LYS 102 102 102 LYS LYS A . n 
A 1 103 PHE 103 103 103 PHE PHE A . n 
A 1 104 ALA 104 104 104 ALA ALA A . n 
A 1 105 ASP 105 105 105 ASP ASP A . n 
A 1 106 GLU 106 106 106 GLU GLU A . n 
A 1 107 SER 107 107 107 SER SER A . n 
A 1 108 PHE 108 108 108 PHE PHE A . n 
A 1 109 LYS 109 109 109 LYS LYS A . n 
A 1 110 ILE 110 110 110 ILE ILE A . n 
A 1 111 THR 111 111 111 THR THR A . n 
A 1 112 HIS 112 112 112 HIS HIS A . n 
A 1 113 ASP 113 113 113 ASP ASP A . n 
A 1 114 GLY 114 114 114 GLY GLY A . n 
A 1 115 PRO 115 115 115 PRO PRO A . n 
A 1 116 GLY 116 116 116 GLY GLY A . n 
A 1 117 LEU 117 117 117 LEU LEU A . n 
A 1 118 LEU 118 118 118 LEU LEU A . n 
A 1 119 SER 119 119 119 SER SER A . n 
A 1 120 MET 120 120 120 MET MET A . n 
A 1 121 ALA 121 121 121 ALA ALA A . n 
A 1 122 ASN 122 122 122 ASN ASN A . n 
A 1 123 SER 123 123 123 SER SER A . n 
A 1 124 GLY 124 124 124 GLY GLY A . n 
A 1 125 PRO 125 125 125 PRO PRO A . n 
A 1 126 ASN 126 126 126 ASN ASN A . n 
A 1 127 THR 127 127 127 THR THR A . n 
A 1 128 ASN 128 128 128 ASN ASN A . n 
A 1 129 GLY 129 129 129 GLY GLY A . n 
A 1 130 SER 130 130 130 SER SER A . n 
A 1 131 GLN 131 131 131 GLN GLN A . n 
A 1 132 PHE 132 132 132 PHE PHE A . n 
A 1 133 PHE 133 133 133 PHE PHE A . n 
A 1 134 ILE 134 134 134 ILE ILE A . n 
A 1 135 THR 135 135 135 THR THR A . n 
A 1 136 THR 136 136 136 THR THR A . n 
A 1 137 VAL 137 137 137 VAL VAL A . n 
A 1 138 PRO 138 138 138 PRO PRO A . n 
A 1 139 CYS 139 139 139 CYS CYS A . n 
A 1 140 PRO 140 140 140 PRO PRO A . n 
A 1 141 TRP 141 141 141 TRP TRP A . n 
A 1 142 LEU 142 142 142 LEU LEU A . n 
A 1 143 ASN 143 143 143 ASN ASN A . n 
A 1 144 GLY 144 144 144 GLY GLY A . n 
A 1 145 LYS 145 145 145 LYS LYS A . n 
A 1 146 HIS 146 146 146 HIS HIS A . n 
A 1 147 VAL 147 147 147 VAL VAL A . n 
A 1 148 VAL 148 148 148 VAL VAL A . n 
A 1 149 PHE 149 149 149 PHE PHE A . n 
A 1 150 GLY 150 150 150 GLY GLY A . n 
A 1 151 LYS 151 151 151 LYS LYS A . n 
A 1 152 VAL 152 152 152 VAL VAL A . n 
A 1 153 ILE 153 153 153 ILE ILE A . n 
A 1 154 GLU 154 154 154 GLU GLU A . n 
A 1 155 GLY 155 155 155 GLY GLY A . n 
A 1 156 MET 156 156 156 MET MET A . n 
A 1 157 GLU 157 157 157 GLU GLU A . n 
A 1 158 ILE 158 158 158 ILE ILE A . n 
A 1 159 VAL 159 159 159 VAL VAL A . n 
A 1 160 LYS 160 160 160 LYS LYS A . n 
A 1 161 LYS 161 161 161 LYS LYS A . n 
A 1 162 ILE 162 162 162 ILE ILE A . n 
A 1 163 GLU 163 163 163 GLU GLU A . n 
A 1 164 SER 164 164 164 SER SER A . n 
A 1 165 LEU 165 165 165 LEU LEU A . n 
A 1 166 GLY 166 166 166 GLY GLY A . n 
A 1 167 SER 167 167 167 SER SER A . n 
A 1 168 GLN 168 168 168 GLN GLN A . n 
A 1 169 SER 169 169 169 SER SER A . n 
A 1 170 GLY 170 170 170 GLY GLY A . n 
A 1 171 THR 171 171 171 THR THR A . n 
A 1 172 PRO 172 172 172 PRO PRO A . n 
A 1 173 LYS 173 173 173 LYS LYS A . n 
A 1 174 ALA 174 174 174 ALA ALA A . n 
A 1 175 LYS 175 175 175 LYS LYS A . n 
A 1 176 ILE 176 176 176 ILE ILE A . n 
A 1 177 ILE 177 177 177 ILE ILE A . n 
A 1 178 ILE 178 178 178 ILE ILE A . n 
A 1 179 ALA 179 179 179 ALA ALA A . n 
A 1 180 ASP 180 180 180 ASP ASP A . n 
A 1 181 CYS 181 181 181 CYS CYS A . n 
A 1 182 GLY 182 182 182 GLY GLY A . n 
A 1 183 GLU 183 183 183 GLU GLU A . n 
A 1 184 ILE 184 184 184 ILE ILE A . n 
A 1 185 THR 185 185 185 THR THR A . n 
A 1 186 GLU 186 186 186 GLU GLU A . n 
A 1 187 LEU 187 187 ?   ?   ?   A . n 
A 1 188 GLU 188 188 ?   ?   ?   A . n 
# 
loop_
_pdbx_nonpoly_scheme.asym_id 
_pdbx_nonpoly_scheme.entity_id 
_pdbx_nonpoly_scheme.mon_id 
_pdbx_nonpoly_scheme.ndb_seq_num 
_pdbx_nonpoly_scheme.pdb_seq_num 
_pdbx_nonpoly_scheme.auth_seq_num 
_pdbx_nonpoly_scheme.pdb_mon_id 
_pdbx_nonpoly_scheme.auth_mon_id 
_pdbx_nonpoly_scheme.pdb_strand_id 
_pdbx_nonpoly_scheme.pdb_ins_code 
B 2 HOH 1  201 1  HOH HOH A . 
B 2 HOH 2  202 13 HOH HOH A . 
B 2 HOH 3  203 22 HOH HOH A . 
B 2 HOH 4  204 7  HOH HOH A . 
B 2 HOH 5  205 8  HOH HOH A . 
B 2 HOH 6  206 3  HOH HOH A . 
B 2 HOH 7  207 6  HOH HOH A . 
B 2 HOH 8  208 4  HOH HOH A . 
B 2 HOH 9  209 14 HOH HOH A . 
B 2 HOH 10 210 5  HOH HOH A . 
B 2 HOH 11 211 11 HOH HOH A . 
B 2 HOH 12 212 2  HOH HOH A . 
B 2 HOH 13 213 20 HOH HOH A . 
B 2 HOH 14 214 10 HOH HOH A . 
B 2 HOH 15 215 16 HOH HOH A . 
B 2 HOH 16 216 9  HOH HOH A . 
B 2 HOH 17 217 12 HOH HOH A . 
B 2 HOH 18 218 15 HOH HOH A . 
B 2 HOH 19 219 18 HOH HOH A . 
B 2 HOH 20 220 17 HOH HOH A . 
B 2 HOH 21 221 19 HOH HOH A . 
B 2 HOH 22 222 21 HOH HOH A . 
# 
_pdbx_struct_assembly.id                   1 
_pdbx_struct_assembly.details              author_defined_assembly 
_pdbx_struct_assembly.method_details       ? 
_pdbx_struct_assembly.oligomeric_details   monomeric 
_pdbx_struct_assembly.oligomeric_count     1 
# 
_pdbx_struct_assembly_gen.assembly_id       1 
_pdbx_struct_assembly_gen.oper_expression   1 
_pdbx_struct_assembly_gen.asym_id_list      A,B 
# 
loop_
_pdbx_struct_assembly_prop.biol_id 
_pdbx_struct_assembly_prop.type 
_pdbx_struct_assembly_prop.value 
_pdbx_struct_assembly_prop.details 
1 'ABSA (A^2)' 0    ? 
1 MORE         0    ? 
1 'SSA (A^2)'  8820 ? 
# 
_pdbx_struct_oper_list.id                   1 
_pdbx_struct_oper_list.type                 'identity operation' 
_pdbx_struct_oper_list.name                 1_555 
_pdbx_struct_oper_list.symmetry_operation   x,y,z 
_pdbx_struct_oper_list.matrix[1][1]         1.0000000000 
_pdbx_struct_oper_list.matrix[1][2]         0.0000000000 
_pdbx_struct_oper_list.matrix[1][3]         0.0000000000 
_pdbx_struct_oper_list.vector[1]            0.0000000000 
_pdbx_struct_oper_list.matrix[2][1]         0.0000000000 
_pdbx_struct_oper_list.matrix[2][2]         1.0000000000 
_pdbx_struct_oper_list.matrix[2][3]         0.0000000000 
_pdbx_struct_oper_list.vector[2]            0.0000000000 
_pdbx_struct_oper_list.matrix[3][1]         0.0000000000 
_pdbx_struct_oper_list.matrix[3][2]         0.0000000000 
_pdbx_struct_oper_list.matrix[3][3]         1.0000000000 
_pdbx_struct_oper_list.vector[3]            0.0000000000 
# 
loop_
_pdbx_audit_revision_history.ordinal 
_pdbx_audit_revision_history.data_content_type 
_pdbx_audit_revision_history.major_revision 
_pdbx_audit_revision_history.minor_revision 
_pdbx_audit_revision_history.revision_date 
1 'Structure model' 1 0 2020-09-09 
2 'Structure model' 1 1 2023-11-29 
# 
_pdbx_audit_revision_details.ordinal             1 
_pdbx_audit_revision_details.revision_ordinal    1 
_pdbx_audit_revision_details.data_content_type   'Structure model' 
_pdbx_audit_revision_details.provider            repository 
_pdbx_audit_revision_details.type                'Initial release' 
_pdbx_audit_revision_details.description         ? 
_pdbx_audit_revision_details.details             ? 
# 
loop_
_pdbx_audit_revision_group.ordinal 
_pdbx_audit_revision_group.revision_ordinal 
_pdbx_audit_revision_group.data_content_type 
_pdbx_audit_revision_group.group 
1 2 'Structure model' 'Data collection'        
2 2 'Structure model' 'Database references'    
3 2 'Structure model' 'Refinement description' 
# 
loop_
_pdbx_audit_revision_category.ordinal 
_pdbx_audit_revision_category.revision_ordinal 
_pdbx_audit_revision_category.data_content_type 
_pdbx_audit_revision_category.category 
1 2 'Structure model' chem_comp_atom                
2 2 'Structure model' chem_comp_bond                
3 2 'Structure model' database_2                    
4 2 'Structure model' pdbx_initial_refinement_model 
# 
loop_
_pdbx_audit_revision_item.ordinal 
_pdbx_audit_revision_item.revision_ordinal 
_pdbx_audit_revision_item.data_content_type 
_pdbx_audit_revision_item.item 
1 2 'Structure model' '_database_2.pdbx_DOI'                
2 2 'Structure model' '_database_2.pdbx_database_accession' 
# 
loop_
_space_group_symop.id 
_space_group_symop.operation_xyz 
1 x,y,z           
2 x+1/2,-y+1/2,-z 
3 -x,y+1/2,-z+1/2 
4 -x+1/2,-y,z+1/2 
# 
loop_
_software.citation_id 
_software.classification 
_software.compiler_name 
_software.compiler_version 
_software.contact_author 
_software.contact_author_email 
_software.date 
_software.description 
_software.dependencies 
_software.hardware 
_software.language 
_software.location 
_software.mods 
_software.name 
_software.os 
_software.os_version 
_software.type 
_software.version 
_software.pdbx_ordinal 
? refinement        ? ? ? ? ? ? ? ? ? ? ? PHENIX      ? ? ? 1.13_2998 1 
? 'data extraction' ? ? ? ? ? ? ? ? ? ? ? PDB_EXTRACT ? ? ? .         2 
? 'data reduction'  ? ? ? ? ? ? ? ? ? ? ? HKL-2000    ? ? ? .         3 
? 'data scaling'    ? ? ? ? ? ? ? ? ? ? ? HKL-2000    ? ? ? .         4 
? phasing           ? ? ? ? ? ? ? ? ? ? ? PHASER      ? ? ? .         5 
# 
loop_
_pdbx_validate_close_contact.id 
_pdbx_validate_close_contact.PDB_model_num 
_pdbx_validate_close_contact.auth_atom_id_1 
_pdbx_validate_close_contact.auth_asym_id_1 
_pdbx_validate_close_contact.auth_comp_id_1 
_pdbx_validate_close_contact.auth_seq_id_1 
_pdbx_validate_close_contact.PDB_ins_code_1 
_pdbx_validate_close_contact.label_alt_id_1 
_pdbx_validate_close_contact.auth_atom_id_2 
_pdbx_validate_close_contact.auth_asym_id_2 
_pdbx_validate_close_contact.auth_comp_id_2 
_pdbx_validate_close_contact.auth_seq_id_2 
_pdbx_validate_close_contact.PDB_ins_code_2 
_pdbx_validate_close_contact.label_alt_id_2 
_pdbx_validate_close_contact.dist 
1 1 O   A ALA 121 ? ? O   A HOH 201 ? ? 2.11 
2 1 O   A GLY 100 ? ? O   A HOH 202 ? ? 2.14 
3 1 OE1 A GLU 56  ? ? O   A HOH 203 ? ? 2.15 
4 1 NZ  A LYS 14  ? ? OD2 A ASP 40  ? ? 2.15 
5 1 OE2 A GLU 96  ? ? O   A HOH 204 ? ? 2.16 
# 
_pdbx_validate_symm_contact.id                1 
_pdbx_validate_symm_contact.PDB_model_num     1 
_pdbx_validate_symm_contact.auth_atom_id_1    OD1 
_pdbx_validate_symm_contact.auth_asym_id_1    A 
_pdbx_validate_symm_contact.auth_comp_id_1    ASP 
_pdbx_validate_symm_contact.auth_seq_id_1     41 
_pdbx_validate_symm_contact.PDB_ins_code_1    ? 
_pdbx_validate_symm_contact.label_alt_id_1    ? 
_pdbx_validate_symm_contact.site_symmetry_1   1_555 
_pdbx_validate_symm_contact.auth_atom_id_2    OH 
_pdbx_validate_symm_contact.auth_asym_id_2    A 
_pdbx_validate_symm_contact.auth_comp_id_2    TYR 
_pdbx_validate_symm_contact.auth_seq_id_2     93 
_pdbx_validate_symm_contact.PDB_ins_code_2    ? 
_pdbx_validate_symm_contact.label_alt_id_2    ? 
_pdbx_validate_symm_contact.site_symmetry_2   2_665 
_pdbx_validate_symm_contact.dist              2.18 
# 
loop_
_pdbx_validate_torsion.id 
_pdbx_validate_torsion.PDB_model_num 
_pdbx_validate_torsion.auth_comp_id 
_pdbx_validate_torsion.auth_asym_id 
_pdbx_validate_torsion.auth_seq_id 
_pdbx_validate_torsion.PDB_ins_code 
_pdbx_validate_torsion.label_alt_id 
_pdbx_validate_torsion.phi 
_pdbx_validate_torsion.psi 
1 1 PHE A 80 ? ? -145.42 -87.15 
2 1 THR A 88 ? ? -100.46 -83.88 
# 
loop_
_pdbx_unobs_or_zero_occ_residues.id 
_pdbx_unobs_or_zero_occ_residues.PDB_model_num 
_pdbx_unobs_or_zero_occ_residues.polymer_flag 
_pdbx_unobs_or_zero_occ_residues.occupancy_flag 
_pdbx_unobs_or_zero_occ_residues.auth_asym_id 
_pdbx_unobs_or_zero_occ_residues.auth_comp_id 
_pdbx_unobs_or_zero_occ_residues.auth_seq_id 
_pdbx_unobs_or_zero_occ_residues.PDB_ins_code 
_pdbx_unobs_or_zero_occ_residues.label_asym_id 
_pdbx_unobs_or_zero_occ_residues.label_comp_id 
_pdbx_unobs_or_zero_occ_residues.label_seq_id 
1 1 Y 1 A MET 1   ? A MET 1   
2 1 Y 1 A LEU 2   ? A LEU 2   
3 1 Y 1 A ALA 3   ? A ALA 3   
4 1 Y 1 A PHE 4   ? A PHE 4   
5 1 Y 1 A LEU 187 ? A LEU 187 
6 1 Y 1 A GLU 188 ? A GLU 188 
# 
loop_
_chem_comp_atom.comp_id 
_chem_comp_atom.atom_id 
_chem_comp_atom.type_symbol 
_chem_comp_atom.pdbx_aromatic_flag 
_chem_comp_atom.pdbx_stereo_config 
_chem_comp_atom.pdbx_ordinal 
ALA N    N N N 1   
ALA CA   C N S 2   
ALA C    C N N 3   
ALA O    O N N 4   
ALA CB   C N N 5   
ALA OXT  O N N 6   
ALA H    H N N 7   
ALA H2   H N N 8   
ALA HA   H N N 9   
ALA HB1  H N N 10  
ALA HB2  H N N 11  
ALA HB3  H N N 12  
ALA HXT  H N N 13  
ARG N    N N N 14  
ARG CA   C N S 15  
ARG C    C N N 16  
ARG O    O N N 17  
ARG CB   C N N 18  
ARG CG   C N N 19  
ARG CD   C N N 20  
ARG NE   N N N 21  
ARG CZ   C N N 22  
ARG NH1  N N N 23  
ARG NH2  N N N 24  
ARG OXT  O N N 25  
ARG H    H N N 26  
ARG H2   H N N 27  
ARG HA   H N N 28  
ARG HB2  H N N 29  
ARG HB3  H N N 30  
ARG HG2  H N N 31  
ARG HG3  H N N 32  
ARG HD2  H N N 33  
ARG HD3  H N N 34  
ARG HE   H N N 35  
ARG HH11 H N N 36  
ARG HH12 H N N 37  
ARG HH21 H N N 38  
ARG HH22 H N N 39  
ARG HXT  H N N 40  
ASN N    N N N 41  
ASN CA   C N S 42  
ASN C    C N N 43  
ASN O    O N N 44  
ASN CB   C N N 45  
ASN CG   C N N 46  
ASN OD1  O N N 47  
ASN ND2  N N N 48  
ASN OXT  O N N 49  
ASN H    H N N 50  
ASN H2   H N N 51  
ASN HA   H N N 52  
ASN HB2  H N N 53  
ASN HB3  H N N 54  
ASN HD21 H N N 55  
ASN HD22 H N N 56  
ASN HXT  H N N 57  
ASP N    N N N 58  
ASP CA   C N S 59  
ASP C    C N N 60  
ASP O    O N N 61  
ASP CB   C N N 62  
ASP CG   C N N 63  
ASP OD1  O N N 64  
ASP OD2  O N N 65  
ASP OXT  O N N 66  
ASP H    H N N 67  
ASP H2   H N N 68  
ASP HA   H N N 69  
ASP HB2  H N N 70  
ASP HB3  H N N 71  
ASP HD2  H N N 72  
ASP HXT  H N N 73  
CYS N    N N N 74  
CYS CA   C N R 75  
CYS C    C N N 76  
CYS O    O N N 77  
CYS CB   C N N 78  
CYS SG   S N N 79  
CYS OXT  O N N 80  
CYS H    H N N 81  
CYS H2   H N N 82  
CYS HA   H N N 83  
CYS HB2  H N N 84  
CYS HB3  H N N 85  
CYS HG   H N N 86  
CYS HXT  H N N 87  
GLN N    N N N 88  
GLN CA   C N S 89  
GLN C    C N N 90  
GLN O    O N N 91  
GLN CB   C N N 92  
GLN CG   C N N 93  
GLN CD   C N N 94  
GLN OE1  O N N 95  
GLN NE2  N N N 96  
GLN OXT  O N N 97  
GLN H    H N N 98  
GLN H2   H N N 99  
GLN HA   H N N 100 
GLN HB2  H N N 101 
GLN HB3  H N N 102 
GLN HG2  H N N 103 
GLN HG3  H N N 104 
GLN HE21 H N N 105 
GLN HE22 H N N 106 
GLN HXT  H N N 107 
GLU N    N N N 108 
GLU CA   C N S 109 
GLU C    C N N 110 
GLU O    O N N 111 
GLU CB   C N N 112 
GLU CG   C N N 113 
GLU CD   C N N 114 
GLU OE1  O N N 115 
GLU OE2  O N N 116 
GLU OXT  O N N 117 
GLU H    H N N 118 
GLU H2   H N N 119 
GLU HA   H N N 120 
GLU HB2  H N N 121 
GLU HB3  H N N 122 
GLU HG2  H N N 123 
GLU HG3  H N N 124 
GLU HE2  H N N 125 
GLU HXT  H N N 126 
GLY N    N N N 127 
GLY CA   C N N 128 
GLY C    C N N 129 
GLY O    O N N 130 
GLY OXT  O N N 131 
GLY H    H N N 132 
GLY H2   H N N 133 
GLY HA2  H N N 134 
GLY HA3  H N N 135 
GLY HXT  H N N 136 
HIS N    N N N 137 
HIS CA   C N S 138 
HIS C    C N N 139 
HIS O    O N N 140 
HIS CB   C N N 141 
HIS CG   C Y N 142 
HIS ND1  N Y N 143 
HIS CD2  C Y N 144 
HIS CE1  C Y N 145 
HIS NE2  N Y N 146 
HIS OXT  O N N 147 
HIS H    H N N 148 
HIS H2   H N N 149 
HIS HA   H N N 150 
HIS HB2  H N N 151 
HIS HB3  H N N 152 
HIS HD1  H N N 153 
HIS HD2  H N N 154 
HIS HE1  H N N 155 
HIS HE2  H N N 156 
HIS HXT  H N N 157 
HOH O    O N N 158 
HOH H1   H N N 159 
HOH H2   H N N 160 
ILE N    N N N 161 
ILE CA   C N S 162 
ILE C    C N N 163 
ILE O    O N N 164 
ILE CB   C N S 165 
ILE CG1  C N N 166 
ILE CG2  C N N 167 
ILE CD1  C N N 168 
ILE OXT  O N N 169 
ILE H    H N N 170 
ILE H2   H N N 171 
ILE HA   H N N 172 
ILE HB   H N N 173 
ILE HG12 H N N 174 
ILE HG13 H N N 175 
ILE HG21 H N N 176 
ILE HG22 H N N 177 
ILE HG23 H N N 178 
ILE HD11 H N N 179 
ILE HD12 H N N 180 
ILE HD13 H N N 181 
ILE HXT  H N N 182 
LEU N    N N N 183 
LEU CA   C N S 184 
LEU C    C N N 185 
LEU O    O N N 186 
LEU CB   C N N 187 
LEU CG   C N N 188 
LEU CD1  C N N 189 
LEU CD2  C N N 190 
LEU OXT  O N N 191 
LEU H    H N N 192 
LEU H2   H N N 193 
LEU HA   H N N 194 
LEU HB2  H N N 195 
LEU HB3  H N N 196 
LEU HG   H N N 197 
LEU HD11 H N N 198 
LEU HD12 H N N 199 
LEU HD13 H N N 200 
LEU HD21 H N N 201 
LEU HD22 H N N 202 
LEU HD23 H N N 203 
LEU HXT  H N N 204 
LYS N    N N N 205 
LYS CA   C N S 206 
LYS C    C N N 207 
LYS O    O N N 208 
LYS CB   C N N 209 
LYS CG   C N N 210 
LYS CD   C N N 211 
LYS CE   C N N 212 
LYS NZ   N N N 213 
LYS OXT  O N N 214 
LYS H    H N N 215 
LYS H2   H N N 216 
LYS HA   H N N 217 
LYS HB2  H N N 218 
LYS HB3  H N N 219 
LYS HG2  H N N 220 
LYS HG3  H N N 221 
LYS HD2  H N N 222 
LYS HD3  H N N 223 
LYS HE2  H N N 224 
LYS HE3  H N N 225 
LYS HZ1  H N N 226 
LYS HZ2  H N N 227 
LYS HZ3  H N N 228 
LYS HXT  H N N 229 
MET N    N N N 230 
MET CA   C N S 231 
MET C    C N N 232 
MET O    O N N 233 
MET CB   C N N 234 
MET CG   C N N 235 
MET SD   S N N 236 
MET CE   C N N 237 
MET OXT  O N N 238 
MET H    H N N 239 
MET H2   H N N 240 
MET HA   H N N 241 
MET HB2  H N N 242 
MET HB3  H N N 243 
MET HG2  H N N 244 
MET HG3  H N N 245 
MET HE1  H N N 246 
MET HE2  H N N 247 
MET HE3  H N N 248 
MET HXT  H N N 249 
PHE N    N N N 250 
PHE CA   C N S 251 
PHE C    C N N 252 
PHE O    O N N 253 
PHE CB   C N N 254 
PHE CG   C Y N 255 
PHE CD1  C Y N 256 
PHE CD2  C Y N 257 
PHE CE1  C Y N 258 
PHE CE2  C Y N 259 
PHE CZ   C Y N 260 
PHE OXT  O N N 261 
PHE H    H N N 262 
PHE H2   H N N 263 
PHE HA   H N N 264 
PHE HB2  H N N 265 
PHE HB3  H N N 266 
PHE HD1  H N N 267 
PHE HD2  H N N 268 
PHE HE1  H N N 269 
PHE HE2  H N N 270 
PHE HZ   H N N 271 
PHE HXT  H N N 272 
PRO N    N N N 273 
PRO CA   C N S 274 
PRO C    C N N 275 
PRO O    O N N 276 
PRO CB   C N N 277 
PRO CG   C N N 278 
PRO CD   C N N 279 
PRO OXT  O N N 280 
PRO H    H N N 281 
PRO HA   H N N 282 
PRO HB2  H N N 283 
PRO HB3  H N N 284 
PRO HG2  H N N 285 
PRO HG3  H N N 286 
PRO HD2  H N N 287 
PRO HD3  H N N 288 
PRO HXT  H N N 289 
SER N    N N N 290 
SER CA   C N S 291 
SER C    C N N 292 
SER O    O N N 293 
SER CB   C N N 294 
SER OG   O N N 295 
SER OXT  O N N 296 
SER H    H N N 297 
SER H2   H N N 298 
SER HA   H N N 299 
SER HB2  H N N 300 
SER HB3  H N N 301 
SER HG   H N N 302 
SER HXT  H N N 303 
THR N    N N N 304 
THR CA   C N S 305 
THR C    C N N 306 
THR O    O N N 307 
THR CB   C N R 308 
THR OG1  O N N 309 
THR CG2  C N N 310 
THR OXT  O N N 311 
THR H    H N N 312 
THR H2   H N N 313 
THR HA   H N N 314 
THR HB   H N N 315 
THR HG1  H N N 316 
THR HG21 H N N 317 
THR HG22 H N N 318 
THR HG23 H N N 319 
THR HXT  H N N 320 
TRP N    N N N 321 
TRP CA   C N S 322 
TRP C    C N N 323 
TRP O    O N N 324 
TRP CB   C N N 325 
TRP CG   C Y N 326 
TRP CD1  C Y N 327 
TRP CD2  C Y N 328 
TRP NE1  N Y N 329 
TRP CE2  C Y N 330 
TRP CE3  C Y N 331 
TRP CZ2  C Y N 332 
TRP CZ3  C Y N 333 
TRP CH2  C Y N 334 
TRP OXT  O N N 335 
TRP H    H N N 336 
TRP H2   H N N 337 
TRP HA   H N N 338 
TRP HB2  H N N 339 
TRP HB3  H N N 340 
TRP HD1  H N N 341 
TRP HE1  H N N 342 
TRP HE3  H N N 343 
TRP HZ2  H N N 344 
TRP HZ3  H N N 345 
TRP HH2  H N N 346 
TRP HXT  H N N 347 
TYR N    N N N 348 
TYR CA   C N S 349 
TYR C    C N N 350 
TYR O    O N N 351 
TYR CB   C N N 352 
TYR CG   C Y N 353 
TYR CD1  C Y N 354 
TYR CD2  C Y N 355 
TYR CE1  C Y N 356 
TYR CE2  C Y N 357 
TYR CZ   C Y N 358 
TYR OH   O N N 359 
TYR OXT  O N N 360 
TYR H    H N N 361 
TYR H2   H N N 362 
TYR HA   H N N 363 
TYR HB2  H N N 364 
TYR HB3  H N N 365 
TYR HD1  H N N 366 
TYR HD2  H N N 367 
TYR HE1  H N N 368 
TYR HE2  H N N 369 
TYR HH   H N N 370 
TYR HXT  H N N 371 
VAL N    N N N 372 
VAL CA   C N S 373 
VAL C    C N N 374 
VAL O    O N N 375 
VAL CB   C N N 376 
VAL CG1  C N N 377 
VAL CG2  C N N 378 
VAL OXT  O N N 379 
VAL H    H N N 380 
VAL H2   H N N 381 
VAL HA   H N N 382 
VAL HB   H N N 383 
VAL HG11 H N N 384 
VAL HG12 H N N 385 
VAL HG13 H N N 386 
VAL HG21 H N N 387 
VAL HG22 H N N 388 
VAL HG23 H N N 389 
VAL HXT  H N N 390 
# 
loop_
_chem_comp_bond.comp_id 
_chem_comp_bond.atom_id_1 
_chem_comp_bond.atom_id_2 
_chem_comp_bond.value_order 
_chem_comp_bond.pdbx_aromatic_flag 
_chem_comp_bond.pdbx_stereo_config 
_chem_comp_bond.pdbx_ordinal 
ALA N   CA   sing N N 1   
ALA N   H    sing N N 2   
ALA N   H2   sing N N 3   
ALA CA  C    sing N N 4   
ALA CA  CB   sing N N 5   
ALA CA  HA   sing N N 6   
ALA C   O    doub N N 7   
ALA C   OXT  sing N N 8   
ALA CB  HB1  sing N N 9   
ALA CB  HB2  sing N N 10  
ALA CB  HB3  sing N N 11  
ALA OXT HXT  sing N N 12  
ARG N   CA   sing N N 13  
ARG N   H    sing N N 14  
ARG N   H2   sing N N 15  
ARG CA  C    sing N N 16  
ARG CA  CB   sing N N 17  
ARG CA  HA   sing N N 18  
ARG C   O    doub N N 19  
ARG C   OXT  sing N N 20  
ARG CB  CG   sing N N 21  
ARG CB  HB2  sing N N 22  
ARG CB  HB3  sing N N 23  
ARG CG  CD   sing N N 24  
ARG CG  HG2  sing N N 25  
ARG CG  HG3  sing N N 26  
ARG CD  NE   sing N N 27  
ARG CD  HD2  sing N N 28  
ARG CD  HD3  sing N N 29  
ARG NE  CZ   sing N N 30  
ARG NE  HE   sing N N 31  
ARG CZ  NH1  sing N N 32  
ARG CZ  NH2  doub N N 33  
ARG NH1 HH11 sing N N 34  
ARG NH1 HH12 sing N N 35  
ARG NH2 HH21 sing N N 36  
ARG NH2 HH22 sing N N 37  
ARG OXT HXT  sing N N 38  
ASN N   CA   sing N N 39  
ASN N   H    sing N N 40  
ASN N   H2   sing N N 41  
ASN CA  C    sing N N 42  
ASN CA  CB   sing N N 43  
ASN CA  HA   sing N N 44  
ASN C   O    doub N N 45  
ASN C   OXT  sing N N 46  
ASN CB  CG   sing N N 47  
ASN CB  HB2  sing N N 48  
ASN CB  HB3  sing N N 49  
ASN CG  OD1  doub N N 50  
ASN CG  ND2  sing N N 51  
ASN ND2 HD21 sing N N 52  
ASN ND2 HD22 sing N N 53  
ASN OXT HXT  sing N N 54  
ASP N   CA   sing N N 55  
ASP N   H    sing N N 56  
ASP N   H2   sing N N 57  
ASP CA  C    sing N N 58  
ASP CA  CB   sing N N 59  
ASP CA  HA   sing N N 60  
ASP C   O    doub N N 61  
ASP C   OXT  sing N N 62  
ASP CB  CG   sing N N 63  
ASP CB  HB2  sing N N 64  
ASP CB  HB3  sing N N 65  
ASP CG  OD1  doub N N 66  
ASP CG  OD2  sing N N 67  
ASP OD2 HD2  sing N N 68  
ASP OXT HXT  sing N N 69  
CYS N   CA   sing N N 70  
CYS N   H    sing N N 71  
CYS N   H2   sing N N 72  
CYS CA  C    sing N N 73  
CYS CA  CB   sing N N 74  
CYS CA  HA   sing N N 75  
CYS C   O    doub N N 76  
CYS C   OXT  sing N N 77  
CYS CB  SG   sing N N 78  
CYS CB  HB2  sing N N 79  
CYS CB  HB3  sing N N 80  
CYS SG  HG   sing N N 81  
CYS OXT HXT  sing N N 82  
GLN N   CA   sing N N 83  
GLN N   H    sing N N 84  
GLN N   H2   sing N N 85  
GLN CA  C    sing N N 86  
GLN CA  CB   sing N N 87  
GLN CA  HA   sing N N 88  
GLN C   O    doub N N 89  
GLN C   OXT  sing N N 90  
GLN CB  CG   sing N N 91  
GLN CB  HB2  sing N N 92  
GLN CB  HB3  sing N N 93  
GLN CG  CD   sing N N 94  
GLN CG  HG2  sing N N 95  
GLN CG  HG3  sing N N 96  
GLN CD  OE1  doub N N 97  
GLN CD  NE2  sing N N 98  
GLN NE2 HE21 sing N N 99  
GLN NE2 HE22 sing N N 100 
GLN OXT HXT  sing N N 101 
GLU N   CA   sing N N 102 
GLU N   H    sing N N 103 
GLU N   H2   sing N N 104 
GLU CA  C    sing N N 105 
GLU CA  CB   sing N N 106 
GLU CA  HA   sing N N 107 
GLU C   O    doub N N 108 
GLU C   OXT  sing N N 109 
GLU CB  CG   sing N N 110 
GLU CB  HB2  sing N N 111 
GLU CB  HB3  sing N N 112 
GLU CG  CD   sing N N 113 
GLU CG  HG2  sing N N 114 
GLU CG  HG3  sing N N 115 
GLU CD  OE1  doub N N 116 
GLU CD  OE2  sing N N 117 
GLU OE2 HE2  sing N N 118 
GLU OXT HXT  sing N N 119 
GLY N   CA   sing N N 120 
GLY N   H    sing N N 121 
GLY N   H2   sing N N 122 
GLY CA  C    sing N N 123 
GLY CA  HA2  sing N N 124 
GLY CA  HA3  sing N N 125 
GLY C   O    doub N N 126 
GLY C   OXT  sing N N 127 
GLY OXT HXT  sing N N 128 
HIS N   CA   sing N N 129 
HIS N   H    sing N N 130 
HIS N   H2   sing N N 131 
HIS CA  C    sing N N 132 
HIS CA  CB   sing N N 133 
HIS CA  HA   sing N N 134 
HIS C   O    doub N N 135 
HIS C   OXT  sing N N 136 
HIS CB  CG   sing N N 137 
HIS CB  HB2  sing N N 138 
HIS CB  HB3  sing N N 139 
HIS CG  ND1  sing Y N 140 
HIS CG  CD2  doub Y N 141 
HIS ND1 CE1  doub Y N 142 
HIS ND1 HD1  sing N N 143 
HIS CD2 NE2  sing Y N 144 
HIS CD2 HD2  sing N N 145 
HIS CE1 NE2  sing Y N 146 
HIS CE1 HE1  sing N N 147 
HIS NE2 HE2  sing N N 148 
HIS OXT HXT  sing N N 149 
HOH O   H1   sing N N 150 
HOH O   H2   sing N N 151 
ILE N   CA   sing N N 152 
ILE N   H    sing N N 153 
ILE N   H2   sing N N 154 
ILE CA  C    sing N N 155 
ILE CA  CB   sing N N 156 
ILE CA  HA   sing N N 157 
ILE C   O    doub N N 158 
ILE C   OXT  sing N N 159 
ILE CB  CG1  sing N N 160 
ILE CB  CG2  sing N N 161 
ILE CB  HB   sing N N 162 
ILE CG1 CD1  sing N N 163 
ILE CG1 HG12 sing N N 164 
ILE CG1 HG13 sing N N 165 
ILE CG2 HG21 sing N N 166 
ILE CG2 HG22 sing N N 167 
ILE CG2 HG23 sing N N 168 
ILE CD1 HD11 sing N N 169 
ILE CD1 HD12 sing N N 170 
ILE CD1 HD13 sing N N 171 
ILE OXT HXT  sing N N 172 
LEU N   CA   sing N N 173 
LEU N   H    sing N N 174 
LEU N   H2   sing N N 175 
LEU CA  C    sing N N 176 
LEU CA  CB   sing N N 177 
LEU CA  HA   sing N N 178 
LEU C   O    doub N N 179 
LEU C   OXT  sing N N 180 
LEU CB  CG   sing N N 181 
LEU CB  HB2  sing N N 182 
LEU CB  HB3  sing N N 183 
LEU CG  CD1  sing N N 184 
LEU CG  CD2  sing N N 185 
LEU CG  HG   sing N N 186 
LEU CD1 HD11 sing N N 187 
LEU CD1 HD12 sing N N 188 
LEU CD1 HD13 sing N N 189 
LEU CD2 HD21 sing N N 190 
LEU CD2 HD22 sing N N 191 
LEU CD2 HD23 sing N N 192 
LEU OXT HXT  sing N N 193 
LYS N   CA   sing N N 194 
LYS N   H    sing N N 195 
LYS N   H2   sing N N 196 
LYS CA  C    sing N N 197 
LYS CA  CB   sing N N 198 
LYS CA  HA   sing N N 199 
LYS C   O    doub N N 200 
LYS C   OXT  sing N N 201 
LYS CB  CG   sing N N 202 
LYS CB  HB2  sing N N 203 
LYS CB  HB3  sing N N 204 
LYS CG  CD   sing N N 205 
LYS CG  HG2  sing N N 206 
LYS CG  HG3  sing N N 207 
LYS CD  CE   sing N N 208 
LYS CD  HD2  sing N N 209 
LYS CD  HD3  sing N N 210 
LYS CE  NZ   sing N N 211 
LYS CE  HE2  sing N N 212 
LYS CE  HE3  sing N N 213 
LYS NZ  HZ1  sing N N 214 
LYS NZ  HZ2  sing N N 215 
LYS NZ  HZ3  sing N N 216 
LYS OXT HXT  sing N N 217 
MET N   CA   sing N N 218 
MET N   H    sing N N 219 
MET N   H2   sing N N 220 
MET CA  C    sing N N 221 
MET CA  CB   sing N N 222 
MET CA  HA   sing N N 223 
MET C   O    doub N N 224 
MET C   OXT  sing N N 225 
MET CB  CG   sing N N 226 
MET CB  HB2  sing N N 227 
MET CB  HB3  sing N N 228 
MET CG  SD   sing N N 229 
MET CG  HG2  sing N N 230 
MET CG  HG3  sing N N 231 
MET SD  CE   sing N N 232 
MET CE  HE1  sing N N 233 
MET CE  HE2  sing N N 234 
MET CE  HE3  sing N N 235 
MET OXT HXT  sing N N 236 
PHE N   CA   sing N N 237 
PHE N   H    sing N N 238 
PHE N   H2   sing N N 239 
PHE CA  C    sing N N 240 
PHE CA  CB   sing N N 241 
PHE CA  HA   sing N N 242 
PHE C   O    doub N N 243 
PHE C   OXT  sing N N 244 
PHE CB  CG   sing N N 245 
PHE CB  HB2  sing N N 246 
PHE CB  HB3  sing N N 247 
PHE CG  CD1  doub Y N 248 
PHE CG  CD2  sing Y N 249 
PHE CD1 CE1  sing Y N 250 
PHE CD1 HD1  sing N N 251 
PHE CD2 CE2  doub Y N 252 
PHE CD2 HD2  sing N N 253 
PHE CE1 CZ   doub Y N 254 
PHE CE1 HE1  sing N N 255 
PHE CE2 CZ   sing Y N 256 
PHE CE2 HE2  sing N N 257 
PHE CZ  HZ   sing N N 258 
PHE OXT HXT  sing N N 259 
PRO N   CA   sing N N 260 
PRO N   CD   sing N N 261 
PRO N   H    sing N N 262 
PRO CA  C    sing N N 263 
PRO CA  CB   sing N N 264 
PRO CA  HA   sing N N 265 
PRO C   O    doub N N 266 
PRO C   OXT  sing N N 267 
PRO CB  CG   sing N N 268 
PRO CB  HB2  sing N N 269 
PRO CB  HB3  sing N N 270 
PRO CG  CD   sing N N 271 
PRO CG  HG2  sing N N 272 
PRO CG  HG3  sing N N 273 
PRO CD  HD2  sing N N 274 
PRO CD  HD3  sing N N 275 
PRO OXT HXT  sing N N 276 
SER N   CA   sing N N 277 
SER N   H    sing N N 278 
SER N   H2   sing N N 279 
SER CA  C    sing N N 280 
SER CA  CB   sing N N 281 
SER CA  HA   sing N N 282 
SER C   O    doub N N 283 
SER C   OXT  sing N N 284 
SER CB  OG   sing N N 285 
SER CB  HB2  sing N N 286 
SER CB  HB3  sing N N 287 
SER OG  HG   sing N N 288 
SER OXT HXT  sing N N 289 
THR N   CA   sing N N 290 
THR N   H    sing N N 291 
THR N   H2   sing N N 292 
THR CA  C    sing N N 293 
THR CA  CB   sing N N 294 
THR CA  HA   sing N N 295 
THR C   O    doub N N 296 
THR C   OXT  sing N N 297 
THR CB  OG1  sing N N 298 
THR CB  CG2  sing N N 299 
THR CB  HB   sing N N 300 
THR OG1 HG1  sing N N 301 
THR CG2 HG21 sing N N 302 
THR CG2 HG22 sing N N 303 
THR CG2 HG23 sing N N 304 
THR OXT HXT  sing N N 305 
TRP N   CA   sing N N 306 
TRP N   H    sing N N 307 
TRP N   H2   sing N N 308 
TRP CA  C    sing N N 309 
TRP CA  CB   sing N N 310 
TRP CA  HA   sing N N 311 
TRP C   O    doub N N 312 
TRP C   OXT  sing N N 313 
TRP CB  CG   sing N N 314 
TRP CB  HB2  sing N N 315 
TRP CB  HB3  sing N N 316 
TRP CG  CD1  doub Y N 317 
TRP CG  CD2  sing Y N 318 
TRP CD1 NE1  sing Y N 319 
TRP CD1 HD1  sing N N 320 
TRP CD2 CE2  doub Y N 321 
TRP CD2 CE3  sing Y N 322 
TRP NE1 CE2  sing Y N 323 
TRP NE1 HE1  sing N N 324 
TRP CE2 CZ2  sing Y N 325 
TRP CE3 CZ3  doub Y N 326 
TRP CE3 HE3  sing N N 327 
TRP CZ2 CH2  doub Y N 328 
TRP CZ2 HZ2  sing N N 329 
TRP CZ3 CH2  sing Y N 330 
TRP CZ3 HZ3  sing N N 331 
TRP CH2 HH2  sing N N 332 
TRP OXT HXT  sing N N 333 
TYR N   CA   sing N N 334 
TYR N   H    sing N N 335 
TYR N   H2   sing N N 336 
TYR CA  C    sing N N 337 
TYR CA  CB   sing N N 338 
TYR CA  HA   sing N N 339 
TYR C   O    doub N N 340 
TYR C   OXT  sing N N 341 
TYR CB  CG   sing N N 342 
TYR CB  HB2  sing N N 343 
TYR CB  HB3  sing N N 344 
TYR CG  CD1  doub Y N 345 
TYR CG  CD2  sing Y N 346 
TYR CD1 CE1  sing Y N 347 
TYR CD1 HD1  sing N N 348 
TYR CD2 CE2  doub Y N 349 
TYR CD2 HD2  sing N N 350 
TYR CE1 CZ   doub Y N 351 
TYR CE1 HE1  sing N N 352 
TYR CE2 CZ   sing Y N 353 
TYR CE2 HE2  sing N N 354 
TYR CZ  OH   sing N N 355 
TYR OH  HH   sing N N 356 
TYR OXT HXT  sing N N 357 
VAL N   CA   sing N N 358 
VAL N   H    sing N N 359 
VAL N   H2   sing N N 360 
VAL CA  C    sing N N 361 
VAL CA  CB   sing N N 362 
VAL CA  HA   sing N N 363 
VAL C   O    doub N N 364 
VAL C   OXT  sing N N 365 
VAL CB  CG1  sing N N 366 
VAL CB  CG2  sing N N 367 
VAL CB  HB   sing N N 368 
VAL CG1 HG11 sing N N 369 
VAL CG1 HG12 sing N N 370 
VAL CG1 HG13 sing N N 371 
VAL CG2 HG21 sing N N 372 
VAL CG2 HG22 sing N N 373 
VAL CG2 HG23 sing N N 374 
VAL OXT HXT  sing N N 375 
# 
loop_
_pdbx_audit_support.funding_organization 
_pdbx_audit_support.country 
_pdbx_audit_support.grant_number 
_pdbx_audit_support.ordinal 
'Ministry of Science and Technology (MoST, Taiwan)' Taiwan 108-2628-B-002-013 1 
'Ministry of Science and Technology (MoST, Taiwan)' Taiwan 108-2628-M-002-011 2 
# 
_pdbx_entity_nonpoly.entity_id   2 
_pdbx_entity_nonpoly.name        water 
_pdbx_entity_nonpoly.comp_id     HOH 
# 
_pdbx_initial_refinement_model.id               1 
_pdbx_initial_refinement_model.entity_id_list   ? 
_pdbx_initial_refinement_model.type             'experimental model' 
_pdbx_initial_refinement_model.source_name      PDB 
_pdbx_initial_refinement_model.accession_code   5YBA 
_pdbx_initial_refinement_model.details          ? 
# 
_pdbx_struct_assembly_auth_evidence.id                     1 
_pdbx_struct_assembly_auth_evidence.assembly_id            1 
_pdbx_struct_assembly_auth_evidence.experimental_support   'gel filtration' 
_pdbx_struct_assembly_auth_evidence.details                'MONOMERIC PROTEIN' 
# 
_space_group.name_H-M_alt     'P 21 21 21' 
_space_group.name_Hall        'P 2ac 2ab' 
_space_group.IT_number        19 
_space_group.crystal_system   orthorhombic 
_space_group.id               1 
# 
